data_1A1Z
# 
_entry.id   1A1Z 
# 
_audit_conform.dict_name       mmcif_pdbx.dic 
_audit_conform.dict_version    5.392 
_audit_conform.dict_location   http://mmcif.pdb.org/dictionaries/ascii/mmcif_pdbx.dic 
# 
loop_
_database_2.database_id 
_database_2.database_code 
_database_2.pdbx_database_accession 
_database_2.pdbx_DOI 
PDB   1A1Z         pdb_00001a1z 10.2210/pdb1a1z/pdb 
WWPDB D_1000170293 ?            ?                   
# 
loop_
_pdbx_audit_revision_history.ordinal 
_pdbx_audit_revision_history.data_content_type 
_pdbx_audit_revision_history.major_revision 
_pdbx_audit_revision_history.minor_revision 
_pdbx_audit_revision_history.revision_date 
1 'Structure model' 1 0 1998-12-30 
2 'Structure model' 1 1 2008-03-24 
3 'Structure model' 1 2 2011-07-13 
4 'Structure model' 1 3 2021-11-03 
5 'Structure model' 1 4 2024-05-22 
# 
_pdbx_audit_revision_details.ordinal             1 
_pdbx_audit_revision_details.revision_ordinal    1 
_pdbx_audit_revision_details.data_content_type   'Structure model' 
_pdbx_audit_revision_details.provider            repository 
_pdbx_audit_revision_details.type                'Initial release' 
_pdbx_audit_revision_details.description         ? 
_pdbx_audit_revision_details.details             ? 
# 
loop_
_pdbx_audit_revision_group.ordinal 
_pdbx_audit_revision_group.revision_ordinal 
_pdbx_audit_revision_group.data_content_type 
_pdbx_audit_revision_group.group 
1 2 'Structure model' 'Version format compliance' 
2 3 'Structure model' 'Version format compliance' 
3 4 'Structure model' 'Database references'       
4 4 'Structure model' 'Derived calculations'      
5 4 'Structure model' Other                       
6 5 'Structure model' 'Data collection'           
# 
loop_
_pdbx_audit_revision_category.ordinal 
_pdbx_audit_revision_category.revision_ordinal 
_pdbx_audit_revision_category.data_content_type 
_pdbx_audit_revision_category.category 
1 4 'Structure model' database_2            
2 4 'Structure model' pdbx_database_status  
3 4 'Structure model' pdbx_struct_assembly  
4 4 'Structure model' pdbx_struct_oper_list 
5 4 'Structure model' struct_ref_seq_dif    
6 5 'Structure model' chem_comp_atom        
7 5 'Structure model' chem_comp_bond        
# 
loop_
_pdbx_audit_revision_item.ordinal 
_pdbx_audit_revision_item.revision_ordinal 
_pdbx_audit_revision_item.data_content_type 
_pdbx_audit_revision_item.item 
1 4 'Structure model' '_database_2.pdbx_DOI'                
2 4 'Structure model' '_database_2.pdbx_database_accession' 
3 4 'Structure model' '_pdbx_database_status.process_site'  
4 4 'Structure model' '_struct_ref_seq_dif.details'         
# 
_pdbx_database_status.status_code                     REL 
_pdbx_database_status.entry_id                        1A1Z 
_pdbx_database_status.recvd_initial_deposition_date   1997-12-18 
_pdbx_database_status.deposit_site                    ? 
_pdbx_database_status.process_site                    BNL 
_pdbx_database_status.SG_entry                        . 
_pdbx_database_status.pdb_format_compatible           Y 
_pdbx_database_status.status_code_mr                  ? 
_pdbx_database_status.status_code_sf                  ? 
_pdbx_database_status.status_code_cs                  ? 
_pdbx_database_status.status_code_nmr_data            ? 
_pdbx_database_status.methods_development_category    ? 
# 
loop_
_audit_author.name 
_audit_author.pdbx_ordinal 
'Eberstadt, M.' 1 
'Huang, B.'     2 
'Chen, Z.'      3 
'Meadows, R.P.' 4 
'Ng, C.'        5 
'Fesik, S.W.'   6 
# 
_citation.id                        primary 
_citation.title                     'NMR structure and mutagenesis of the FADD (Mort1) death-effector domain.' 
_citation.journal_abbrev            Nature 
_citation.journal_volume            392 
_citation.page_first                941 
_citation.page_last                 945 
_citation.year                      1998 
_citation.journal_id_ASTM           NATUAS 
_citation.country                   UK 
_citation.journal_id_ISSN           0028-0836 
_citation.journal_id_CSD            0006 
_citation.book_publisher            ? 
_citation.pdbx_database_id_PubMed   9582077 
_citation.pdbx_database_id_DOI      10.1038/31972 
# 
loop_
_citation_author.citation_id 
_citation_author.name 
_citation_author.ordinal 
_citation_author.identifier_ORCID 
primary 'Eberstadt, M.' 1 ? 
primary 'Huang, B.'     2 ? 
primary 'Chen, Z.'      3 ? 
primary 'Meadows, R.P.' 4 ? 
primary 'Ng, S.C.'      5 ? 
primary 'Zheng, L.'     6 ? 
primary 'Lenardo, M.J.' 7 ? 
primary 'Fesik, S.W.'   8 ? 
# 
_entity.id                         1 
_entity.type                       polymer 
_entity.src_method                 man 
_entity.pdbx_description           'FADD PROTEIN' 
_entity.formula_weight             10545.067 
_entity.pdbx_number_of_molecules   1 
_entity.pdbx_ec                    ? 
_entity.pdbx_mutation              F25G 
_entity.pdbx_fragment              'DEATH EFFECTOR DOMAIN' 
_entity.details                    ? 
# 
_entity_name_com.entity_id   1 
_entity_name_com.name        'FAS-ASSOCIATING DEATH DOMAIN-CONTAINING PROTEIN' 
# 
_entity_poly.entity_id                      1 
_entity_poly.type                           'polypeptide(L)' 
_entity_poly.nstd_linkage                   no 
_entity_poly.nstd_monomer                   no 
_entity_poly.pdbx_seq_one_letter_code       
;MDPFLVLLHSVSSSLSSSELTELKGLCLGRVGKRKLERVQSGLDLFSMLLEQNDLEPGHTELLRELLASLRRHDLLRRVD
DFELEHHHHHH
;
_entity_poly.pdbx_seq_one_letter_code_can   
;MDPFLVLLHSVSSSLSSSELTELKGLCLGRVGKRKLERVQSGLDLFSMLLEQNDLEPGHTELLRELLASLRRHDLLRRVD
DFELEHHHHHH
;
_entity_poly.pdbx_strand_id                 A 
_entity_poly.pdbx_target_identifier         ? 
# 
loop_
_entity_poly_seq.entity_id 
_entity_poly_seq.num 
_entity_poly_seq.mon_id 
_entity_poly_seq.hetero 
1 1  MET n 
1 2  ASP n 
1 3  PRO n 
1 4  PHE n 
1 5  LEU n 
1 6  VAL n 
1 7  LEU n 
1 8  LEU n 
1 9  HIS n 
1 10 SER n 
1 11 VAL n 
1 12 SER n 
1 13 SER n 
1 14 SER n 
1 15 LEU n 
1 16 SER n 
1 17 SER n 
1 18 SER n 
1 19 GLU n 
1 20 LEU n 
1 21 THR n 
1 22 GLU n 
1 23 LEU n 
1 24 LYS n 
1 25 GLY n 
1 26 LEU n 
1 27 CYS n 
1 28 LEU n 
1 29 GLY n 
1 30 ARG n 
1 31 VAL n 
1 32 GLY n 
1 33 LYS n 
1 34 ARG n 
1 35 LYS n 
1 36 LEU n 
1 37 GLU n 
1 38 ARG n 
1 39 VAL n 
1 40 GLN n 
1 41 SER n 
1 42 GLY n 
1 43 LEU n 
1 44 ASP n 
1 45 LEU n 
1 46 PHE n 
1 47 SER n 
1 48 MET n 
1 49 LEU n 
1 50 LEU n 
1 51 GLU n 
1 52 GLN n 
1 53 ASN n 
1 54 ASP n 
1 55 LEU n 
1 56 GLU n 
1 57 PRO n 
1 58 GLY n 
1 59 HIS n 
1 60 THR n 
1 61 GLU n 
1 62 LEU n 
1 63 LEU n 
1 64 ARG n 
1 65 GLU n 
1 66 LEU n 
1 67 LEU n 
1 68 ALA n 
1 69 SER n 
1 70 LEU n 
1 71 ARG n 
1 72 ARG n 
1 73 HIS n 
1 74 ASP n 
1 75 LEU n 
1 76 LEU n 
1 77 ARG n 
1 78 ARG n 
1 79 VAL n 
1 80 ASP n 
1 81 ASP n 
1 82 PHE n 
1 83 GLU n 
1 84 LEU n 
1 85 GLU n 
1 86 HIS n 
1 87 HIS n 
1 88 HIS n 
1 89 HIS n 
1 90 HIS n 
1 91 HIS n 
# 
_entity_src_gen.entity_id                          1 
_entity_src_gen.pdbx_src_id                        1 
_entity_src_gen.pdbx_alt_source_flag               sample 
_entity_src_gen.pdbx_seq_type                      ? 
_entity_src_gen.pdbx_beg_seq_num                   ? 
_entity_src_gen.pdbx_end_seq_num                   ? 
_entity_src_gen.gene_src_common_name               human 
_entity_src_gen.gene_src_genus                     Homo 
_entity_src_gen.pdbx_gene_src_gene                 ? 
_entity_src_gen.gene_src_species                   ? 
_entity_src_gen.gene_src_strain                    ? 
_entity_src_gen.gene_src_tissue                    ? 
_entity_src_gen.gene_src_tissue_fraction           ? 
_entity_src_gen.gene_src_details                   ? 
_entity_src_gen.pdbx_gene_src_fragment             ? 
_entity_src_gen.pdbx_gene_src_scientific_name      'Homo sapiens' 
_entity_src_gen.pdbx_gene_src_ncbi_taxonomy_id     9606 
_entity_src_gen.pdbx_gene_src_variant              ? 
_entity_src_gen.pdbx_gene_src_cell_line            ? 
_entity_src_gen.pdbx_gene_src_atcc                 ? 
_entity_src_gen.pdbx_gene_src_organ                ? 
_entity_src_gen.pdbx_gene_src_organelle            ? 
_entity_src_gen.pdbx_gene_src_cell                 ? 
_entity_src_gen.pdbx_gene_src_cellular_location    ? 
_entity_src_gen.host_org_common_name               ? 
_entity_src_gen.pdbx_host_org_scientific_name      'Escherichia coli' 
_entity_src_gen.pdbx_host_org_ncbi_taxonomy_id     562 
_entity_src_gen.host_org_genus                     Escherichia 
_entity_src_gen.pdbx_host_org_gene                 ? 
_entity_src_gen.pdbx_host_org_organ                ? 
_entity_src_gen.host_org_species                   ? 
_entity_src_gen.pdbx_host_org_tissue               ? 
_entity_src_gen.pdbx_host_org_tissue_fraction      ? 
_entity_src_gen.pdbx_host_org_strain               'HMS174 (DE3)' 
_entity_src_gen.pdbx_host_org_variant              ? 
_entity_src_gen.pdbx_host_org_cell_line            ? 
_entity_src_gen.pdbx_host_org_atcc                 ? 
_entity_src_gen.pdbx_host_org_culture_collection   ? 
_entity_src_gen.pdbx_host_org_cell                 ? 
_entity_src_gen.pdbx_host_org_organelle            ? 
_entity_src_gen.pdbx_host_org_cellular_location    ? 
_entity_src_gen.pdbx_host_org_vector_type          PROKARYOTIC 
_entity_src_gen.pdbx_host_org_vector               ? 
_entity_src_gen.host_org_details                   ? 
_entity_src_gen.expression_system_id               ? 
_entity_src_gen.plasmid_name                       ? 
_entity_src_gen.plasmid_details                    ? 
_entity_src_gen.pdbx_description                   'SYNTHETIC GENE' 
# 
loop_
_chem_comp.id 
_chem_comp.type 
_chem_comp.mon_nstd_flag 
_chem_comp.name 
_chem_comp.pdbx_synonyms 
_chem_comp.formula 
_chem_comp.formula_weight 
ALA 'L-peptide linking' y ALANINE         ? 'C3 H7 N O2'     89.093  
ARG 'L-peptide linking' y ARGININE        ? 'C6 H15 N4 O2 1' 175.209 
ASN 'L-peptide linking' y ASPARAGINE      ? 'C4 H8 N2 O3'    132.118 
ASP 'L-peptide linking' y 'ASPARTIC ACID' ? 'C4 H7 N O4'     133.103 
CYS 'L-peptide linking' y CYSTEINE        ? 'C3 H7 N O2 S'   121.158 
GLN 'L-peptide linking' y GLUTAMINE       ? 'C5 H10 N2 O3'   146.144 
GLU 'L-peptide linking' y 'GLUTAMIC ACID' ? 'C5 H9 N O4'     147.129 
GLY 'peptide linking'   y GLYCINE         ? 'C2 H5 N O2'     75.067  
HIS 'L-peptide linking' y HISTIDINE       ? 'C6 H10 N3 O2 1' 156.162 
LEU 'L-peptide linking' y LEUCINE         ? 'C6 H13 N O2'    131.173 
LYS 'L-peptide linking' y LYSINE          ? 'C6 H15 N2 O2 1' 147.195 
MET 'L-peptide linking' y METHIONINE      ? 'C5 H11 N O2 S'  149.211 
PHE 'L-peptide linking' y PHENYLALANINE   ? 'C9 H11 N O2'    165.189 
PRO 'L-peptide linking' y PROLINE         ? 'C5 H9 N O2'     115.130 
SER 'L-peptide linking' y SERINE          ? 'C3 H7 N O3'     105.093 
THR 'L-peptide linking' y THREONINE       ? 'C4 H9 N O3'     119.119 
VAL 'L-peptide linking' y VALINE          ? 'C5 H11 N O2'    117.146 
# 
loop_
_pdbx_poly_seq_scheme.asym_id 
_pdbx_poly_seq_scheme.entity_id 
_pdbx_poly_seq_scheme.seq_id 
_pdbx_poly_seq_scheme.mon_id 
_pdbx_poly_seq_scheme.ndb_seq_num 
_pdbx_poly_seq_scheme.pdb_seq_num 
_pdbx_poly_seq_scheme.auth_seq_num 
_pdbx_poly_seq_scheme.pdb_mon_id 
_pdbx_poly_seq_scheme.auth_mon_id 
_pdbx_poly_seq_scheme.pdb_strand_id 
_pdbx_poly_seq_scheme.pdb_ins_code 
_pdbx_poly_seq_scheme.hetero 
A 1 1  MET 1  1  1  MET MET A . n 
A 1 2  ASP 2  2  2  ASP ASP A . n 
A 1 3  PRO 3  3  3  PRO PRO A . n 
A 1 4  PHE 4  4  4  PHE PHE A . n 
A 1 5  LEU 5  5  5  LEU LEU A . n 
A 1 6  VAL 6  6  6  VAL VAL A . n 
A 1 7  LEU 7  7  7  LEU LEU A . n 
A 1 8  LEU 8  8  8  LEU LEU A . n 
A 1 9  HIS 9  9  9  HIS HIS A . n 
A 1 10 SER 10 10 10 SER SER A . n 
A 1 11 VAL 11 11 11 VAL VAL A . n 
A 1 12 SER 12 12 12 SER SER A . n 
A 1 13 SER 13 13 13 SER SER A . n 
A 1 14 SER 14 14 14 SER SER A . n 
A 1 15 LEU 15 15 15 LEU LEU A . n 
A 1 16 SER 16 16 16 SER SER A . n 
A 1 17 SER 17 17 17 SER SER A . n 
A 1 18 SER 18 18 18 SER SER A . n 
A 1 19 GLU 19 19 19 GLU GLU A . n 
A 1 20 LEU 20 20 20 LEU LEU A . n 
A 1 21 THR 21 21 21 THR THR A . n 
A 1 22 GLU 22 22 22 GLU GLU A . n 
A 1 23 LEU 23 23 23 LEU LEU A . n 
A 1 24 LYS 24 24 24 LYS LYS A . n 
A 1 25 GLY 25 25 25 GLY GLY A . n 
A 1 26 LEU 26 26 26 LEU LEU A . n 
A 1 27 CYS 27 27 27 CYS CYS A . n 
A 1 28 LEU 28 28 28 LEU LEU A . n 
A 1 29 GLY 29 29 29 GLY GLY A . n 
A 1 30 ARG 30 30 30 ARG ARG A . n 
A 1 31 VAL 31 31 31 VAL VAL A . n 
A 1 32 GLY 32 32 32 GLY GLY A . n 
A 1 33 LYS 33 33 33 LYS LYS A . n 
A 1 34 ARG 34 34 34 ARG ARG A . n 
A 1 35 LYS 35 35 35 LYS LYS A . n 
A 1 36 LEU 36 36 36 LEU LEU A . n 
A 1 37 GLU 37 37 37 GLU GLU A . n 
A 1 38 ARG 38 38 38 ARG ARG A . n 
A 1 39 VAL 39 39 39 VAL VAL A . n 
A 1 40 GLN 40 40 40 GLN GLN A . n 
A 1 41 SER 41 41 41 SER SER A . n 
A 1 42 GLY 42 42 42 GLY GLY A . n 
A 1 43 LEU 43 43 43 LEU LEU A . n 
A 1 44 ASP 44 44 44 ASP ASP A . n 
A 1 45 LEU 45 45 45 LEU LEU A . n 
A 1 46 PHE 46 46 46 PHE PHE A . n 
A 1 47 SER 47 47 47 SER SER A . n 
A 1 48 MET 48 48 48 MET MET A . n 
A 1 49 LEU 49 49 49 LEU LEU A . n 
A 1 50 LEU 50 50 50 LEU LEU A . n 
A 1 51 GLU 51 51 51 GLU GLU A . n 
A 1 52 GLN 52 52 52 GLN GLN A . n 
A 1 53 ASN 53 53 53 ASN ASN A . n 
A 1 54 ASP 54 54 54 ASP ASP A . n 
A 1 55 LEU 55 55 55 LEU LEU A . n 
A 1 56 GLU 56 56 56 GLU GLU A . n 
A 1 57 PRO 57 57 57 PRO PRO A . n 
A 1 58 GLY 58 58 58 GLY GLY A . n 
A 1 59 HIS 59 59 59 HIS HIS A . n 
A 1 60 THR 60 60 60 THR THR A . n 
A 1 61 GLU 61 61 61 GLU GLU A . n 
A 1 62 LEU 62 62 62 LEU LEU A . n 
A 1 63 LEU 63 63 63 LEU LEU A . n 
A 1 64 ARG 64 64 64 ARG ARG A . n 
A 1 65 GLU 65 65 65 GLU GLU A . n 
A 1 66 LEU 66 66 66 LEU LEU A . n 
A 1 67 LEU 67 67 67 LEU LEU A . n 
A 1 68 ALA 68 68 68 ALA ALA A . n 
A 1 69 SER 69 69 69 SER SER A . n 
A 1 70 LEU 70 70 70 LEU LEU A . n 
A 1 71 ARG 71 71 71 ARG ARG A . n 
A 1 72 ARG 72 72 72 ARG ARG A . n 
A 1 73 HIS 73 73 73 HIS HIS A . n 
A 1 74 ASP 74 74 74 ASP ASP A . n 
A 1 75 LEU 75 75 75 LEU LEU A . n 
A 1 76 LEU 76 76 76 LEU LEU A . n 
A 1 77 ARG 77 77 77 ARG ARG A . n 
A 1 78 ARG 78 78 78 ARG ARG A . n 
A 1 79 VAL 79 79 79 VAL VAL A . n 
A 1 80 ASP 80 80 80 ASP ASP A . n 
A 1 81 ASP 81 81 81 ASP ASP A . n 
A 1 82 PHE 82 82 82 PHE PHE A . n 
A 1 83 GLU 83 83 83 GLU GLU A . n 
A 1 84 LEU 84 84 ?  ?   ?   A . n 
A 1 85 GLU 85 85 ?  ?   ?   A . n 
A 1 86 HIS 86 86 ?  ?   ?   A . n 
A 1 87 HIS 87 87 ?  ?   ?   A . n 
A 1 88 HIS 88 88 ?  ?   ?   A . n 
A 1 89 HIS 89 89 ?  ?   ?   A . n 
A 1 90 HIS 90 90 ?  ?   ?   A . n 
A 1 91 HIS 91 91 ?  ?   ?   A . n 
# 
loop_
_software.name 
_software.classification 
_software.version 
_software.citation_id 
_software.pdbx_ordinal 
X-PLOR 'model building' 3.1 ? 1 
X-PLOR refinement       3.1 ? 2 
X-PLOR phasing          3.1 ? 3 
# 
_cell.entry_id           1A1Z 
_cell.length_a           1.000 
_cell.length_b           1.000 
_cell.length_c           1.000 
_cell.angle_alpha        90.00 
_cell.angle_beta         90.00 
_cell.angle_gamma        90.00 
_cell.Z_PDB              1 
_cell.pdbx_unique_axis   ? 
# 
_symmetry.entry_id                         1A1Z 
_symmetry.space_group_name_H-M             'P 1' 
_symmetry.pdbx_full_space_group_name_H-M   ? 
_symmetry.cell_setting                     ? 
_symmetry.Int_Tables_number                1 
# 
_exptl.entry_id          1A1Z 
_exptl.method            'SOLUTION NMR' 
_exptl.crystals_number   ? 
# 
_struct.entry_id                  1A1Z 
_struct.title                     'FADD DEATH EFFECTOR DOMAIN, F25G MUTANT, NMR MINIMIZED AVERAGE STRUCTURE' 
_struct.pdbx_model_details        ? 
_struct.pdbx_CASP_flag            ? 
_struct.pdbx_model_type_details   ? 
# 
_struct_keywords.entry_id        1A1Z 
_struct_keywords.pdbx_keywords   APOPTOSIS 
_struct_keywords.text            'APOPTOSIS, DEATH EFFECTOR DOMAIN' 
# 
_struct_asym.id                            A 
_struct_asym.pdbx_blank_PDB_chainid_flag   Y 
_struct_asym.pdbx_modified                 N 
_struct_asym.entity_id                     1 
_struct_asym.details                       ? 
# 
_struct_ref.id                         1 
_struct_ref.db_name                    UNP 
_struct_ref.db_code                    FADD_HUMAN 
_struct_ref.entity_id                  1 
_struct_ref.pdbx_db_accession          Q13158 
_struct_ref.pdbx_align_begin           1 
_struct_ref.pdbx_seq_one_letter_code   
;MDPFLVLLHSVSSSLSSSELTELKFLCLGRVGKRKLERVQSGLDLFSMLLEQNDLEPGHTELLRELLASLRRHDLLRRVD
DFEAGAAAGAAPGEEDLCAAFNVICDNVGKDWRRLARQLKVSDTKIDSIEDRYPRNLTERVRESLRIWKNTEKENATVAH
LVGALRSCQMNLVADLVQEVQQARDLQNRSGAMSPMSWNSDASTSEAS
;
_struct_ref.pdbx_db_isoform            ? 
# 
_struct_ref_seq.align_id                      1 
_struct_ref_seq.ref_id                        1 
_struct_ref_seq.pdbx_PDB_id_code              1A1Z 
_struct_ref_seq.pdbx_strand_id                A 
_struct_ref_seq.seq_align_beg                 1 
_struct_ref_seq.pdbx_seq_align_beg_ins_code   ? 
_struct_ref_seq.seq_align_end                 83 
_struct_ref_seq.pdbx_seq_align_end_ins_code   ? 
_struct_ref_seq.pdbx_db_accession             Q13158 
_struct_ref_seq.db_align_beg                  1 
_struct_ref_seq.pdbx_db_align_beg_ins_code    ? 
_struct_ref_seq.db_align_end                  83 
_struct_ref_seq.pdbx_db_align_end_ins_code    ? 
_struct_ref_seq.pdbx_auth_seq_align_beg       1 
_struct_ref_seq.pdbx_auth_seq_align_end       83 
# 
_struct_ref_seq_dif.align_id                     1 
_struct_ref_seq_dif.pdbx_pdb_id_code             1A1Z 
_struct_ref_seq_dif.mon_id                       GLY 
_struct_ref_seq_dif.pdbx_pdb_strand_id           A 
_struct_ref_seq_dif.seq_num                      25 
_struct_ref_seq_dif.pdbx_pdb_ins_code            ? 
_struct_ref_seq_dif.pdbx_seq_db_name             UNP 
_struct_ref_seq_dif.pdbx_seq_db_accession_code   Q13158 
_struct_ref_seq_dif.db_mon_id                    PHE 
_struct_ref_seq_dif.pdbx_seq_db_seq_num          25 
_struct_ref_seq_dif.details                      'engineered mutation' 
_struct_ref_seq_dif.pdbx_auth_seq_num            25 
_struct_ref_seq_dif.pdbx_ordinal                 1 
# 
_pdbx_struct_assembly.id                   1 
_pdbx_struct_assembly.details              author_defined_assembly 
_pdbx_struct_assembly.method_details       ? 
_pdbx_struct_assembly.oligomeric_details   monomeric 
_pdbx_struct_assembly.oligomeric_count     1 
# 
_pdbx_struct_assembly_gen.assembly_id       1 
_pdbx_struct_assembly_gen.oper_expression   1 
_pdbx_struct_assembly_gen.asym_id_list      A 
# 
_pdbx_struct_oper_list.id                   1 
_pdbx_struct_oper_list.type                 'identity operation' 
_pdbx_struct_oper_list.name                 1_555 
_pdbx_struct_oper_list.symmetry_operation   ? 
_pdbx_struct_oper_list.matrix[1][1]         1.0000000000 
_pdbx_struct_oper_list.matrix[1][2]         0.0000000000 
_pdbx_struct_oper_list.matrix[1][3]         0.0000000000 
_pdbx_struct_oper_list.vector[1]            0.0000000000 
_pdbx_struct_oper_list.matrix[2][1]         0.0000000000 
_pdbx_struct_oper_list.matrix[2][2]         1.0000000000 
_pdbx_struct_oper_list.matrix[2][3]         0.0000000000 
_pdbx_struct_oper_list.vector[2]            0.0000000000 
_pdbx_struct_oper_list.matrix[3][1]         0.0000000000 
_pdbx_struct_oper_list.matrix[3][2]         0.0000000000 
_pdbx_struct_oper_list.matrix[3][3]         1.0000000000 
_pdbx_struct_oper_list.vector[3]            0.0000000000 
# 
_struct_biol.id   1 
# 
loop_
_struct_conf.conf_type_id 
_struct_conf.id 
_struct_conf.pdbx_PDB_helix_id 
_struct_conf.beg_label_comp_id 
_struct_conf.beg_label_asym_id 
_struct_conf.beg_label_seq_id 
_struct_conf.pdbx_beg_PDB_ins_code 
_struct_conf.end_label_comp_id 
_struct_conf.end_label_asym_id 
_struct_conf.end_label_seq_id 
_struct_conf.pdbx_end_PDB_ins_code 
_struct_conf.beg_auth_comp_id 
_struct_conf.beg_auth_asym_id 
_struct_conf.beg_auth_seq_id 
_struct_conf.end_auth_comp_id 
_struct_conf.end_auth_asym_id 
_struct_conf.end_auth_seq_id 
_struct_conf.pdbx_PDB_helix_class 
_struct_conf.details 
_struct_conf.pdbx_PDB_helix_length 
HELX_P HELX_P1 1 PRO A 3  ? LEU A 28 ? PRO A 3  LEU A 28 1 ? 26 
HELX_P HELX_P2 2 LYS A 33 ? ARG A 38 ? LYS A 33 ARG A 38 1 ? 6  
HELX_P HELX_P3 3 GLY A 42 ? GLN A 52 ? GLY A 42 GLN A 52 1 ? 11 
HELX_P HELX_P4 4 GLU A 61 ? LEU A 70 ? GLU A 61 LEU A 70 1 ? 10 
HELX_P HELX_P5 5 HIS A 73 ? ASP A 81 ? HIS A 73 ASP A 81 1 ? 9  
# 
_struct_conf_type.id          HELX_P 
_struct_conf_type.criteria    ? 
_struct_conf_type.reference   ? 
# 
loop_
_pdbx_validate_torsion.id 
_pdbx_validate_torsion.PDB_model_num 
_pdbx_validate_torsion.auth_comp_id 
_pdbx_validate_torsion.auth_asym_id 
_pdbx_validate_torsion.auth_seq_id 
_pdbx_validate_torsion.PDB_ins_code 
_pdbx_validate_torsion.label_alt_id 
_pdbx_validate_torsion.phi 
_pdbx_validate_torsion.psi 
1  1 SER A 16 ? ? 64.29   -174.52 
2  1 ARG A 30 ? ? -159.27 -66.72  
3  1 VAL A 31 ? ? -80.03  -72.60  
4  1 GLN A 40 ? ? -140.99 -47.32  
5  1 SER A 41 ? ? -117.27 -161.07 
6  1 GLN A 52 ? ? -167.81 88.85   
7  1 ASN A 53 ? ? -168.90 -71.06  
8  1 ASP A 54 ? ? -173.12 70.29   
9  1 LEU A 55 ? ? -165.88 116.48  
10 1 PRO A 57 ? ? -49.15  93.44   
11 1 HIS A 59 ? ? -179.34 50.91   
# 
loop_
_pdbx_validate_planes.id 
_pdbx_validate_planes.PDB_model_num 
_pdbx_validate_planes.auth_comp_id 
_pdbx_validate_planes.auth_asym_id 
_pdbx_validate_planes.auth_seq_id 
_pdbx_validate_planes.PDB_ins_code 
_pdbx_validate_planes.label_alt_id 
_pdbx_validate_planes.rmsd 
_pdbx_validate_planes.type 
1 1 ARG A 30 ? ? 0.316 'SIDE CHAIN' 
2 1 ARG A 34 ? ? 0.256 'SIDE CHAIN' 
3 1 ARG A 38 ? ? 0.317 'SIDE CHAIN' 
4 1 ARG A 64 ? ? 0.300 'SIDE CHAIN' 
5 1 ARG A 71 ? ? 0.314 'SIDE CHAIN' 
6 1 ARG A 72 ? ? 0.238 'SIDE CHAIN' 
7 1 ARG A 77 ? ? 0.172 'SIDE CHAIN' 
8 1 ARG A 78 ? ? 0.257 'SIDE CHAIN' 
# 
_pdbx_nmr_ensemble.entry_id                             1A1Z 
_pdbx_nmr_ensemble.conformers_calculated_total_number   20 
_pdbx_nmr_ensemble.conformers_submitted_total_number    1 
_pdbx_nmr_ensemble.conformer_selection_criteria         'TOTAL ENERGY' 
# 
_pdbx_nmr_sample_details.solution_id   1 
_pdbx_nmr_sample_details.contents      H2O 
# 
_pdbx_nmr_exptl_sample_conditions.conditions_id       1 
_pdbx_nmr_exptl_sample_conditions.temperature         288 
_pdbx_nmr_exptl_sample_conditions.pressure            1 
_pdbx_nmr_exptl_sample_conditions.pH                  4.0 
_pdbx_nmr_exptl_sample_conditions.ionic_strength      '100 mM' 
_pdbx_nmr_exptl_sample_conditions.pressure_units      atm 
_pdbx_nmr_exptl_sample_conditions.temperature_units   K 
# 
_pdbx_nmr_exptl.experiment_id   1 
_pdbx_nmr_exptl.conditions_id   1 
_pdbx_nmr_exptl.type            'SEE MANUSCRIPT' 
_pdbx_nmr_exptl.solution_id     1 
# 
_pdbx_nmr_refine.entry_id           1A1Z 
_pdbx_nmr_refine.method             'DISTANCE GEOMETRY/ SIMULATED ANNEALING' 
_pdbx_nmr_refine.details            ? 
_pdbx_nmr_refine.software_ordinal   1 
# 
loop_
_pdbx_nmr_software.classification 
_pdbx_nmr_software.name 
_pdbx_nmr_software.version 
_pdbx_nmr_software.authors 
_pdbx_nmr_software.ordinal 
refinement           X-PLOR             3.1 BRUNGER 1 
'structure solution' DREAMWALKER-WOOHOO ?   ?       2 
# 
loop_
_pdbx_unobs_or_zero_occ_residues.id 
_pdbx_unobs_or_zero_occ_residues.PDB_model_num 
_pdbx_unobs_or_zero_occ_residues.polymer_flag 
_pdbx_unobs_or_zero_occ_residues.occupancy_flag 
_pdbx_unobs_or_zero_occ_residues.auth_asym_id 
_pdbx_unobs_or_zero_occ_residues.auth_comp_id 
_pdbx_unobs_or_zero_occ_residues.auth_seq_id 
_pdbx_unobs_or_zero_occ_residues.PDB_ins_code 
_pdbx_unobs_or_zero_occ_residues.label_asym_id 
_pdbx_unobs_or_zero_occ_residues.label_comp_id 
_pdbx_unobs_or_zero_occ_residues.label_seq_id 
1 1 Y 1 A LEU 84 ? A LEU 84 
2 1 Y 1 A GLU 85 ? A GLU 85 
3 1 Y 1 A HIS 86 ? A HIS 86 
4 1 Y 1 A HIS 87 ? A HIS 87 
5 1 Y 1 A HIS 88 ? A HIS 88 
6 1 Y 1 A HIS 89 ? A HIS 89 
7 1 Y 1 A HIS 90 ? A HIS 90 
8 1 Y 1 A HIS 91 ? A HIS 91 
# 
loop_
_chem_comp_atom.comp_id 
_chem_comp_atom.atom_id 
_chem_comp_atom.type_symbol 
_chem_comp_atom.pdbx_aromatic_flag 
_chem_comp_atom.pdbx_stereo_config 
_chem_comp_atom.pdbx_ordinal 
ALA N    N N N 1   
ALA CA   C N S 2   
ALA C    C N N 3   
ALA O    O N N 4   
ALA CB   C N N 5   
ALA OXT  O N N 6   
ALA H    H N N 7   
ALA H2   H N N 8   
ALA HA   H N N 9   
ALA HB1  H N N 10  
ALA HB2  H N N 11  
ALA HB3  H N N 12  
ALA HXT  H N N 13  
ARG N    N N N 14  
ARG CA   C N S 15  
ARG C    C N N 16  
ARG O    O N N 17  
ARG CB   C N N 18  
ARG CG   C N N 19  
ARG CD   C N N 20  
ARG NE   N N N 21  
ARG CZ   C N N 22  
ARG NH1  N N N 23  
ARG NH2  N N N 24  
ARG OXT  O N N 25  
ARG H    H N N 26  
ARG H2   H N N 27  
ARG HA   H N N 28  
ARG HB2  H N N 29  
ARG HB3  H N N 30  
ARG HG2  H N N 31  
ARG HG3  H N N 32  
ARG HD2  H N N 33  
ARG HD3  H N N 34  
ARG HE   H N N 35  
ARG HH11 H N N 36  
ARG HH12 H N N 37  
ARG HH21 H N N 38  
ARG HH22 H N N 39  
ARG HXT  H N N 40  
ASN N    N N N 41  
ASN CA   C N S 42  
ASN C    C N N 43  
ASN O    O N N 44  
ASN CB   C N N 45  
ASN CG   C N N 46  
ASN OD1  O N N 47  
ASN ND2  N N N 48  
ASN OXT  O N N 49  
ASN H    H N N 50  
ASN H2   H N N 51  
ASN HA   H N N 52  
ASN HB2  H N N 53  
ASN HB3  H N N 54  
ASN HD21 H N N 55  
ASN HD22 H N N 56  
ASN HXT  H N N 57  
ASP N    N N N 58  
ASP CA   C N S 59  
ASP C    C N N 60  
ASP O    O N N 61  
ASP CB   C N N 62  
ASP CG   C N N 63  
ASP OD1  O N N 64  
ASP OD2  O N N 65  
ASP OXT  O N N 66  
ASP H    H N N 67  
ASP H2   H N N 68  
ASP HA   H N N 69  
ASP HB2  H N N 70  
ASP HB3  H N N 71  
ASP HD2  H N N 72  
ASP HXT  H N N 73  
CYS N    N N N 74  
CYS CA   C N R 75  
CYS C    C N N 76  
CYS O    O N N 77  
CYS CB   C N N 78  
CYS SG   S N N 79  
CYS OXT  O N N 80  
CYS H    H N N 81  
CYS H2   H N N 82  
CYS HA   H N N 83  
CYS HB2  H N N 84  
CYS HB3  H N N 85  
CYS HG   H N N 86  
CYS HXT  H N N 87  
GLN N    N N N 88  
GLN CA   C N S 89  
GLN C    C N N 90  
GLN O    O N N 91  
GLN CB   C N N 92  
GLN CG   C N N 93  
GLN CD   C N N 94  
GLN OE1  O N N 95  
GLN NE2  N N N 96  
GLN OXT  O N N 97  
GLN H    H N N 98  
GLN H2   H N N 99  
GLN HA   H N N 100 
GLN HB2  H N N 101 
GLN HB3  H N N 102 
GLN HG2  H N N 103 
GLN HG3  H N N 104 
GLN HE21 H N N 105 
GLN HE22 H N N 106 
GLN HXT  H N N 107 
GLU N    N N N 108 
GLU CA   C N S 109 
GLU C    C N N 110 
GLU O    O N N 111 
GLU CB   C N N 112 
GLU CG   C N N 113 
GLU CD   C N N 114 
GLU OE1  O N N 115 
GLU OE2  O N N 116 
GLU OXT  O N N 117 
GLU H    H N N 118 
GLU H2   H N N 119 
GLU HA   H N N 120 
GLU HB2  H N N 121 
GLU HB3  H N N 122 
GLU HG2  H N N 123 
GLU HG3  H N N 124 
GLU HE2  H N N 125 
GLU HXT  H N N 126 
GLY N    N N N 127 
GLY CA   C N N 128 
GLY C    C N N 129 
GLY O    O N N 130 
GLY OXT  O N N 131 
GLY H    H N N 132 
GLY H2   H N N 133 
GLY HA2  H N N 134 
GLY HA3  H N N 135 
GLY HXT  H N N 136 
HIS N    N N N 137 
HIS CA   C N S 138 
HIS C    C N N 139 
HIS O    O N N 140 
HIS CB   C N N 141 
HIS CG   C Y N 142 
HIS ND1  N Y N 143 
HIS CD2  C Y N 144 
HIS CE1  C Y N 145 
HIS NE2  N Y N 146 
HIS OXT  O N N 147 
HIS H    H N N 148 
HIS H2   H N N 149 
HIS HA   H N N 150 
HIS HB2  H N N 151 
HIS HB3  H N N 152 
HIS HD1  H N N 153 
HIS HD2  H N N 154 
HIS HE1  H N N 155 
HIS HE2  H N N 156 
HIS HXT  H N N 157 
LEU N    N N N 158 
LEU CA   C N S 159 
LEU C    C N N 160 
LEU O    O N N 161 
LEU CB   C N N 162 
LEU CG   C N N 163 
LEU CD1  C N N 164 
LEU CD2  C N N 165 
LEU OXT  O N N 166 
LEU H    H N N 167 
LEU H2   H N N 168 
LEU HA   H N N 169 
LEU HB2  H N N 170 
LEU HB3  H N N 171 
LEU HG   H N N 172 
LEU HD11 H N N 173 
LEU HD12 H N N 174 
LEU HD13 H N N 175 
LEU HD21 H N N 176 
LEU HD22 H N N 177 
LEU HD23 H N N 178 
LEU HXT  H N N 179 
LYS N    N N N 180 
LYS CA   C N S 181 
LYS C    C N N 182 
LYS O    O N N 183 
LYS CB   C N N 184 
LYS CG   C N N 185 
LYS CD   C N N 186 
LYS CE   C N N 187 
LYS NZ   N N N 188 
LYS OXT  O N N 189 
LYS H    H N N 190 
LYS H2   H N N 191 
LYS HA   H N N 192 
LYS HB2  H N N 193 
LYS HB3  H N N 194 
LYS HG2  H N N 195 
LYS HG3  H N N 196 
LYS HD2  H N N 197 
LYS HD3  H N N 198 
LYS HE2  H N N 199 
LYS HE3  H N N 200 
LYS HZ1  H N N 201 
LYS HZ2  H N N 202 
LYS HZ3  H N N 203 
LYS HXT  H N N 204 
MET N    N N N 205 
MET CA   C N S 206 
MET C    C N N 207 
MET O    O N N 208 
MET CB   C N N 209 
MET CG   C N N 210 
MET SD   S N N 211 
MET CE   C N N 212 
MET OXT  O N N 213 
MET H    H N N 214 
MET H2   H N N 215 
MET HA   H N N 216 
MET HB2  H N N 217 
MET HB3  H N N 218 
MET HG2  H N N 219 
MET HG3  H N N 220 
MET HE1  H N N 221 
MET HE2  H N N 222 
MET HE3  H N N 223 
MET HXT  H N N 224 
PHE N    N N N 225 
PHE CA   C N S 226 
PHE C    C N N 227 
PHE O    O N N 228 
PHE CB   C N N 229 
PHE CG   C Y N 230 
PHE CD1  C Y N 231 
PHE CD2  C Y N 232 
PHE CE1  C Y N 233 
PHE CE2  C Y N 234 
PHE CZ   C Y N 235 
PHE OXT  O N N 236 
PHE H    H N N 237 
PHE H2   H N N 238 
PHE HA   H N N 239 
PHE HB2  H N N 240 
PHE HB3  H N N 241 
PHE HD1  H N N 242 
PHE HD2  H N N 243 
PHE HE1  H N N 244 
PHE HE2  H N N 245 
PHE HZ   H N N 246 
PHE HXT  H N N 247 
PRO N    N N N 248 
PRO CA   C N S 249 
PRO C    C N N 250 
PRO O    O N N 251 
PRO CB   C N N 252 
PRO CG   C N N 253 
PRO CD   C N N 254 
PRO OXT  O N N 255 
PRO H    H N N 256 
PRO HA   H N N 257 
PRO HB2  H N N 258 
PRO HB3  H N N 259 
PRO HG2  H N N 260 
PRO HG3  H N N 261 
PRO HD2  H N N 262 
PRO HD3  H N N 263 
PRO HXT  H N N 264 
SER N    N N N 265 
SER CA   C N S 266 
SER C    C N N 267 
SER O    O N N 268 
SER CB   C N N 269 
SER OG   O N N 270 
SER OXT  O N N 271 
SER H    H N N 272 
SER H2   H N N 273 
SER HA   H N N 274 
SER HB2  H N N 275 
SER HB3  H N N 276 
SER HG   H N N 277 
SER HXT  H N N 278 
THR N    N N N 279 
THR CA   C N S 280 
THR C    C N N 281 
THR O    O N N 282 
THR CB   C N R 283 
THR OG1  O N N 284 
THR CG2  C N N 285 
THR OXT  O N N 286 
THR H    H N N 287 
THR H2   H N N 288 
THR HA   H N N 289 
THR HB   H N N 290 
THR HG1  H N N 291 
THR HG21 H N N 292 
THR HG22 H N N 293 
THR HG23 H N N 294 
THR HXT  H N N 295 
VAL N    N N N 296 
VAL CA   C N S 297 
VAL C    C N N 298 
VAL O    O N N 299 
VAL CB   C N N 300 
VAL CG1  C N N 301 
VAL CG2  C N N 302 
VAL OXT  O N N 303 
VAL H    H N N 304 
VAL H2   H N N 305 
VAL HA   H N N 306 
VAL HB   H N N 307 
VAL HG11 H N N 308 
VAL HG12 H N N 309 
VAL HG13 H N N 310 
VAL HG21 H N N 311 
VAL HG22 H N N 312 
VAL HG23 H N N 313 
VAL HXT  H N N 314 
# 
loop_
_chem_comp_bond.comp_id 
_chem_comp_bond.atom_id_1 
_chem_comp_bond.atom_id_2 
_chem_comp_bond.value_order 
_chem_comp_bond.pdbx_aromatic_flag 
_chem_comp_bond.pdbx_stereo_config 
_chem_comp_bond.pdbx_ordinal 
ALA N   CA   sing N N 1   
ALA N   H    sing N N 2   
ALA N   H2   sing N N 3   
ALA CA  C    sing N N 4   
ALA CA  CB   sing N N 5   
ALA CA  HA   sing N N 6   
ALA C   O    doub N N 7   
ALA C   OXT  sing N N 8   
ALA CB  HB1  sing N N 9   
ALA CB  HB2  sing N N 10  
ALA CB  HB3  sing N N 11  
ALA OXT HXT  sing N N 12  
ARG N   CA   sing N N 13  
ARG N   H    sing N N 14  
ARG N   H2   sing N N 15  
ARG CA  C    sing N N 16  
ARG CA  CB   sing N N 17  
ARG CA  HA   sing N N 18  
ARG C   O    doub N N 19  
ARG C   OXT  sing N N 20  
ARG CB  CG   sing N N 21  
ARG CB  HB2  sing N N 22  
ARG CB  HB3  sing N N 23  
ARG CG  CD   sing N N 24  
ARG CG  HG2  sing N N 25  
ARG CG  HG3  sing N N 26  
ARG CD  NE   sing N N 27  
ARG CD  HD2  sing N N 28  
ARG CD  HD3  sing N N 29  
ARG NE  CZ   sing N N 30  
ARG NE  HE   sing N N 31  
ARG CZ  NH1  sing N N 32  
ARG CZ  NH2  doub N N 33  
ARG NH1 HH11 sing N N 34  
ARG NH1 HH12 sing N N 35  
ARG NH2 HH21 sing N N 36  
ARG NH2 HH22 sing N N 37  
ARG OXT HXT  sing N N 38  
ASN N   CA   sing N N 39  
ASN N   H    sing N N 40  
ASN N   H2   sing N N 41  
ASN CA  C    sing N N 42  
ASN CA  CB   sing N N 43  
ASN CA  HA   sing N N 44  
ASN C   O    doub N N 45  
ASN C   OXT  sing N N 46  
ASN CB  CG   sing N N 47  
ASN CB  HB2  sing N N 48  
ASN CB  HB3  sing N N 49  
ASN CG  OD1  doub N N 50  
ASN CG  ND2  sing N N 51  
ASN ND2 HD21 sing N N 52  
ASN ND2 HD22 sing N N 53  
ASN OXT HXT  sing N N 54  
ASP N   CA   sing N N 55  
ASP N   H    sing N N 56  
ASP N   H2   sing N N 57  
ASP CA  C    sing N N 58  
ASP CA  CB   sing N N 59  
ASP CA  HA   sing N N 60  
ASP C   O    doub N N 61  
ASP C   OXT  sing N N 62  
ASP CB  CG   sing N N 63  
ASP CB  HB2  sing N N 64  
ASP CB  HB3  sing N N 65  
ASP CG  OD1  doub N N 66  
ASP CG  OD2  sing N N 67  
ASP OD2 HD2  sing N N 68  
ASP OXT HXT  sing N N 69  
CYS N   CA   sing N N 70  
CYS N   H    sing N N 71  
CYS N   H2   sing N N 72  
CYS CA  C    sing N N 73  
CYS CA  CB   sing N N 74  
CYS CA  HA   sing N N 75  
CYS C   O    doub N N 76  
CYS C   OXT  sing N N 77  
CYS CB  SG   sing N N 78  
CYS CB  HB2  sing N N 79  
CYS CB  HB3  sing N N 80  
CYS SG  HG   sing N N 81  
CYS OXT HXT  sing N N 82  
GLN N   CA   sing N N 83  
GLN N   H    sing N N 84  
GLN N   H2   sing N N 85  
GLN CA  C    sing N N 86  
GLN CA  CB   sing N N 87  
GLN CA  HA   sing N N 88  
GLN C   O    doub N N 89  
GLN C   OXT  sing N N 90  
GLN CB  CG   sing N N 91  
GLN CB  HB2  sing N N 92  
GLN CB  HB3  sing N N 93  
GLN CG  CD   sing N N 94  
GLN CG  HG2  sing N N 95  
GLN CG  HG3  sing N N 96  
GLN CD  OE1  doub N N 97  
GLN CD  NE2  sing N N 98  
GLN NE2 HE21 sing N N 99  
GLN NE2 HE22 sing N N 100 
GLN OXT HXT  sing N N 101 
GLU N   CA   sing N N 102 
GLU N   H    sing N N 103 
GLU N   H2   sing N N 104 
GLU CA  C    sing N N 105 
GLU CA  CB   sing N N 106 
GLU CA  HA   sing N N 107 
GLU C   O    doub N N 108 
GLU C   OXT  sing N N 109 
GLU CB  CG   sing N N 110 
GLU CB  HB2  sing N N 111 
GLU CB  HB3  sing N N 112 
GLU CG  CD   sing N N 113 
GLU CG  HG2  sing N N 114 
GLU CG  HG3  sing N N 115 
GLU CD  OE1  doub N N 116 
GLU CD  OE2  sing N N 117 
GLU OE2 HE2  sing N N 118 
GLU OXT HXT  sing N N 119 
GLY N   CA   sing N N 120 
GLY N   H    sing N N 121 
GLY N   H2   sing N N 122 
GLY CA  C    sing N N 123 
GLY CA  HA2  sing N N 124 
GLY CA  HA3  sing N N 125 
GLY C   O    doub N N 126 
GLY C   OXT  sing N N 127 
GLY OXT HXT  sing N N 128 
HIS N   CA   sing N N 129 
HIS N   H    sing N N 130 
HIS N   H2   sing N N 131 
HIS CA  C    sing N N 132 
HIS CA  CB   sing N N 133 
HIS CA  HA   sing N N 134 
HIS C   O    doub N N 135 
HIS C   OXT  sing N N 136 
HIS CB  CG   sing N N 137 
HIS CB  HB2  sing N N 138 
HIS CB  HB3  sing N N 139 
HIS CG  ND1  sing Y N 140 
HIS CG  CD2  doub Y N 141 
HIS ND1 CE1  doub Y N 142 
HIS ND1 HD1  sing N N 143 
HIS CD2 NE2  sing Y N 144 
HIS CD2 HD2  sing N N 145 
HIS CE1 NE2  sing Y N 146 
HIS CE1 HE1  sing N N 147 
HIS NE2 HE2  sing N N 148 
HIS OXT HXT  sing N N 149 
LEU N   CA   sing N N 150 
LEU N   H    sing N N 151 
LEU N   H2   sing N N 152 
LEU CA  C    sing N N 153 
LEU CA  CB   sing N N 154 
LEU CA  HA   sing N N 155 
LEU C   O    doub N N 156 
LEU C   OXT  sing N N 157 
LEU CB  CG   sing N N 158 
LEU CB  HB2  sing N N 159 
LEU CB  HB3  sing N N 160 
LEU CG  CD1  sing N N 161 
LEU CG  CD2  sing N N 162 
LEU CG  HG   sing N N 163 
LEU CD1 HD11 sing N N 164 
LEU CD1 HD12 sing N N 165 
LEU CD1 HD13 sing N N 166 
LEU CD2 HD21 sing N N 167 
LEU CD2 HD22 sing N N 168 
LEU CD2 HD23 sing N N 169 
LEU OXT HXT  sing N N 170 
LYS N   CA   sing N N 171 
LYS N   H    sing N N 172 
LYS N   H2   sing N N 173 
LYS CA  C    sing N N 174 
LYS CA  CB   sing N N 175 
LYS CA  HA   sing N N 176 
LYS C   O    doub N N 177 
LYS C   OXT  sing N N 178 
LYS CB  CG   sing N N 179 
LYS CB  HB2  sing N N 180 
LYS CB  HB3  sing N N 181 
LYS CG  CD   sing N N 182 
LYS CG  HG2  sing N N 183 
LYS CG  HG3  sing N N 184 
LYS CD  CE   sing N N 185 
LYS CD  HD2  sing N N 186 
LYS CD  HD3  sing N N 187 
LYS CE  NZ   sing N N 188 
LYS CE  HE2  sing N N 189 
LYS CE  HE3  sing N N 190 
LYS NZ  HZ1  sing N N 191 
LYS NZ  HZ2  sing N N 192 
LYS NZ  HZ3  sing N N 193 
LYS OXT HXT  sing N N 194 
MET N   CA   sing N N 195 
MET N   H    sing N N 196 
MET N   H2   sing N N 197 
MET CA  C    sing N N 198 
MET CA  CB   sing N N 199 
MET CA  HA   sing N N 200 
MET C   O    doub N N 201 
MET C   OXT  sing N N 202 
MET CB  CG   sing N N 203 
MET CB  HB2  sing N N 204 
MET CB  HB3  sing N N 205 
MET CG  SD   sing N N 206 
MET CG  HG2  sing N N 207 
MET CG  HG3  sing N N 208 
MET SD  CE   sing N N 209 
MET CE  HE1  sing N N 210 
MET CE  HE2  sing N N 211 
MET CE  HE3  sing N N 212 
MET OXT HXT  sing N N 213 
PHE N   CA   sing N N 214 
PHE N   H    sing N N 215 
PHE N   H2   sing N N 216 
PHE CA  C    sing N N 217 
PHE CA  CB   sing N N 218 
PHE CA  HA   sing N N 219 
PHE C   O    doub N N 220 
PHE C   OXT  sing N N 221 
PHE CB  CG   sing N N 222 
PHE CB  HB2  sing N N 223 
PHE CB  HB3  sing N N 224 
PHE CG  CD1  doub Y N 225 
PHE CG  CD2  sing Y N 226 
PHE CD1 CE1  sing Y N 227 
PHE CD1 HD1  sing N N 228 
PHE CD2 CE2  doub Y N 229 
PHE CD2 HD2  sing N N 230 
PHE CE1 CZ   doub Y N 231 
PHE CE1 HE1  sing N N 232 
PHE CE2 CZ   sing Y N 233 
PHE CE2 HE2  sing N N 234 
PHE CZ  HZ   sing N N 235 
PHE OXT HXT  sing N N 236 
PRO N   CA   sing N N 237 
PRO N   CD   sing N N 238 
PRO N   H    sing N N 239 
PRO CA  C    sing N N 240 
PRO CA  CB   sing N N 241 
PRO CA  HA   sing N N 242 
PRO C   O    doub N N 243 
PRO C   OXT  sing N N 244 
PRO CB  CG   sing N N 245 
PRO CB  HB2  sing N N 246 
PRO CB  HB3  sing N N 247 
PRO CG  CD   sing N N 248 
PRO CG  HG2  sing N N 249 
PRO CG  HG3  sing N N 250 
PRO CD  HD2  sing N N 251 
PRO CD  HD3  sing N N 252 
PRO OXT HXT  sing N N 253 
SER N   CA   sing N N 254 
SER N   H    sing N N 255 
SER N   H2   sing N N 256 
SER CA  C    sing N N 257 
SER CA  CB   sing N N 258 
SER CA  HA   sing N N 259 
SER C   O    doub N N 260 
SER C   OXT  sing N N 261 
SER CB  OG   sing N N 262 
SER CB  HB2  sing N N 263 
SER CB  HB3  sing N N 264 
SER OG  HG   sing N N 265 
SER OXT HXT  sing N N 266 
THR N   CA   sing N N 267 
THR N   H    sing N N 268 
THR N   H2   sing N N 269 
THR CA  C    sing N N 270 
THR CA  CB   sing N N 271 
THR CA  HA   sing N N 272 
THR C   O    doub N N 273 
THR C   OXT  sing N N 274 
THR CB  OG1  sing N N 275 
THR CB  CG2  sing N N 276 
THR CB  HB   sing N N 277 
THR OG1 HG1  sing N N 278 
THR CG2 HG21 sing N N 279 
THR CG2 HG22 sing N N 280 
THR CG2 HG23 sing N N 281 
THR OXT HXT  sing N N 282 
VAL N   CA   sing N N 283 
VAL N   H    sing N N 284 
VAL N   H2   sing N N 285 
VAL CA  C    sing N N 286 
VAL CA  CB   sing N N 287 
VAL CA  HA   sing N N 288 
VAL C   O    doub N N 289 
VAL C   OXT  sing N N 290 
VAL CB  CG1  sing N N 291 
VAL CB  CG2  sing N N 292 
VAL CB  HB   sing N N 293 
VAL CG1 HG11 sing N N 294 
VAL CG1 HG12 sing N N 295 
VAL CG1 HG13 sing N N 296 
VAL CG2 HG21 sing N N 297 
VAL CG2 HG22 sing N N 298 
VAL CG2 HG23 sing N N 299 
VAL OXT HXT  sing N N 300 
# 
loop_
_pdbx_nmr_spectrometer.spectrometer_id 
_pdbx_nmr_spectrometer.model 
_pdbx_nmr_spectrometer.manufacturer 
_pdbx_nmr_spectrometer.field_strength 
1 'SEE MANUSCRIPT' Bruker 500 
2 'SEE MANUSCRIPT' Bruker 600 
3 'SEE MANUSCRIPT' Bruker 750 
# 
_atom_sites.entry_id                    1A1Z 
_atom_sites.fract_transf_matrix[1][1]   1.000000 
_atom_sites.fract_transf_matrix[1][2]   0.000000 
_atom_sites.fract_transf_matrix[1][3]   0.000000 
_atom_sites.fract_transf_matrix[2][1]   0.000000 
_atom_sites.fract_transf_matrix[2][2]   1.000000 
_atom_sites.fract_transf_matrix[2][3]   0.000000 
_atom_sites.fract_transf_matrix[3][1]   0.000000 
_atom_sites.fract_transf_matrix[3][2]   0.000000 
_atom_sites.fract_transf_matrix[3][3]   1.000000 
_atom_sites.fract_transf_vector[1]      0.00000 
_atom_sites.fract_transf_vector[2]      0.00000 
_atom_sites.fract_transf_vector[3]      0.00000 
# 
loop_
_atom_type.symbol 
C 
H 
N 
O 
S 
# 
loop_
_atom_site.group_PDB 
_atom_site.id 
_atom_site.type_symbol 
_atom_site.label_atom_id 
_atom_site.label_alt_id 
_atom_site.label_comp_id 
_atom_site.label_asym_id 
_atom_site.label_entity_id 
_atom_site.label_seq_id 
_atom_site.pdbx_PDB_ins_code 
_atom_site.Cartn_x 
_atom_site.Cartn_y 
_atom_site.Cartn_z 
_atom_site.occupancy 
_atom_site.B_iso_or_equiv 
_atom_site.pdbx_formal_charge 
_atom_site.auth_seq_id 
_atom_site.auth_comp_id 
_atom_site.auth_asym_id 
_atom_site.auth_atom_id 
_atom_site.pdbx_PDB_model_num 
ATOM 1    N N    . MET A 1 1  ? 0.307   9.076   -14.602 1.00 1.53 ? 1  MET A N    1 
ATOM 2    C CA   . MET A 1 1  ? -0.328  9.481   -13.316 1.00 0.76 ? 1  MET A CA   1 
ATOM 3    C C    . MET A 1 1  ? -1.657  8.741   -13.148 1.00 0.64 ? 1  MET A C    1 
ATOM 4    O O    . MET A 1 1  ? -2.719  9.313   -13.294 1.00 0.76 ? 1  MET A O    1 
ATOM 5    C CB   . MET A 1 1  ? -0.581  10.990  -13.324 1.00 1.67 ? 1  MET A CB   1 
ATOM 6    C CG   . MET A 1 1  ? 0.601   11.703  -13.984 1.00 2.23 ? 1  MET A CG   1 
ATOM 7    S SD   . MET A 1 1  ? 0.895   13.282  -13.150 1.00 3.23 ? 1  MET A SD   1 
ATOM 8    C CE   . MET A 1 1  ? 2.702   13.198  -13.135 1.00 4.17 ? 1  MET A CE   1 
ATOM 9    H H1   . MET A 1 1  ? 0.071   8.085   -14.810 1.00 2.06 ? 1  MET A H1   1 
ATOM 10   H H2   . MET A 1 1  ? -0.048  9.686   -15.369 1.00 2.08 ? 1  MET A H2   1 
ATOM 11   H H3   . MET A 1 1  ? 1.339   9.178   -14.527 1.00 1.99 ? 1  MET A H3   1 
ATOM 12   H HA   . MET A 1 1  ? 0.329   9.230   -12.497 1.00 1.19 ? 1  MET A HA   1 
ATOM 13   H HB2  . MET A 1 1  ? -1.485  11.199  -13.878 1.00 2.15 ? 1  MET A HB2  1 
ATOM 14   H HB3  . MET A 1 1  ? -0.690  11.341  -12.310 1.00 2.28 ? 1  MET A HB3  1 
ATOM 15   H HG2  . MET A 1 1  ? 1.482   11.084  -13.906 1.00 2.58 ? 1  MET A HG2  1 
ATOM 16   H HG3  . MET A 1 1  ? 0.377   11.881  -15.025 1.00 2.52 ? 1  MET A HG3  1 
ATOM 17   H HE1  . MET A 1 1  ? 3.031   12.419  -13.809 1.00 4.50 ? 1  MET A HE1  1 
ATOM 18   H HE2  . MET A 1 1  ? 3.108   14.149  -13.450 1.00 4.55 ? 1  MET A HE2  1 
ATOM 19   H HE3  . MET A 1 1  ? 3.045   12.975  -12.137 1.00 4.51 ? 1  MET A HE3  1 
ATOM 20   N N    . ASP A 1 2  ? -1.606  7.473   -12.845 1.00 0.53 ? 2  ASP A N    1 
ATOM 21   C CA   . ASP A 1 2  ? -2.867  6.698   -12.669 1.00 0.48 ? 2  ASP A CA   1 
ATOM 22   C C    . ASP A 1 2  ? -3.706  7.336   -11.558 1.00 0.42 ? 2  ASP A C    1 
ATOM 23   O O    . ASP A 1 2  ? -3.205  8.116   -10.771 1.00 0.46 ? 2  ASP A O    1 
ATOM 24   C CB   . ASP A 1 2  ? -2.528  5.255   -12.289 1.00 0.59 ? 2  ASP A CB   1 
ATOM 25   C CG   . ASP A 1 2  ? -2.573  4.374   -13.539 1.00 0.85 ? 2  ASP A CG   1 
ATOM 26   O OD1  . ASP A 1 2  ? -3.655  3.943   -13.897 1.00 1.47 ? 2  ASP A OD1  1 
ATOM 27   O OD2  . ASP A 1 2  ? -1.522  4.146   -14.116 1.00 1.48 ? 2  ASP A OD2  1 
ATOM 28   H H    . ASP A 1 2  ? -0.740  7.029   -12.732 1.00 0.59 ? 2  ASP A H    1 
ATOM 29   H HA   . ASP A 1 2  ? -3.426  6.706   -13.593 1.00 0.51 ? 2  ASP A HA   1 
ATOM 30   H HB2  . ASP A 1 2  ? -1.539  5.220   -11.857 1.00 0.89 ? 2  ASP A HB2  1 
ATOM 31   H HB3  . ASP A 1 2  ? -3.249  4.893   -11.570 1.00 0.76 ? 2  ASP A HB3  1 
ATOM 32   N N    . PRO A 1 3  ? -4.962  6.979   -11.530 1.00 0.42 ? 3  PRO A N    1 
ATOM 33   C CA   . PRO A 1 3  ? -5.917  7.487   -10.539 1.00 0.37 ? 3  PRO A CA   1 
ATOM 34   C C    . PRO A 1 3  ? -5.614  6.879   -9.167  1.00 0.30 ? 3  PRO A C    1 
ATOM 35   O O    . PRO A 1 3  ? -5.526  7.576   -8.174  1.00 0.27 ? 3  PRO A O    1 
ATOM 36   C CB   . PRO A 1 3  ? -7.293  7.050   -11.027 1.00 0.43 ? 3  PRO A CB   1 
ATOM 37   C CG   . PRO A 1 3  ? -6.974  5.813   -11.902 1.00 0.72 ? 3  PRO A CG   1 
ATOM 38   C CD   . PRO A 1 3  ? -5.559  6.028   -12.493 1.00 0.55 ? 3  PRO A CD   1 
ATOM 39   H HA   . PRO A 1 3  ? -5.869  8.562   -10.491 1.00 0.38 ? 3  PRO A HA   1 
ATOM 40   H HB2  . PRO A 1 3  ? -7.926  6.782   -10.189 1.00 0.52 ? 3  PRO A HB2  1 
ATOM 41   H HB3  . PRO A 1 3  ? -7.751  7.820   -11.626 1.00 0.68 ? 3  PRO A HB3  1 
ATOM 42   H HG2  . PRO A 1 3  ? -6.992  4.918   -11.295 1.00 1.06 ? 3  PRO A HG2  1 
ATOM 43   H HG3  . PRO A 1 3  ? -7.692  5.732   -12.703 1.00 1.06 ? 3  PRO A HG3  1 
ATOM 44   H HD2  . PRO A 1 3  ? -5.007  5.098   -12.513 1.00 0.63 ? 3  PRO A HD2  1 
ATOM 45   H HD3  . PRO A 1 3  ? -5.612  6.469   -13.474 1.00 0.56 ? 3  PRO A HD3  1 
ATOM 46   N N    . PHE A 1 4  ? -5.452  5.586   -9.101  1.00 0.31 ? 4  PHE A N    1 
ATOM 47   C CA   . PHE A 1 4  ? -5.153  4.940   -7.793  1.00 0.26 ? 4  PHE A CA   1 
ATOM 48   C C    . PHE A 1 4  ? -3.861  5.527   -7.215  1.00 0.24 ? 4  PHE A C    1 
ATOM 49   O O    . PHE A 1 4  ? -3.650  5.520   -6.019  1.00 0.22 ? 4  PHE A O    1 
ATOM 50   C CB   . PHE A 1 4  ? -4.985  3.432   -7.989  1.00 0.29 ? 4  PHE A CB   1 
ATOM 51   C CG   . PHE A 1 4  ? -5.551  2.707   -6.792  1.00 0.26 ? 4  PHE A CG   1 
ATOM 52   C CD1  . PHE A 1 4  ? -4.791  2.589   -5.621  1.00 1.15 ? 4  PHE A CD1  1 
ATOM 53   C CD2  . PHE A 1 4  ? -6.835  2.156   -6.850  1.00 1.22 ? 4  PHE A CD2  1 
ATOM 54   C CE1  . PHE A 1 4  ? -5.317  1.919   -4.509  1.00 1.16 ? 4  PHE A CE1  1 
ATOM 55   C CE2  . PHE A 1 4  ? -7.362  1.487   -5.738  1.00 1.20 ? 4  PHE A CE2  1 
ATOM 56   C CZ   . PHE A 1 4  ? -6.603  1.369   -4.567  1.00 0.25 ? 4  PHE A CZ   1 
ATOM 57   H H    . PHE A 1 4  ? -5.525  5.041   -9.913  1.00 0.37 ? 4  PHE A H    1 
ATOM 58   H HA   . PHE A 1 4  ? -5.968  5.124   -7.108  1.00 0.24 ? 4  PHE A HA   1 
ATOM 59   H HB2  . PHE A 1 4  ? -5.511  3.124   -8.880  1.00 0.32 ? 4  PHE A HB2  1 
ATOM 60   H HB3  . PHE A 1 4  ? -3.936  3.197   -8.090  1.00 0.32 ? 4  PHE A HB3  1 
ATOM 61   H HD1  . PHE A 1 4  ? -3.799  3.013   -5.576  1.00 2.03 ? 4  PHE A HD1  1 
ATOM 62   H HD2  . PHE A 1 4  ? -7.422  2.247   -7.753  1.00 2.11 ? 4  PHE A HD2  1 
ATOM 63   H HE1  . PHE A 1 4  ? -4.730  1.828   -3.607  1.00 2.05 ? 4  PHE A HE1  1 
ATOM 64   H HE2  . PHE A 1 4  ? -8.354  1.062   -5.783  1.00 2.08 ? 4  PHE A HE2  1 
ATOM 65   H HZ   . PHE A 1 4  ? -7.009  0.854   -3.708  1.00 0.26 ? 4  PHE A HZ   1 
ATOM 66   N N    . LEU A 1 5  ? -2.995  6.037   -8.052  1.00 0.27 ? 5  LEU A N    1 
ATOM 67   C CA   . LEU A 1 5  ? -1.723  6.622   -7.542  1.00 0.28 ? 5  LEU A CA   1 
ATOM 68   C C    . LEU A 1 5  ? -2.009  7.990   -6.919  1.00 0.27 ? 5  LEU A C    1 
ATOM 69   O O    . LEU A 1 5  ? -1.593  8.278   -5.813  1.00 0.27 ? 5  LEU A O    1 
ATOM 70   C CB   . LEU A 1 5  ? -0.736  6.784   -8.699  1.00 0.34 ? 5  LEU A CB   1 
ATOM 71   C CG   . LEU A 1 5  ? 0.332   5.691   -8.617  1.00 0.37 ? 5  LEU A CG   1 
ATOM 72   C CD1  . LEU A 1 5  ? 1.247   5.779   -9.840  1.00 0.97 ? 5  LEU A CD1  1 
ATOM 73   C CD2  . LEU A 1 5  ? 1.161   5.885   -7.346  1.00 1.09 ? 5  LEU A CD2  1 
ATOM 74   H H    . LEU A 1 5  ? -3.180  6.035   -9.014  1.00 0.30 ? 5  LEU A H    1 
ATOM 75   H HA   . LEU A 1 5  ? -1.299  5.967   -6.795  1.00 0.28 ? 5  LEU A HA   1 
ATOM 76   H HB2  . LEU A 1 5  ? -1.266  6.701   -9.638  1.00 0.39 ? 5  LEU A HB2  1 
ATOM 77   H HB3  . LEU A 1 5  ? -0.263  7.752   -8.637  1.00 0.43 ? 5  LEU A HB3  1 
ATOM 78   H HG   . LEU A 1 5  ? -0.146  4.722   -8.595  1.00 0.69 ? 5  LEU A HG   1 
ATOM 79   H HD11 . LEU A 1 5  ? 0.732   6.293   -10.639 1.00 1.64 ? 5  LEU A HD11 1 
ATOM 80   H HD12 . LEU A 1 5  ? 2.143   6.325   -9.580  1.00 1.53 ? 5  LEU A HD12 1 
ATOM 81   H HD13 . LEU A 1 5  ? 1.512   4.784   -10.164 1.00 1.45 ? 5  LEU A HD13 1 
ATOM 82   H HD21 . LEU A 1 5  ? 1.262   6.940   -7.140  1.00 1.69 ? 5  LEU A HD21 1 
ATOM 83   H HD22 . LEU A 1 5  ? 0.665   5.402   -6.517  1.00 1.71 ? 5  LEU A HD22 1 
ATOM 84   H HD23 . LEU A 1 5  ? 2.139   5.449   -7.484  1.00 1.51 ? 5  LEU A HD23 1 
ATOM 85   N N    . VAL A 1 6  ? -2.716  8.836   -7.619  1.00 0.29 ? 6  VAL A N    1 
ATOM 86   C CA   . VAL A 1 6  ? -3.027  10.184  -7.064  1.00 0.30 ? 6  VAL A CA   1 
ATOM 87   C C    . VAL A 1 6  ? -3.704  10.023  -5.701  1.00 0.26 ? 6  VAL A C    1 
ATOM 88   O O    . VAL A 1 6  ? -3.571  10.858  -4.828  1.00 0.28 ? 6  VAL A O    1 
ATOM 89   C CB   . VAL A 1 6  ? -3.966  10.926  -8.017  1.00 0.35 ? 6  VAL A CB   1 
ATOM 90   C CG1  . VAL A 1 6  ? -4.959  11.762  -7.208  1.00 0.49 ? 6  VAL A CG1  1 
ATOM 91   C CG2  . VAL A 1 6  ? -3.145  11.847  -8.923  1.00 0.59 ? 6  VAL A CG2  1 
ATOM 92   H H    . VAL A 1 6  ? -3.042  8.584   -8.509  1.00 0.31 ? 6  VAL A H    1 
ATOM 93   H HA   . VAL A 1 6  ? -2.113  10.746  -6.948  1.00 0.33 ? 6  VAL A HA   1 
ATOM 94   H HB   . VAL A 1 6  ? -4.506  10.211  -8.621  1.00 0.40 ? 6  VAL A HB   1 
ATOM 95   H HG11 . VAL A 1 6  ? -4.430  12.302  -6.436  1.00 1.16 ? 6  VAL A HG11 1 
ATOM 96   H HG12 . VAL A 1 6  ? -5.456  12.463  -7.861  1.00 1.23 ? 6  VAL A HG12 1 
ATOM 97   H HG13 . VAL A 1 6  ? -5.692  11.111  -6.755  1.00 1.05 ? 6  VAL A HG13 1 
ATOM 98   H HG21 . VAL A 1 6  ? -2.195  12.058  -8.456  1.00 1.17 ? 6  VAL A HG21 1 
ATOM 99   H HG22 . VAL A 1 6  ? -2.980  11.363  -9.873  1.00 1.24 ? 6  VAL A HG22 1 
ATOM 100  H HG23 . VAL A 1 6  ? -3.684  12.771  -9.078  1.00 1.15 ? 6  VAL A HG23 1 
ATOM 101  N N    . LEU A 1 7  ? -4.426  8.951   -5.510  1.00 0.23 ? 7  LEU A N    1 
ATOM 102  C CA   . LEU A 1 7  ? -5.106  8.730   -4.211  1.00 0.22 ? 7  LEU A CA   1 
ATOM 103  C C    . LEU A 1 7  ? -4.076  8.204   -3.208  1.00 0.20 ? 7  LEU A C    1 
ATOM 104  O O    . LEU A 1 7  ? -4.117  8.516   -2.033  1.00 0.21 ? 7  LEU A O    1 
ATOM 105  C CB   . LEU A 1 7  ? -6.229  7.704   -4.416  1.00 0.23 ? 7  LEU A CB   1 
ATOM 106  C CG   . LEU A 1 7  ? -6.588  7.036   -3.091  1.00 0.26 ? 7  LEU A CG   1 
ATOM 107  C CD1  . LEU A 1 7  ? -7.001  8.101   -2.075  1.00 0.32 ? 7  LEU A CD1  1 
ATOM 108  C CD2  . LEU A 1 7  ? -7.755  6.070   -3.310  1.00 0.33 ? 7  LEU A CD2  1 
ATOM 109  H H    . LEU A 1 7  ? -4.518  8.288   -6.223  1.00 0.24 ? 7  LEU A H    1 
ATOM 110  H HA   . LEU A 1 7  ? -5.521  9.659   -3.853  1.00 0.24 ? 7  LEU A HA   1 
ATOM 111  H HB2  . LEU A 1 7  ? -7.100  8.204   -4.813  1.00 0.26 ? 7  LEU A HB2  1 
ATOM 112  H HB3  . LEU A 1 7  ? -5.899  6.951   -5.117  1.00 0.24 ? 7  LEU A HB3  1 
ATOM 113  H HG   . LEU A 1 7  ? -5.736  6.489   -2.722  1.00 0.25 ? 7  LEU A HG   1 
ATOM 114  H HD11 . LEU A 1 7  ? -7.159  9.041   -2.583  1.00 1.03 ? 7  LEU A HD11 1 
ATOM 115  H HD12 . LEU A 1 7  ? -7.916  7.798   -1.588  1.00 1.06 ? 7  LEU A HD12 1 
ATOM 116  H HD13 . LEU A 1 7  ? -6.223  8.218   -1.337  1.00 0.99 ? 7  LEU A HD13 1 
ATOM 117  H HD21 . LEU A 1 7  ? -7.765  5.746   -4.341  1.00 1.07 ? 7  LEU A HD21 1 
ATOM 118  H HD22 . LEU A 1 7  ? -7.639  5.213   -2.664  1.00 1.04 ? 7  LEU A HD22 1 
ATOM 119  H HD23 . LEU A 1 7  ? -8.685  6.572   -3.082  1.00 1.00 ? 7  LEU A HD23 1 
ATOM 120  N N    . LEU A 1 8  ? -3.148  7.410   -3.669  1.00 0.20 ? 8  LEU A N    1 
ATOM 121  C CA   . LEU A 1 8  ? -2.106  6.859   -2.758  1.00 0.21 ? 8  LEU A CA   1 
ATOM 122  C C    . LEU A 1 8  ? -1.212  7.993   -2.242  1.00 0.21 ? 8  LEU A C    1 
ATOM 123  O O    . LEU A 1 8  ? -0.526  7.846   -1.251  1.00 0.22 ? 8  LEU A O    1 
ATOM 124  C CB   . LEU A 1 8  ? -1.250  5.845   -3.519  1.00 0.23 ? 8  LEU A CB   1 
ATOM 125  C CG   . LEU A 1 8  ? -2.035  4.545   -3.699  1.00 0.23 ? 8  LEU A CG   1 
ATOM 126  C CD1  . LEU A 1 8  ? -1.395  3.712   -4.812  1.00 0.30 ? 8  LEU A CD1  1 
ATOM 127  C CD2  . LEU A 1 8  ? -2.010  3.749   -2.392  1.00 0.29 ? 8  LEU A CD2  1 
ATOM 128  H H    . LEU A 1 8  ? -3.136  7.177   -4.620  1.00 0.21 ? 8  LEU A H    1 
ATOM 129  H HA   . LEU A 1 8  ? -2.583  6.370   -1.922  1.00 0.21 ? 8  LEU A HA   1 
ATOM 130  H HB2  . LEU A 1 8  ? -0.991  6.249   -4.488  1.00 0.27 ? 8  LEU A HB2  1 
ATOM 131  H HB3  . LEU A 1 8  ? -0.348  5.645   -2.961  1.00 0.30 ? 8  LEU A HB3  1 
ATOM 132  H HG   . LEU A 1 8  ? -3.056  4.776   -3.966  1.00 0.24 ? 8  LEU A HG   1 
ATOM 133  H HD11 . LEU A 1 8  ? -0.320  3.754   -4.721  1.00 1.03 ? 8  LEU A HD11 1 
ATOM 134  H HD12 . LEU A 1 8  ? -1.723  2.686   -4.729  1.00 1.04 ? 8  LEU A HD12 1 
ATOM 135  H HD13 . LEU A 1 8  ? -1.691  4.107   -5.773  1.00 1.07 ? 8  LEU A HD13 1 
ATOM 136  H HD21 . LEU A 1 8  ? -1.215  4.117   -1.762  1.00 0.95 ? 8  LEU A HD21 1 
ATOM 137  H HD22 . LEU A 1 8  ? -2.956  3.865   -1.882  1.00 1.07 ? 8  LEU A HD22 1 
ATOM 138  H HD23 . LEU A 1 8  ? -1.845  2.704   -2.609  1.00 1.08 ? 8  LEU A HD23 1 
ATOM 139  N N    . HIS A 1 9  ? -1.204  9.123   -2.901  1.00 0.23 ? 9  HIS A N    1 
ATOM 140  C CA   . HIS A 1 9  ? -0.349  10.250  -2.434  1.00 0.26 ? 9  HIS A CA   1 
ATOM 141  C C    . HIS A 1 9  ? -0.960  10.876  -1.177  1.00 0.25 ? 9  HIS A C    1 
ATOM 142  O O    . HIS A 1 9  ? -0.264  11.436  -0.353  1.00 0.28 ? 9  HIS A O    1 
ATOM 143  C CB   . HIS A 1 9  ? -0.254  11.307  -3.535  1.00 0.29 ? 9  HIS A CB   1 
ATOM 144  C CG   . HIS A 1 9  ? 0.992   12.124  -3.338  1.00 0.82 ? 9  HIS A CG   1 
ATOM 145  N ND1  . HIS A 1 9  ? 2.091   12.011  -4.176  1.00 1.82 ? 9  HIS A ND1  1 
ATOM 146  C CD2  . HIS A 1 9  ? 1.331   13.070  -2.402  1.00 1.41 ? 9  HIS A CD2  1 
ATOM 147  C CE1  . HIS A 1 9  ? 3.029   12.867  -3.734  1.00 2.18 ? 9  HIS A CE1  1 
ATOM 148  N NE2  . HIS A 1 9  ? 2.618   13.538  -2.654  1.00 1.87 ? 9  HIS A NE2  1 
ATOM 149  H H    . HIS A 1 9  ? -1.758  9.231   -3.701  1.00 0.25 ? 9  HIS A H    1 
ATOM 150  H HA   . HIS A 1 9  ? 0.639   9.879   -2.206  1.00 0.27 ? 9  HIS A HA   1 
ATOM 151  H HB2  . HIS A 1 9  ? -0.219  10.822  -4.499  1.00 0.61 ? 9  HIS A HB2  1 
ATOM 152  H HB3  . HIS A 1 9  ? -1.118  11.954  -3.489  1.00 0.67 ? 9  HIS A HB3  1 
ATOM 153  H HD1  . HIS A 1 9  ? 2.169   11.415  -4.951  1.00 2.45 ? 9  HIS A HD1  1 
ATOM 154  H HD2  . HIS A 1 9  ? 0.696   13.401  -1.594  1.00 2.07 ? 9  HIS A HD2  1 
ATOM 155  H HE1  . HIS A 1 9  ? 3.997   12.996  -4.194  1.00 2.99 ? 9  HIS A HE1  1 
ATOM 156  N N    . SER A 1 10 ? -2.254  10.790  -1.022  1.00 0.24 ? 10 SER A N    1 
ATOM 157  C CA   . SER A 1 10 ? -2.902  11.384  0.182   1.00 0.26 ? 10 SER A CA   1 
ATOM 158  C C    . SER A 1 10 ? -2.893  10.369  1.327   1.00 0.25 ? 10 SER A C    1 
ATOM 159  O O    . SER A 1 10 ? -2.438  10.653  2.417   1.00 0.29 ? 10 SER A O    1 
ATOM 160  C CB   . SER A 1 10 ? -4.345  11.760  -0.152  1.00 0.28 ? 10 SER A CB   1 
ATOM 161  O OG   . SER A 1 10 ? -4.365  13.038  -0.773  1.00 1.18 ? 10 SER A OG   1 
ATOM 162  H H    . SER A 1 10 ? -2.800  10.336  -1.697  1.00 0.23 ? 10 SER A H    1 
ATOM 163  H HA   . SER A 1 10 ? -2.360  12.269  0.482   1.00 0.29 ? 10 SER A HA   1 
ATOM 164  H HB2  . SER A 1 10 ? -4.763  11.031  -0.826  1.00 0.90 ? 10 SER A HB2  1 
ATOM 165  H HB3  . SER A 1 10 ? -4.929  11.782  0.759   1.00 0.96 ? 10 SER A HB3  1 
ATOM 166  H HG   . SER A 1 10 ? -5.071  13.551  -0.375  1.00 1.58 ? 10 SER A HG   1 
ATOM 167  N N    . VAL A 1 11 ? -3.397  9.189   1.092   1.00 0.23 ? 11 VAL A N    1 
ATOM 168  C CA   . VAL A 1 11 ? -3.419  8.159   2.170   1.00 0.25 ? 11 VAL A CA   1 
ATOM 169  C C    . VAL A 1 11 ? -1.987  7.845   2.611   1.00 0.27 ? 11 VAL A C    1 
ATOM 170  O O    . VAL A 1 11 ? -1.745  7.493   3.746   1.00 0.33 ? 11 VAL A O    1 
ATOM 171  C CB   . VAL A 1 11 ? -4.076  6.882   1.640   1.00 0.26 ? 11 VAL A CB   1 
ATOM 172  C CG1  . VAL A 1 11 ? -5.397  7.232   0.954   1.00 1.33 ? 11 VAL A CG1  1 
ATOM 173  C CG2  . VAL A 1 11 ? -3.142  6.211   0.632   1.00 1.17 ? 11 VAL A CG2  1 
ATOM 174  H H    . VAL A 1 11 ? -3.762  8.980   0.206   1.00 0.22 ? 11 VAL A H    1 
ATOM 175  H HA   . VAL A 1 11 ? -3.982  8.531   3.013   1.00 0.27 ? 11 VAL A HA   1 
ATOM 176  H HB   . VAL A 1 11 ? -4.267  6.207   2.463   1.00 0.78 ? 11 VAL A HB   1 
ATOM 177  H HG11 . VAL A 1 11 ? -5.568  8.297   1.023   1.00 1.96 ? 11 VAL A HG11 1 
ATOM 178  H HG12 . VAL A 1 11 ? -5.350  6.941   -0.084  1.00 1.68 ? 11 VAL A HG12 1 
ATOM 179  H HG13 . VAL A 1 11 ? -6.206  6.706   1.440   1.00 2.01 ? 11 VAL A HG13 1 
ATOM 180  H HG21 . VAL A 1 11 ? -2.713  6.961   -0.017  1.00 1.73 ? 11 VAL A HG21 1 
ATOM 181  H HG22 . VAL A 1 11 ? -2.351  5.697   1.159   1.00 1.73 ? 11 VAL A HG22 1 
ATOM 182  H HG23 . VAL A 1 11 ? -3.701  5.501   0.041   1.00 1.81 ? 11 VAL A HG23 1 
ATOM 183  N N    . SER A 1 12 ? -1.042  7.963   1.718   1.00 0.26 ? 12 SER A N    1 
ATOM 184  C CA   . SER A 1 12 ? 0.378   7.667   2.074   1.00 0.32 ? 12 SER A CA   1 
ATOM 185  C C    . SER A 1 12 ? 0.836   8.541   3.248   1.00 0.32 ? 12 SER A C    1 
ATOM 186  O O    . SER A 1 12 ? 1.640   8.128   4.059   1.00 0.36 ? 12 SER A O    1 
ATOM 187  C CB   . SER A 1 12 ? 1.268   7.947   0.862   1.00 0.36 ? 12 SER A CB   1 
ATOM 188  O OG   . SER A 1 12 ? 2.623   8.024   1.283   1.00 1.17 ? 12 SER A OG   1 
ATOM 189  H H    . SER A 1 12 ? -1.266  8.244   0.807   1.00 0.24 ? 12 SER A H    1 
ATOM 190  H HA   . SER A 1 12 ? 0.468   6.627   2.345   1.00 0.36 ? 12 SER A HA   1 
ATOM 191  H HB2  . SER A 1 12 ? 1.165   7.149   0.145   1.00 1.03 ? 12 SER A HB2  1 
ATOM 192  H HB3  . SER A 1 12 ? 0.968   8.880   0.404   1.00 0.83 ? 12 SER A HB3  1 
ATOM 193  H HG   . SER A 1 12 ? 3.055   8.710   0.768   1.00 1.42 ? 12 SER A HG   1 
ATOM 194  N N    . SER A 1 13 ? 0.343   9.745   3.344   1.00 0.32 ? 13 SER A N    1 
ATOM 195  C CA   . SER A 1 13 ? 0.766   10.636  4.466   1.00 0.36 ? 13 SER A CA   1 
ATOM 196  C C    . SER A 1 13 ? 0.154   10.156  5.783   1.00 0.33 ? 13 SER A C    1 
ATOM 197  O O    . SER A 1 13 ? 0.714   10.350  6.843   1.00 0.43 ? 13 SER A O    1 
ATOM 198  C CB   . SER A 1 13 ? 0.308   12.068  4.183   1.00 0.41 ? 13 SER A CB   1 
ATOM 199  O OG   . SER A 1 13 ? 1.404   12.956  4.369   1.00 1.26 ? 13 SER A OG   1 
ATOM 200  H H    . SER A 1 13 ? -0.300  10.068  2.679   1.00 0.31 ? 13 SER A H    1 
ATOM 201  H HA   . SER A 1 13 ? 1.843   10.615  4.549   1.00 0.41 ? 13 SER A HA   1 
ATOM 202  H HB2  . SER A 1 13 ? -0.039  12.142  3.165   1.00 0.98 ? 13 SER A HB2  1 
ATOM 203  H HB3  . SER A 1 13 ? -0.497  12.327  4.857   1.00 0.99 ? 13 SER A HB3  1 
ATOM 204  H HG   . SER A 1 13 ? 1.244   13.738  3.836   1.00 1.65 ? 13 SER A HG   1 
ATOM 205  N N    . SER A 1 14 ? -0.987  9.530   5.730   1.00 0.33 ? 14 SER A N    1 
ATOM 206  C CA   . SER A 1 14 ? -1.622  9.041   6.988   1.00 0.32 ? 14 SER A CA   1 
ATOM 207  C C    . SER A 1 14 ? -0.945  7.739   7.432   1.00 0.33 ? 14 SER A C    1 
ATOM 208  O O    . SER A 1 14 ? -1.004  7.365   8.586   1.00 0.42 ? 14 SER A O    1 
ATOM 209  C CB   . SER A 1 14 ? -3.110  8.783   6.742   1.00 0.36 ? 14 SER A CB   1 
ATOM 210  O OG   . SER A 1 14 ? -3.847  9.154   7.899   1.00 0.55 ? 14 SER A OG   1 
ATOM 211  H H    . SER A 1 14 ? -1.426  9.382   4.868   1.00 0.43 ? 14 SER A H    1 
ATOM 212  H HA   . SER A 1 14 ? -1.510  9.787   7.760   1.00 0.33 ? 14 SER A HA   1 
ATOM 213  H HB2  . SER A 1 14 ? -3.446  9.372   5.904   1.00 0.52 ? 14 SER A HB2  1 
ATOM 214  H HB3  . SER A 1 14 ? -3.261  7.734   6.525   1.00 0.42 ? 14 SER A HB3  1 
ATOM 215  H HG   . SER A 1 14 ? -4.257  10.006  7.730   1.00 0.91 ? 14 SER A HG   1 
ATOM 216  N N    . LEU A 1 15 ? -0.301  7.047   6.529   1.00 0.36 ? 15 LEU A N    1 
ATOM 217  C CA   . LEU A 1 15 ? 0.378   5.776   6.907   1.00 0.42 ? 15 LEU A CA   1 
ATOM 218  C C    . LEU A 1 15 ? 1.464   6.062   7.944   1.00 0.36 ? 15 LEU A C    1 
ATOM 219  O O    . LEU A 1 15 ? 1.412   5.586   9.061   1.00 0.46 ? 15 LEU A O    1 
ATOM 220  C CB   . LEU A 1 15 ? 1.021   5.157   5.665   1.00 0.64 ? 15 LEU A CB   1 
ATOM 221  C CG   . LEU A 1 15 ? -0.018  5.027   4.551   1.00 0.63 ? 15 LEU A CG   1 
ATOM 222  C CD1  . LEU A 1 15 ? 0.490   4.045   3.495   1.00 0.76 ? 15 LEU A CD1  1 
ATOM 223  C CD2  . LEU A 1 15 ? -1.340  4.512   5.129   1.00 0.60 ? 15 LEU A CD2  1 
ATOM 224  H H    . LEU A 1 15 ? -0.261  7.360   5.603   1.00 0.41 ? 15 LEU A H    1 
ATOM 225  H HA   . LEU A 1 15 ? -0.344  5.088   7.324   1.00 0.58 ? 15 LEU A HA   1 
ATOM 226  H HB2  . LEU A 1 15 ? 1.829   5.790   5.328   1.00 0.85 ? 15 LEU A HB2  1 
ATOM 227  H HB3  . LEU A 1 15 ? 1.409   4.183   5.907   1.00 0.81 ? 15 LEU A HB3  1 
ATOM 228  H HG   . LEU A 1 15 ? -0.173  5.990   4.097   1.00 0.94 ? 15 LEU A HG   1 
ATOM 229  H HD11 . LEU A 1 15 ? 1.526   3.809   3.691   1.00 1.49 ? 15 LEU A HD11 1 
ATOM 230  H HD12 . LEU A 1 15 ? -0.097  3.140   3.531   1.00 1.20 ? 15 LEU A HD12 1 
ATOM 231  H HD13 . LEU A 1 15 ? 0.402   4.493   2.515   1.00 1.22 ? 15 LEU A HD13 1 
ATOM 232  H HD21 . LEU A 1 15 ? -1.139  3.865   5.969   1.00 1.16 ? 15 LEU A HD21 1 
ATOM 233  H HD22 . LEU A 1 15 ? -1.939  5.349   5.455   1.00 1.02 ? 15 LEU A HD22 1 
ATOM 234  H HD23 . LEU A 1 15 ? -1.875  3.961   4.370   1.00 1.18 ? 15 LEU A HD23 1 
ATOM 235  N N    . SER A 1 16 ? 2.451   6.836   7.583   1.00 0.45 ? 16 SER A N    1 
ATOM 236  C CA   . SER A 1 16 ? 3.539   7.149   8.551   1.00 0.69 ? 16 SER A CA   1 
ATOM 237  C C    . SER A 1 16 ? 4.300   5.867   8.908   1.00 0.57 ? 16 SER A C    1 
ATOM 238  O O    . SER A 1 16 ? 4.061   4.809   8.354   1.00 0.53 ? 16 SER A O    1 
ATOM 239  C CB   . SER A 1 16 ? 2.935   7.753   9.819   1.00 0.94 ? 16 SER A CB   1 
ATOM 240  O OG   . SER A 1 16 ? 3.419   9.079   9.985   1.00 1.58 ? 16 SER A OG   1 
ATOM 241  H H    . SER A 1 16 ? 2.476   7.212   6.676   1.00 0.48 ? 16 SER A H    1 
ATOM 242  H HA   . SER A 1 16 ? 4.221   7.859   8.106   1.00 0.91 ? 16 SER A HA   1 
ATOM 243  H HB2  . SER A 1 16 ? 1.861   7.775   9.732   1.00 1.12 ? 16 SER A HB2  1 
ATOM 244  H HB3  . SER A 1 16 ? 3.212   7.148   10.672  1.00 1.27 ? 16 SER A HB3  1 
ATOM 245  H HG   . SER A 1 16 ? 2.782   9.563   10.515  1.00 1.95 ? 16 SER A HG   1 
ATOM 246  N N    . SER A 1 17 ? 5.217   5.959   9.833   1.00 0.60 ? 17 SER A N    1 
ATOM 247  C CA   . SER A 1 17 ? 6.003   4.758   10.237  1.00 0.57 ? 17 SER A CA   1 
ATOM 248  C C    . SER A 1 17 ? 5.073   3.676   10.803  1.00 0.54 ? 17 SER A C    1 
ATOM 249  O O    . SER A 1 17 ? 5.441   2.523   10.891  1.00 0.60 ? 17 SER A O    1 
ATOM 250  C CB   . SER A 1 17 ? 7.023   5.156   11.305  1.00 0.68 ? 17 SER A CB   1 
ATOM 251  O OG   . SER A 1 17 ? 8.230   4.435   11.095  1.00 1.68 ? 17 SER A OG   1 
ATOM 252  H H    . SER A 1 17 ? 5.392   6.822   10.264  1.00 0.69 ? 17 SER A H    1 
ATOM 253  H HA   . SER A 1 17 ? 6.524   4.365   9.377   1.00 0.57 ? 17 SER A HA   1 
ATOM 254  H HB2  . SER A 1 17 ? 7.223   6.212   11.238  1.00 1.20 ? 17 SER A HB2  1 
ATOM 255  H HB3  . SER A 1 17 ? 6.622   4.930   12.285  1.00 1.10 ? 17 SER A HB3  1 
ATOM 256  H HG   . SER A 1 17 ? 8.889   4.778   11.702  1.00 2.05 ? 17 SER A HG   1 
ATOM 257  N N    . SER A 1 18 ? 3.875   4.029   11.191  1.00 0.53 ? 18 SER A N    1 
ATOM 258  C CA   . SER A 1 18 ? 2.945   3.007   11.749  1.00 0.59 ? 18 SER A CA   1 
ATOM 259  C C    . SER A 1 18 ? 2.586   1.989   10.662  1.00 0.54 ? 18 SER A C    1 
ATOM 260  O O    . SER A 1 18 ? 2.866   0.812   10.782  1.00 0.49 ? 18 SER A O    1 
ATOM 261  C CB   . SER A 1 18 ? 1.671   3.693   12.243  1.00 0.74 ? 18 SER A CB   1 
ATOM 262  O OG   . SER A 1 18 ? 1.743   3.860   13.652  1.00 1.27 ? 18 SER A OG   1 
ATOM 263  H H    . SER A 1 18 ? 3.588   4.963   11.120  1.00 0.54 ? 18 SER A H    1 
ATOM 264  H HA   . SER A 1 18 ? 3.422   2.499   12.574  1.00 0.63 ? 18 SER A HA   1 
ATOM 265  H HB2  . SER A 1 18 ? 1.576   4.660   11.776  1.00 1.09 ? 18 SER A HB2  1 
ATOM 266  H HB3  . SER A 1 18 ? 0.813   3.085   11.985  1.00 1.15 ? 18 SER A HB3  1 
ATOM 267  H HG   . SER A 1 18 ? 0.935   4.290   13.942  1.00 1.73 ? 18 SER A HG   1 
ATOM 268  N N    . GLU A 1 19 ? 1.966   2.433   9.603   1.00 0.60 ? 19 GLU A N    1 
ATOM 269  C CA   . GLU A 1 19 ? 1.587   1.491   8.511   1.00 0.64 ? 19 GLU A CA   1 
ATOM 270  C C    . GLU A 1 19 ? 2.839   0.813   7.954   1.00 0.58 ? 19 GLU A C    1 
ATOM 271  O O    . GLU A 1 19 ? 2.880   -0.389  7.798   1.00 0.67 ? 19 GLU A O    1 
ATOM 272  C CB   . GLU A 1 19 ? 0.892   2.263   7.388   1.00 0.88 ? 19 GLU A CB   1 
ATOM 273  C CG   . GLU A 1 19 ? -0.396  1.541   6.989   1.00 1.76 ? 19 GLU A CG   1 
ATOM 274  C CD   . GLU A 1 19 ? -0.510  1.504   5.463   1.00 2.55 ? 19 GLU A CD   1 
ATOM 275  O OE1  . GLU A 1 19 ? 0.482   1.199   4.822   1.00 3.05 ? 19 GLU A OE1  1 
ATOM 276  O OE2  . GLU A 1 19 ? -1.587  1.782   4.964   1.00 3.27 ? 19 GLU A OE2  1 
ATOM 277  H H    . GLU A 1 19 ? 1.748   3.385   9.526   1.00 0.67 ? 19 GLU A H    1 
ATOM 278  H HA   . GLU A 1 19 ? 0.915   0.740   8.899   1.00 0.64 ? 19 GLU A HA   1 
ATOM 279  H HB2  . GLU A 1 19 ? 0.656   3.260   7.727   1.00 0.84 ? 19 GLU A HB2  1 
ATOM 280  H HB3  . GLU A 1 19 ? 1.549   2.316   6.532   1.00 1.09 ? 19 GLU A HB3  1 
ATOM 281  H HG2  . GLU A 1 19 ? -0.374  0.533   7.371   1.00 2.33 ? 19 GLU A HG2  1 
ATOM 282  H HG3  . GLU A 1 19 ? -1.244  2.065   7.399   1.00 2.01 ? 19 GLU A HG3  1 
ATOM 283  N N    . LEU A 1 20 ? 3.858   1.569   7.647   1.00 0.56 ? 20 LEU A N    1 
ATOM 284  C CA   . LEU A 1 20 ? 5.097   0.951   7.096   1.00 0.62 ? 20 LEU A CA   1 
ATOM 285  C C    . LEU A 1 20 ? 5.587   -0.163  8.025   1.00 0.49 ? 20 LEU A C    1 
ATOM 286  O O    . LEU A 1 20 ? 6.161   -1.136  7.586   1.00 0.57 ? 20 LEU A O    1 
ATOM 287  C CB   . LEU A 1 20 ? 6.182   2.019   6.968   1.00 0.77 ? 20 LEU A CB   1 
ATOM 288  C CG   . LEU A 1 20 ? 6.557   2.179   5.498   1.00 0.67 ? 20 LEU A CG   1 
ATOM 289  C CD1  . LEU A 1 20 ? 5.600   3.167   4.833   1.00 1.17 ? 20 LEU A CD1  1 
ATOM 290  C CD2  . LEU A 1 20 ? 7.991   2.702   5.387   1.00 0.78 ? 20 LEU A CD2  1 
ATOM 291  H H    . LEU A 1 20 ? 3.810   2.540   7.774   1.00 0.61 ? 20 LEU A H    1 
ATOM 292  H HA   . LEU A 1 20 ? 4.887   0.538   6.121   1.00 0.74 ? 20 LEU A HA   1 
ATOM 293  H HB2  . LEU A 1 20 ? 5.811   2.959   7.352   1.00 1.07 ? 20 LEU A HB2  1 
ATOM 294  H HB3  . LEU A 1 20 ? 7.054   1.719   7.530   1.00 1.39 ? 20 LEU A HB3  1 
ATOM 295  H HG   . LEU A 1 20 ? 6.480   1.222   5.006   1.00 1.33 ? 20 LEU A HG   1 
ATOM 296  H HD11 . LEU A 1 20 ? 4.588   2.945   5.136   1.00 1.60 ? 20 LEU A HD11 1 
ATOM 297  H HD12 . LEU A 1 20 ? 5.855   4.172   5.133   1.00 1.71 ? 20 LEU A HD12 1 
ATOM 298  H HD13 . LEU A 1 20 ? 5.682   3.080   3.759   1.00 1.81 ? 20 LEU A HD13 1 
ATOM 299  H HD21 . LEU A 1 20 ? 8.636   2.127   6.035   1.00 1.27 ? 20 LEU A HD21 1 
ATOM 300  H HD22 . LEU A 1 20 ? 8.330   2.609   4.366   1.00 1.23 ? 20 LEU A HD22 1 
ATOM 301  H HD23 . LEU A 1 20 ? 8.019   3.741   5.682   1.00 1.42 ? 20 LEU A HD23 1 
ATOM 302  N N    . THR A 1 21 ? 5.368   -0.026  9.301   1.00 0.40 ? 21 THR A N    1 
ATOM 303  C CA   . THR A 1 21 ? 5.827   -1.075  10.255  1.00 0.47 ? 21 THR A CA   1 
ATOM 304  C C    . THR A 1 21 ? 5.022   -2.364  10.053  1.00 0.41 ? 21 THR A C    1 
ATOM 305  O O    . THR A 1 21 ? 5.574   -3.416  9.795   1.00 0.46 ? 21 THR A O    1 
ATOM 306  C CB   . THR A 1 21 ? 5.634   -0.577  11.688  1.00 0.57 ? 21 THR A CB   1 
ATOM 307  O OG1  . THR A 1 21 ? 6.537   0.490   11.943  1.00 0.71 ? 21 THR A OG1  1 
ATOM 308  C CG2  . THR A 1 21 ? 5.899   -1.719  12.669  1.00 0.75 ? 21 THR A CG2  1 
ATOM 309  H H    . THR A 1 21 ? 4.903   0.768   9.635   1.00 0.40 ? 21 THR A H    1 
ATOM 310  H HA   . THR A 1 21 ? 6.874   -1.278  10.086  1.00 0.59 ? 21 THR A HA   1 
ATOM 311  H HB   . THR A 1 21 ? 4.620   -0.228  11.814  1.00 0.64 ? 21 THR A HB   1 
ATOM 312  H HG1  . THR A 1 21 ? 7.301   0.373   11.374  1.00 1.01 ? 21 THR A HG1  1 
ATOM 313  H HG21 . THR A 1 21 ? 6.386   -2.533  12.150  1.00 1.19 ? 21 THR A HG21 1 
ATOM 314  H HG22 . THR A 1 21 ? 6.536   -1.368  13.466  1.00 1.25 ? 21 THR A HG22 1 
ATOM 315  H HG23 . THR A 1 21 ? 4.962   -2.064  13.082  1.00 1.17 ? 21 THR A HG23 1 
ATOM 316  N N    . GLU A 1 22 ? 3.726   -2.294  10.174  1.00 0.37 ? 22 GLU A N    1 
ATOM 317  C CA   . GLU A 1 22 ? 2.891   -3.516  9.997   1.00 0.38 ? 22 GLU A CA   1 
ATOM 318  C C    . GLU A 1 22 ? 3.081   -4.088  8.588   1.00 0.32 ? 22 GLU A C    1 
ATOM 319  O O    . GLU A 1 22 ? 3.597   -5.175  8.415   1.00 0.33 ? 22 GLU A O    1 
ATOM 320  C CB   . GLU A 1 22 ? 1.422   -3.141  10.206  1.00 0.45 ? 22 GLU A CB   1 
ATOM 321  C CG   . GLU A 1 22 ? 0.514   -4.199  9.575   1.00 0.86 ? 22 GLU A CG   1 
ATOM 322  C CD   . GLU A 1 22 ? 0.914   -5.586  10.081  1.00 0.64 ? 22 GLU A CD   1 
ATOM 323  O OE1  . GLU A 1 22 ? 0.550   -5.914  11.199  1.00 1.00 ? 22 GLU A OE1  1 
ATOM 324  O OE2  . GLU A 1 22 ? 1.575   -6.297  9.343   1.00 1.43 ? 22 GLU A OE2  1 
ATOM 325  H H    . GLU A 1 22 ? 3.298   -1.437  10.388  1.00 0.37 ? 22 GLU A H    1 
ATOM 326  H HA   . GLU A 1 22 ? 3.179   -4.257  10.727  1.00 0.47 ? 22 GLU A HA   1 
ATOM 327  H HB2  . GLU A 1 22 ? 1.216   -3.079  11.265  1.00 0.68 ? 22 GLU A HB2  1 
ATOM 328  H HB3  . GLU A 1 22 ? 1.228   -2.184  9.747   1.00 0.42 ? 22 GLU A HB3  1 
ATOM 329  H HG2  . GLU A 1 22 ? -0.511  -3.995  9.849   1.00 1.35 ? 22 GLU A HG2  1 
ATOM 330  H HG3  . GLU A 1 22 ? 0.611   -4.166  8.500   1.00 1.15 ? 22 GLU A HG3  1 
ATOM 331  N N    . LEU A 1 23 ? 2.658   -3.367  7.588   1.00 0.40 ? 23 LEU A N    1 
ATOM 332  C CA   . LEU A 1 23 ? 2.791   -3.852  6.183   1.00 0.37 ? 23 LEU A CA   1 
ATOM 333  C C    . LEU A 1 23 ? 4.218   -4.338  5.902   1.00 0.32 ? 23 LEU A C    1 
ATOM 334  O O    . LEU A 1 23 ? 4.433   -5.168  5.042   1.00 0.32 ? 23 LEU A O    1 
ATOM 335  C CB   . LEU A 1 23 ? 2.436   -2.716  5.223   1.00 0.40 ? 23 LEU A CB   1 
ATOM 336  C CG   . LEU A 1 23 ? 0.918   -2.535  5.198   1.00 0.61 ? 23 LEU A CG   1 
ATOM 337  C CD1  . LEU A 1 23 ? 0.506   -1.491  6.237   1.00 1.29 ? 23 LEU A CD1  1 
ATOM 338  C CD2  . LEU A 1 23 ? 0.478   -2.068  3.809   1.00 1.39 ? 23 LEU A CD2  1 
ATOM 339  H H    . LEU A 1 23 ? 2.238   -2.500  7.761   1.00 0.54 ? 23 LEU A H    1 
ATOM 340  H HA   . LEU A 1 23 ? 2.104   -4.672  6.025   1.00 0.41 ? 23 LEU A HA   1 
ATOM 341  H HB2  . LEU A 1 23 ? 2.906   -1.802  5.557   1.00 0.45 ? 23 LEU A HB2  1 
ATOM 342  H HB3  . LEU A 1 23 ? 2.784   -2.959  4.230   1.00 0.52 ? 23 LEU A HB3  1 
ATOM 343  H HG   . LEU A 1 23 ? 0.442   -3.475  5.431   1.00 1.53 ? 23 LEU A HG   1 
ATOM 344  H HD11 . LEU A 1 23 ? 1.260   -0.720  6.290   1.00 1.88 ? 23 LEU A HD11 1 
ATOM 345  H HD12 . LEU A 1 23 ? -0.438  -1.052  5.950   1.00 1.88 ? 23 LEU A HD12 1 
ATOM 346  H HD13 . LEU A 1 23 ? 0.404   -1.964  7.202   1.00 1.86 ? 23 LEU A HD13 1 
ATOM 347  H HD21 . LEU A 1 23 ? 1.260   -2.279  3.095   1.00 2.05 ? 23 LEU A HD21 1 
ATOM 348  H HD22 . LEU A 1 23 ? -0.422  -2.591  3.522   1.00 1.94 ? 23 LEU A HD22 1 
ATOM 349  H HD23 . LEU A 1 23 ? 0.286   -1.006  3.831   1.00 1.89 ? 23 LEU A HD23 1 
ATOM 350  N N    . LYS A 1 24 ? 5.196   -3.838  6.608   1.00 0.30 ? 24 LYS A N    1 
ATOM 351  C CA   . LYS A 1 24 ? 6.592   -4.298  6.351   1.00 0.30 ? 24 LYS A CA   1 
ATOM 352  C C    . LYS A 1 24 ? 6.749   -5.743  6.838   1.00 0.30 ? 24 LYS A C    1 
ATOM 353  O O    . LYS A 1 24 ? 7.177   -6.613  6.106   1.00 0.32 ? 24 LYS A O    1 
ATOM 354  C CB   . LYS A 1 24 ? 7.581   -3.398  7.097   1.00 0.38 ? 24 LYS A CB   1 
ATOM 355  C CG   . LYS A 1 24 ? 8.880   -4.166  7.353   1.00 0.94 ? 24 LYS A CG   1 
ATOM 356  C CD   . LYS A 1 24 ? 10.037  -3.177  7.502   1.00 0.96 ? 24 LYS A CD   1 
ATOM 357  C CE   . LYS A 1 24 ? 10.726  -3.396  8.850   1.00 1.54 ? 24 LYS A CE   1 
ATOM 358  N NZ   . LYS A 1 24 ? 12.199  -3.231  8.690   1.00 2.09 ? 24 LYS A NZ   1 
ATOM 359  H H    . LYS A 1 24 ? 5.016   -3.166  7.301   1.00 0.32 ? 24 LYS A H    1 
ATOM 360  H HA   . LYS A 1 24 ? 6.796   -4.254  5.291   1.00 0.30 ? 24 LYS A HA   1 
ATOM 361  H HB2  . LYS A 1 24 ? 7.791   -2.522  6.498   1.00 0.47 ? 24 LYS A HB2  1 
ATOM 362  H HB3  . LYS A 1 24 ? 7.151   -3.095  8.040   1.00 0.68 ? 24 LYS A HB3  1 
ATOM 363  H HG2  . LYS A 1 24 ? 8.782   -4.746  8.260   1.00 1.45 ? 24 LYS A HG2  1 
ATOM 364  H HG3  . LYS A 1 24 ? 9.077   -4.827  6.522   1.00 1.31 ? 24 LYS A HG3  1 
ATOM 365  H HD2  . LYS A 1 24 ? 10.750  -3.333  6.704   1.00 1.37 ? 24 LYS A HD2  1 
ATOM 366  H HD3  . LYS A 1 24 ? 9.658   -2.167  7.453   1.00 1.40 ? 24 LYS A HD3  1 
ATOM 367  H HE2  . LYS A 1 24 ? 10.360  -2.672  9.563   1.00 2.08 ? 24 LYS A HE2  1 
ATOM 368  H HE3  . LYS A 1 24 ? 10.512  -4.392  9.207   1.00 2.11 ? 24 LYS A HE3  1 
ATOM 369  H HZ1  . LYS A 1 24 ? 12.390  -2.611  7.876   1.00 2.44 ? 24 LYS A HZ1  1 
ATOM 370  H HZ2  . LYS A 1 24 ? 12.597  -2.808  9.551   1.00 2.59 ? 24 LYS A HZ2  1 
ATOM 371  H HZ3  . LYS A 1 24 ? 12.636  -4.161  8.529   1.00 2.44 ? 24 LYS A HZ3  1 
ATOM 372  N N    . GLY A 1 25 ? 6.405   -6.005  8.070   1.00 0.38 ? 25 GLY A N    1 
ATOM 373  C CA   . GLY A 1 25 ? 6.533   -7.394  8.600   1.00 0.43 ? 25 GLY A CA   1 
ATOM 374  C C    . GLY A 1 25 ? 5.752   -8.360  7.707   1.00 0.44 ? 25 GLY A C    1 
ATOM 375  O O    . GLY A 1 25 ? 6.284   -9.337  7.220   1.00 0.48 ? 25 GLY A O    1 
ATOM 376  H H    . GLY A 1 25 ? 6.061   -5.291  8.646   1.00 0.43 ? 25 GLY A H    1 
ATOM 377  H HA2  . GLY A 1 25 ? 7.576   -7.677  8.613   1.00 0.46 ? 25 GLY A HA2  1 
ATOM 378  H HA3  . GLY A 1 25 ? 6.137   -7.435  9.602   1.00 0.47 ? 25 GLY A HA3  1 
ATOM 379  N N    . LEU A 1 26 ? 4.493   -8.096  7.490   1.00 0.43 ? 26 LEU A N    1 
ATOM 380  C CA   . LEU A 1 26 ? 3.677   -9.000  6.629   1.00 0.47 ? 26 LEU A CA   1 
ATOM 381  C C    . LEU A 1 26 ? 4.219   -8.987  5.194   1.00 0.44 ? 26 LEU A C    1 
ATOM 382  O O    . LEU A 1 26 ? 3.979   -9.898  4.426   1.00 0.55 ? 26 LEU A O    1 
ATOM 383  C CB   . LEU A 1 26 ? 2.221   -8.521  6.627   1.00 0.49 ? 26 LEU A CB   1 
ATOM 384  C CG   . LEU A 1 26 ? 1.286   -9.684  6.972   1.00 0.59 ? 26 LEU A CG   1 
ATOM 385  C CD1  . LEU A 1 26 ? 0.393   -9.286  8.149   1.00 1.44 ? 26 LEU A CD1  1 
ATOM 386  C CD2  . LEU A 1 26 ? 0.411   -10.009 5.760   1.00 1.36 ? 26 LEU A CD2  1 
ATOM 387  H H    . LEU A 1 26 ? 4.083   -7.302  7.893   1.00 0.42 ? 26 LEU A H    1 
ATOM 388  H HA   . LEU A 1 26 ? 3.727   -10.004 7.021   1.00 0.54 ? 26 LEU A HA   1 
ATOM 389  H HB2  . LEU A 1 26 ? 2.101   -7.735  7.358   1.00 0.60 ? 26 LEU A HB2  1 
ATOM 390  H HB3  . LEU A 1 26 ? 1.971   -8.141  5.648   1.00 0.59 ? 26 LEU A HB3  1 
ATOM 391  H HG   . LEU A 1 26 ? 1.868   -10.553 7.242   1.00 1.33 ? 26 LEU A HG   1 
ATOM 392  H HD11 . LEU A 1 26 ? 0.250   -8.216  8.148   1.00 1.97 ? 26 LEU A HD11 1 
ATOM 393  H HD12 . LEU A 1 26 ? -0.563  -9.778  8.057   1.00 2.11 ? 26 LEU A HD12 1 
ATOM 394  H HD13 . LEU A 1 26 ? 0.864   -9.585  9.075   1.00 1.92 ? 26 LEU A HD13 1 
ATOM 395  H HD21 . LEU A 1 26 ? -0.153  -9.133  5.477   1.00 1.92 ? 26 LEU A HD21 1 
ATOM 396  H HD22 . LEU A 1 26 ? 1.037   -10.315 4.935   1.00 1.91 ? 26 LEU A HD22 1 
ATOM 397  H HD23 . LEU A 1 26 ? -0.270  -10.810 6.010   1.00 1.95 ? 26 LEU A HD23 1 
ATOM 398  N N    . CYS A 1 27 ? 4.947   -7.966  4.822   1.00 0.36 ? 27 CYS A N    1 
ATOM 399  C CA   . CYS A 1 27 ? 5.496   -7.910  3.437   1.00 0.36 ? 27 CYS A CA   1 
ATOM 400  C C    . CYS A 1 27 ? 6.619   -8.937  3.294   1.00 0.39 ? 27 CYS A C    1 
ATOM 401  O O    . CYS A 1 27 ? 6.856   -9.468  2.227   1.00 0.43 ? 27 CYS A O    1 
ATOM 402  C CB   . CYS A 1 27 ? 6.044   -6.508  3.159   1.00 0.40 ? 27 CYS A CB   1 
ATOM 403  S SG   . CYS A 1 27 ? 4.730   -5.473  2.468   1.00 1.20 ? 27 CYS A SG   1 
ATOM 404  H H    . CYS A 1 27 ? 5.134   -7.240  5.450   1.00 0.35 ? 27 CYS A H    1 
ATOM 405  H HA   . CYS A 1 27 ? 4.711   -8.136  2.730   1.00 0.37 ? 27 CYS A HA   1 
ATOM 406  H HB2  . CYS A 1 27 ? 6.400   -6.070  4.080   1.00 0.78 ? 27 CYS A HB2  1 
ATOM 407  H HB3  . CYS A 1 27 ? 6.860   -6.574  2.454   1.00 0.83 ? 27 CYS A HB3  1 
ATOM 408  H HG   . CYS A 1 27 ? 5.143   -4.745  1.999   1.00 1.65 ? 27 CYS A HG   1 
ATOM 409  N N    . LEU A 1 28 ? 7.314   -9.220  4.361   1.00 0.42 ? 28 LEU A N    1 
ATOM 410  C CA   . LEU A 1 28 ? 8.424   -10.214 4.291   1.00 0.52 ? 28 LEU A CA   1 
ATOM 411  C C    . LEU A 1 28 ? 7.896   -11.526 3.707   1.00 0.58 ? 28 LEU A C    1 
ATOM 412  O O    . LEU A 1 28 ? 8.515   -12.130 2.855   1.00 1.29 ? 28 LEU A O    1 
ATOM 413  C CB   . LEU A 1 28 ? 8.964   -10.471 5.702   1.00 0.72 ? 28 LEU A CB   1 
ATOM 414  C CG   . LEU A 1 28 ? 10.138  -9.533  6.008   1.00 0.55 ? 28 LEU A CG   1 
ATOM 415  C CD1  . LEU A 1 28 ? 9.917   -8.171  5.346   1.00 1.22 ? 28 LEU A CD1  1 
ATOM 416  C CD2  . LEU A 1 28 ? 10.243  -9.342  7.522   1.00 1.05 ? 28 LEU A CD2  1 
ATOM 417  H H    . LEU A 1 28 ? 7.107   -8.778  5.212   1.00 0.41 ? 28 LEU A H    1 
ATOM 418  H HA   . LEU A 1 28 ? 9.212   -9.837  3.660   1.00 0.53 ? 28 LEU A HA   1 
ATOM 419  H HB2  . LEU A 1 28 ? 8.175   -10.303 6.422   1.00 1.26 ? 28 LEU A HB2  1 
ATOM 420  H HB3  . LEU A 1 28 ? 9.299   -11.496 5.773   1.00 1.14 ? 28 LEU A HB3  1 
ATOM 421  H HG   . LEU A 1 28 ? 11.054  -9.969  5.635   1.00 1.21 ? 28 LEU A HG   1 
ATOM 422  H HD11 . LEU A 1 28 ? 8.882   -7.886  5.446   1.00 1.73 ? 28 LEU A HD11 1 
ATOM 423  H HD12 . LEU A 1 28 ? 10.540  -7.433  5.827   1.00 1.73 ? 28 LEU A HD12 1 
ATOM 424  H HD13 . LEU A 1 28 ? 10.174  -8.232  4.301   1.00 1.79 ? 28 LEU A HD13 1 
ATOM 425  H HD21 . LEU A 1 28 ? 9.284   -9.031  7.912   1.00 1.50 ? 28 LEU A HD21 1 
ATOM 426  H HD22 . LEU A 1 28 ? 10.533  -10.274 7.983   1.00 1.73 ? 28 LEU A HD22 1 
ATOM 427  H HD23 . LEU A 1 28 ? 10.982  -8.585  7.739   1.00 1.61 ? 28 LEU A HD23 1 
ATOM 428  N N    . GLY A 1 29 ? 6.757   -11.974 4.159   1.00 1.03 ? 29 GLY A N    1 
ATOM 429  C CA   . GLY A 1 29 ? 6.196   -13.247 3.628   1.00 1.11 ? 29 GLY A CA   1 
ATOM 430  C C    . GLY A 1 29 ? 5.034   -12.939 2.683   1.00 1.09 ? 29 GLY A C    1 
ATOM 431  O O    . GLY A 1 29 ? 3.990   -13.558 2.748   1.00 1.60 ? 29 GLY A O    1 
ATOM 432  H H    . GLY A 1 29 ? 6.272   -11.473 4.848   1.00 1.70 ? 29 GLY A H    1 
ATOM 433  H HA2  . GLY A 1 29 ? 6.966   -13.783 3.092   1.00 1.16 ? 29 GLY A HA2  1 
ATOM 434  H HA3  . GLY A 1 29 ? 5.838   -13.852 4.447   1.00 1.19 ? 29 GLY A HA3  1 
ATOM 435  N N    . ARG A 1 30 ? 5.205   -11.990 1.804   1.00 0.67 ? 30 ARG A N    1 
ATOM 436  C CA   . ARG A 1 30 ? 4.105   -11.649 0.857   1.00 0.70 ? 30 ARG A CA   1 
ATOM 437  C C    . ARG A 1 30 ? 4.679   -10.920 -0.359  1.00 0.60 ? 30 ARG A C    1 
ATOM 438  O O    . ARG A 1 30 ? 4.659   -11.425 -1.464  1.00 0.70 ? 30 ARG A O    1 
ATOM 439  C CB   . ARG A 1 30 ? 3.088   -10.749 1.561   1.00 0.75 ? 30 ARG A CB   1 
ATOM 440  C CG   . ARG A 1 30 ? 1.696   -10.997 0.976   1.00 1.19 ? 30 ARG A CG   1 
ATOM 441  C CD   . ARG A 1 30 ? 0.634   -10.450 1.932   1.00 1.28 ? 30 ARG A CD   1 
ATOM 442  N NE   . ARG A 1 30 ? -0.714  -10.903 1.489   1.00 1.57 ? 30 ARG A NE   1 
ATOM 443  C CZ   . ARG A 1 30 ? -1.004  -12.177 1.480   1.00 1.81 ? 30 ARG A CZ   1 
ATOM 444  N NH1  . ARG A 1 30 ? -1.427  -12.756 2.570   1.00 2.39 ? 30 ARG A NH1  1 
ATOM 445  N NH2  . ARG A 1 30 ? -0.869  -12.869 0.382   1.00 2.35 ? 30 ARG A NH2  1 
ATOM 446  H H    . ARG A 1 30 ? 6.056   -11.503 1.767   1.00 0.65 ? 30 ARG A H    1 
ATOM 447  H HA   . ARG A 1 30 ? 3.617   -12.557 0.534   1.00 0.86 ? 30 ARG A HA   1 
ATOM 448  H HB2  . ARG A 1 30 ? 3.080   -10.971 2.618   1.00 0.94 ? 30 ARG A HB2  1 
ATOM 449  H HB3  . ARG A 1 30 ? 3.359   -9.715  1.413   1.00 0.85 ? 30 ARG A HB3  1 
ATOM 450  H HG2  . ARG A 1 30 ? 1.612   -10.497 0.021   1.00 1.81 ? 30 ARG A HG2  1 
ATOM 451  H HG3  . ARG A 1 30 ? 1.544   -12.057 0.842   1.00 1.80 ? 30 ARG A HG3  1 
ATOM 452  H HD2  . ARG A 1 30 ? 0.826   -10.815 2.931   1.00 1.69 ? 30 ARG A HD2  1 
ATOM 453  H HD3  . ARG A 1 30 ? 0.669   -9.370  1.930   1.00 1.80 ? 30 ARG A HD3  1 
ATOM 454  H HE   . ARG A 1 30 ? -1.383  -10.247 1.203   1.00 2.13 ? 30 ARG A HE   1 
ATOM 455  H HH11 . ARG A 1 30 ? -1.529  -12.225 3.411   1.00 2.71 ? 30 ARG A HH11 1 
ATOM 456  H HH12 . ARG A 1 30 ? -1.648  -13.731 2.563   1.00 2.90 ? 30 ARG A HH12 1 
ATOM 457  H HH21 . ARG A 1 30 ? -0.544  -12.424 -0.453  1.00 2.69 ? 30 ARG A HH21 1 
ATOM 458  H HH22 . ARG A 1 30 ? -1.091  -13.844 0.376   1.00 2.83 ? 30 ARG A HH22 1 
ATOM 459  N N    . VAL A 1 31 ? 5.188   -9.733  -0.168  1.00 0.50 ? 31 VAL A N    1 
ATOM 460  C CA   . VAL A 1 31 ? 5.758   -8.975  -1.317  1.00 0.51 ? 31 VAL A CA   1 
ATOM 461  C C    . VAL A 1 31 ? 7.168   -9.486  -1.623  1.00 0.62 ? 31 VAL A C    1 
ATOM 462  O O    . VAL A 1 31 ? 7.393   -10.159 -2.609  1.00 0.85 ? 31 VAL A O    1 
ATOM 463  C CB   . VAL A 1 31 ? 5.820   -7.487  -0.964  1.00 0.49 ? 31 VAL A CB   1 
ATOM 464  C CG1  . VAL A 1 31 ? 6.492   -6.719  -2.104  1.00 0.68 ? 31 VAL A CG1  1 
ATOM 465  C CG2  . VAL A 1 31 ? 4.401   -6.954  -0.760  1.00 0.56 ? 31 VAL A CG2  1 
ATOM 466  H H    . VAL A 1 31 ? 5.194   -9.341  0.730   1.00 0.48 ? 31 VAL A H    1 
ATOM 467  H HA   . VAL A 1 31 ? 5.131   -9.112  -2.184  1.00 0.57 ? 31 VAL A HA   1 
ATOM 468  H HB   . VAL A 1 31 ? 6.391   -7.355  -0.056  1.00 0.47 ? 31 VAL A HB   1 
ATOM 469  H HG11 . VAL A 1 31 ? 6.687   -7.392  -2.925  1.00 1.23 ? 31 VAL A HG11 1 
ATOM 470  H HG12 . VAL A 1 31 ? 5.841   -5.924  -2.436  1.00 1.39 ? 31 VAL A HG12 1 
ATOM 471  H HG13 . VAL A 1 31 ? 7.423   -6.299  -1.755  1.00 1.12 ? 31 VAL A HG13 1 
ATOM 472  H HG21 . VAL A 1 31 ? 3.722   -7.472  -1.422  1.00 1.10 ? 31 VAL A HG21 1 
ATOM 473  H HG22 . VAL A 1 31 ? 4.099   -7.116  0.265   1.00 1.15 ? 31 VAL A HG22 1 
ATOM 474  H HG23 . VAL A 1 31 ? 4.378   -5.895  -0.978  1.00 1.19 ? 31 VAL A HG23 1 
ATOM 475  N N    . GLY A 1 32 ? 8.120   -9.174  -0.786  1.00 0.57 ? 32 GLY A N    1 
ATOM 476  C CA   . GLY A 1 32 ? 9.512   -9.643  -1.033  1.00 0.71 ? 32 GLY A CA   1 
ATOM 477  C C    . GLY A 1 32 ? 10.482  -8.843  -0.162  1.00 0.73 ? 32 GLY A C    1 
ATOM 478  O O    . GLY A 1 32 ? 10.399  -7.635  -0.073  1.00 1.37 ? 32 GLY A O    1 
ATOM 479  H H    . GLY A 1 32 ? 7.920   -8.631  0.004   1.00 0.54 ? 32 GLY A H    1 
ATOM 480  H HA2  . GLY A 1 32 ? 9.586   -10.694 -0.787  1.00 0.86 ? 32 GLY A HA2  1 
ATOM 481  H HA3  . GLY A 1 32 ? 9.764   -9.497  -2.072  1.00 0.76 ? 32 GLY A HA3  1 
ATOM 482  N N    . LYS A 1 33 ? 11.401  -9.509  0.482   1.00 0.55 ? 33 LYS A N    1 
ATOM 483  C CA   . LYS A 1 33 ? 12.376  -8.786  1.348   1.00 0.56 ? 33 LYS A CA   1 
ATOM 484  C C    . LYS A 1 33 ? 13.271  -7.899  0.480   1.00 0.51 ? 33 LYS A C    1 
ATOM 485  O O    . LYS A 1 33 ? 13.559  -6.769  0.821   1.00 0.53 ? 33 LYS A O    1 
ATOM 486  C CB   . LYS A 1 33 ? 13.239  -9.802  2.099   1.00 0.76 ? 33 LYS A CB   1 
ATOM 487  C CG   . LYS A 1 33 ? 12.643  -10.054 3.485   1.00 1.12 ? 33 LYS A CG   1 
ATOM 488  C CD   . LYS A 1 33 ? 13.550  -11.009 4.263   1.00 1.24 ? 33 LYS A CD   1 
ATOM 489  C CE   . LYS A 1 33 ? 12.700  -11.875 5.194   1.00 1.78 ? 33 LYS A CE   1 
ATOM 490  N NZ   . LYS A 1 33 ? 13.462  -13.101 5.565   1.00 2.59 ? 33 LYS A NZ   1 
ATOM 491  H H    . LYS A 1 33 ? 11.450  -10.483 0.397   1.00 0.96 ? 33 LYS A H    1 
ATOM 492  H HA   . LYS A 1 33 ? 11.841  -8.173  2.058   1.00 0.55 ? 33 LYS A HA   1 
ATOM 493  H HB2  . LYS A 1 33 ? 13.269  -10.729 1.544   1.00 1.13 ? 33 LYS A HB2  1 
ATOM 494  H HB3  . LYS A 1 33 ? 14.241  -9.414  2.205   1.00 1.02 ? 33 LYS A HB3  1 
ATOM 495  H HG2  . LYS A 1 33 ? 12.563  -9.118  4.017   1.00 1.61 ? 33 LYS A HG2  1 
ATOM 496  H HG3  . LYS A 1 33 ? 11.664  -10.495 3.381   1.00 1.69 ? 33 LYS A HG3  1 
ATOM 497  H HD2  . LYS A 1 33 ? 14.086  -11.641 3.571   1.00 1.70 ? 33 LYS A HD2  1 
ATOM 498  H HD3  . LYS A 1 33 ? 14.254  -10.438 4.850   1.00 1.58 ? 33 LYS A HD3  1 
ATOM 499  H HE2  . LYS A 1 33 ? 12.459  -11.317 6.087   1.00 2.02 ? 33 LYS A HE2  1 
ATOM 500  H HE3  . LYS A 1 33 ? 11.787  -12.158 4.689   1.00 2.17 ? 33 LYS A HE3  1 
ATOM 501  H HZ1  . LYS A 1 33 ? 14.389  -13.088 5.096   1.00 3.00 ? 33 LYS A HZ1  1 
ATOM 502  H HZ2  . LYS A 1 33 ? 13.596  -13.127 6.595   1.00 2.98 ? 33 LYS A HZ2  1 
ATOM 503  H HZ3  . LYS A 1 33 ? 12.931  -13.943 5.262   1.00 2.96 ? 33 LYS A HZ3  1 
ATOM 504  N N    . ARG A 1 34 ? 13.717  -8.402  -0.638  1.00 0.56 ? 34 ARG A N    1 
ATOM 505  C CA   . ARG A 1 34 ? 14.594  -7.588  -1.525  1.00 0.63 ? 34 ARG A CA   1 
ATOM 506  C C    . ARG A 1 34 ? 13.857  -6.315  -1.947  1.00 0.55 ? 34 ARG A C    1 
ATOM 507  O O    . ARG A 1 34 ? 14.436  -5.249  -2.024  1.00 0.59 ? 34 ARG A O    1 
ATOM 508  C CB   . ARG A 1 34 ? 14.959  -8.402  -2.768  1.00 0.79 ? 34 ARG A CB   1 
ATOM 509  C CG   . ARG A 1 34 ? 16.456  -8.717  -2.755  1.00 1.15 ? 34 ARG A CG   1 
ATOM 510  C CD   . ARG A 1 34 ? 17.000  -8.674  -4.184  1.00 1.52 ? 34 ARG A CD   1 
ATOM 511  N NE   . ARG A 1 34 ? 17.072  -10.060 -4.729  1.00 2.06 ? 34 ARG A NE   1 
ATOM 512  C CZ   . ARG A 1 34 ? 18.231  -10.598 -4.992  1.00 2.55 ? 34 ARG A CZ   1 
ATOM 513  N NH1  . ARG A 1 34 ? 19.070  -9.987  -5.782  1.00 3.22 ? 34 ARG A NH1  1 
ATOM 514  N NH2  . ARG A 1 34 ? 18.551  -11.748 -4.462  1.00 3.02 ? 34 ARG A NH2  1 
ATOM 515  H H    . ARG A 1 34 ? 13.474  -9.317  -0.895  1.00 0.63 ? 34 ARG A H    1 
ATOM 516  H HA   . ARG A 1 34 ? 15.496  -7.322  -0.992  1.00 0.67 ? 34 ARG A HA   1 
ATOM 517  H HB2  . ARG A 1 34 ? 14.396  -9.324  -2.772  1.00 1.33 ? 34 ARG A HB2  1 
ATOM 518  H HB3  . ARG A 1 34 ? 14.721  -7.832  -3.654  1.00 1.21 ? 34 ARG A HB3  1 
ATOM 519  H HG2  . ARG A 1 34 ? 16.972  -7.986  -2.150  1.00 1.78 ? 34 ARG A HG2  1 
ATOM 520  H HG3  . ARG A 1 34 ? 16.612  -9.702  -2.341  1.00 1.74 ? 34 ARG A HG3  1 
ATOM 521  H HD2  . ARG A 1 34 ? 16.344  -8.078  -4.801  1.00 1.92 ? 34 ARG A HD2  1 
ATOM 522  H HD3  . ARG A 1 34 ? 17.988  -8.238  -4.180  1.00 2.08 ? 34 ARG A HD3  1 
ATOM 523  H HE   . ARG A 1 34 ? 16.249  -10.566 -4.892  1.00 2.56 ? 34 ARG A HE   1 
ATOM 524  H HH11 . ARG A 1 34 ? 18.826  -9.106  -6.187  1.00 3.43 ? 34 ARG A HH11 1 
ATOM 525  H HH12 . ARG A 1 34 ? 19.959  -10.400 -5.983  1.00 3.84 ? 34 ARG A HH12 1 
ATOM 526  H HH21 . ARG A 1 34 ? 17.908  -12.216 -3.857  1.00 3.14 ? 34 ARG A HH21 1 
ATOM 527  H HH22 . ARG A 1 34 ? 19.440  -12.160 -4.663  1.00 3.63 ? 34 ARG A HH22 1 
ATOM 528  N N    . LYS A 1 35 ? 12.586  -6.416  -2.222  1.00 0.50 ? 35 LYS A N    1 
ATOM 529  C CA   . LYS A 1 35 ? 11.817  -5.210  -2.640  1.00 0.48 ? 35 LYS A CA   1 
ATOM 530  C C    . LYS A 1 35 ? 11.717  -4.235  -1.465  1.00 0.40 ? 35 LYS A C    1 
ATOM 531  O O    . LYS A 1 35 ? 11.715  -3.033  -1.642  1.00 0.44 ? 35 LYS A O    1 
ATOM 532  C CB   . LYS A 1 35 ? 10.412  -5.628  -3.077  1.00 0.50 ? 35 LYS A CB   1 
ATOM 533  C CG   . LYS A 1 35 ? 10.506  -6.506  -4.327  1.00 0.79 ? 35 LYS A CG   1 
ATOM 534  C CD   . LYS A 1 35 ? 9.350   -6.174  -5.273  1.00 1.05 ? 35 LYS A CD   1 
ATOM 535  C CE   . LYS A 1 35 ? 9.907   -5.643  -6.594  1.00 1.50 ? 35 LYS A CE   1 
ATOM 536  N NZ   . LYS A 1 35 ? 9.970   -6.753  -7.588  1.00 2.01 ? 35 LYS A NZ   1 
ATOM 537  H H    . LYS A 1 35 ? 12.138  -7.285  -2.155  1.00 0.50 ? 35 LYS A H    1 
ATOM 538  H HA   . LYS A 1 35 ? 12.322  -4.729  -3.465  1.00 0.54 ? 35 LYS A HA   1 
ATOM 539  H HB2  . LYS A 1 35 ? 9.938   -6.184  -2.281  1.00 0.53 ? 35 LYS A HB2  1 
ATOM 540  H HB3  . LYS A 1 35 ? 9.827   -4.749  -3.301  1.00 0.63 ? 35 LYS A HB3  1 
ATOM 541  H HG2  . LYS A 1 35 ? 11.446  -6.321  -4.826  1.00 1.43 ? 35 LYS A HG2  1 
ATOM 542  H HG3  . LYS A 1 35 ? 10.448  -7.546  -4.042  1.00 1.44 ? 35 LYS A HG3  1 
ATOM 543  H HD2  . LYS A 1 35 ? 8.769   -7.066  -5.458  1.00 1.66 ? 35 LYS A HD2  1 
ATOM 544  H HD3  . LYS A 1 35 ? 8.720   -5.421  -4.822  1.00 1.69 ? 35 LYS A HD3  1 
ATOM 545  H HE2  . LYS A 1 35 ? 9.264   -4.861  -6.968  1.00 2.08 ? 35 LYS A HE2  1 
ATOM 546  H HE3  . LYS A 1 35 ? 10.900  -5.248  -6.434  1.00 1.90 ? 35 LYS A HE3  1 
ATOM 547  H HZ1  . LYS A 1 35 ? 9.982   -7.665  -7.087  1.00 2.28 ? 35 LYS A HZ1  1 
ATOM 548  H HZ2  . LYS A 1 35 ? 9.138   -6.709  -8.210  1.00 2.61 ? 35 LYS A HZ2  1 
ATOM 549  H HZ3  . LYS A 1 35 ? 10.833  -6.659  -8.159  1.00 2.35 ? 35 LYS A HZ3  1 
ATOM 550  N N    . LEU A 1 36 ? 11.632  -4.743  -0.266  1.00 0.36 ? 36 LEU A N    1 
ATOM 551  C CA   . LEU A 1 36 ? 11.531  -3.844  0.917   1.00 0.37 ? 36 LEU A CA   1 
ATOM 552  C C    . LEU A 1 36 ? 12.848  -3.087  1.098   1.00 0.42 ? 36 LEU A C    1 
ATOM 553  O O    . LEU A 1 36 ? 12.873  -1.978  1.594   1.00 0.50 ? 36 LEU A O    1 
ATOM 554  C CB   . LEU A 1 36 ? 11.244  -4.677  2.168   1.00 0.43 ? 36 LEU A CB   1 
ATOM 555  C CG   . LEU A 1 36 ? 9.740   -4.938  2.271   1.00 0.42 ? 36 LEU A CG   1 
ATOM 556  C CD1  . LEU A 1 36 ? 9.499   -6.348  2.810   1.00 0.70 ? 36 LEU A CD1  1 
ATOM 557  C CD2  . LEU A 1 36 ? 9.109   -3.916  3.221   1.00 0.64 ? 36 LEU A CD2  1 
ATOM 558  H H    . LEU A 1 36 ? 11.634  -5.716  -0.144  1.00 0.38 ? 36 LEU A H    1 
ATOM 559  H HA   . LEU A 1 36 ? 10.728  -3.137  0.764   1.00 0.36 ? 36 LEU A HA   1 
ATOM 560  H HB2  . LEU A 1 36 ? 11.771  -5.618  2.101   1.00 0.47 ? 36 LEU A HB2  1 
ATOM 561  H HB3  . LEU A 1 36 ? 11.576  -4.138  3.043   1.00 0.52 ? 36 LEU A HB3  1 
ATOM 562  H HG   . LEU A 1 36 ? 9.292   -4.846  1.292   1.00 0.51 ? 36 LEU A HG   1 
ATOM 563  H HD11 . LEU A 1 36 ? 10.436  -6.884  2.850   1.00 1.35 ? 36 LEU A HD11 1 
ATOM 564  H HD12 . LEU A 1 36 ? 9.076   -6.288  3.801   1.00 1.24 ? 36 LEU A HD12 1 
ATOM 565  H HD13 . LEU A 1 36 ? 8.815   -6.871  2.157   1.00 1.18 ? 36 LEU A HD13 1 
ATOM 566  H HD21 . LEU A 1 36 ? 9.872   -3.508  3.869   1.00 1.26 ? 36 LEU A HD21 1 
ATOM 567  H HD22 . LEU A 1 36 ? 8.662   -3.119  2.646   1.00 1.26 ? 36 LEU A HD22 1 
ATOM 568  H HD23 . LEU A 1 36 ? 8.351   -4.399  3.818   1.00 1.21 ? 36 LEU A HD23 1 
ATOM 569  N N    . GLU A 1 37 ? 13.943  -3.675  0.700   1.00 0.44 ? 37 GLU A N    1 
ATOM 570  C CA   . GLU A 1 37 ? 15.254  -2.983  0.850   1.00 0.52 ? 37 GLU A CA   1 
ATOM 571  C C    . GLU A 1 37 ? 15.190  -1.615  0.167   1.00 0.47 ? 37 GLU A C    1 
ATOM 572  O O    . GLU A 1 37 ? 15.860  -0.682  0.562   1.00 0.54 ? 37 GLU A O    1 
ATOM 573  C CB   . GLU A 1 37 ? 16.354  -3.828  0.202   1.00 0.63 ? 37 GLU A CB   1 
ATOM 574  C CG   . GLU A 1 37 ? 16.810  -4.912  1.181   1.00 1.33 ? 37 GLU A CG   1 
ATOM 575  C CD   . GLU A 1 37 ? 18.331  -5.063  1.102   1.00 1.79 ? 37 GLU A CD   1 
ATOM 576  O OE1  . GLU A 1 37 ? 19.019  -4.140  1.504   1.00 2.41 ? 37 GLU A OE1  1 
ATOM 577  O OE2  . GLU A 1 37 ? 18.780  -6.099  0.641   1.00 2.19 ? 37 GLU A OE2  1 
ATOM 578  H H    . GLU A 1 37 ? 13.903  -4.569  0.302   1.00 0.46 ? 37 GLU A H    1 
ATOM 579  H HA   . GLU A 1 37 ? 15.472  -2.852  1.900   1.00 0.57 ? 37 GLU A HA   1 
ATOM 580  H HB2  . GLU A 1 37 ? 15.970  -4.290  -0.696  1.00 1.09 ? 37 GLU A HB2  1 
ATOM 581  H HB3  . GLU A 1 37 ? 17.192  -3.195  -0.048  1.00 1.23 ? 37 GLU A HB3  1 
ATOM 582  H HG2  . GLU A 1 37 ? 16.526  -4.633  2.185   1.00 1.90 ? 37 GLU A HG2  1 
ATOM 583  H HG3  . GLU A 1 37 ? 16.344  -5.850  0.922   1.00 1.78 ? 37 GLU A HG3  1 
ATOM 584  N N    . ARG A 1 38 ? 14.389  -1.488  -0.855  1.00 0.46 ? 38 ARG A N    1 
ATOM 585  C CA   . ARG A 1 38 ? 14.283  -0.180  -1.562  1.00 0.42 ? 38 ARG A CA   1 
ATOM 586  C C    . ARG A 1 38 ? 13.095  0.610   -1.005  1.00 0.34 ? 38 ARG A C    1 
ATOM 587  O O    . ARG A 1 38 ? 13.090  1.825   -1.011  1.00 0.34 ? 38 ARG A O    1 
ATOM 588  C CB   . ARG A 1 38 ? 14.077  -0.424  -3.058  1.00 0.43 ? 38 ARG A CB   1 
ATOM 589  C CG   . ARG A 1 38 ? 15.341  -1.046  -3.653  1.00 0.67 ? 38 ARG A CG   1 
ATOM 590  C CD   . ARG A 1 38 ? 15.752  -0.271  -4.905  1.00 1.13 ? 38 ARG A CD   1 
ATOM 591  N NE   . ARG A 1 38 ? 16.921  -0.940  -5.542  1.00 1.51 ? 38 ARG A NE   1 
ATOM 592  C CZ   . ARG A 1 38 ? 17.200  -0.710  -6.796  1.00 1.88 ? 38 ARG A CZ   1 
ATOM 593  N NH1  . ARG A 1 38 ? 17.979  0.285   -7.119  1.00 2.49 ? 38 ARG A NH1  1 
ATOM 594  N NH2  . ARG A 1 38 ? 16.702  -1.478  -7.726  1.00 2.41 ? 38 ARG A NH2  1 
ATOM 595  H H    . ARG A 1 38 ? 13.856  -2.252  -1.159  1.00 0.54 ? 38 ARG A H    1 
ATOM 596  H HA   . ARG A 1 38 ? 15.191  0.384   -1.411  1.00 0.49 ? 38 ARG A HA   1 
ATOM 597  H HB2  . ARG A 1 38 ? 13.242  -1.095  -3.201  1.00 0.46 ? 38 ARG A HB2  1 
ATOM 598  H HB3  . ARG A 1 38 ? 13.873  0.514   -3.552  1.00 0.49 ? 38 ARG A HB3  1 
ATOM 599  H HG2  . ARG A 1 38 ? 16.139  -1.005  -2.925  1.00 1.06 ? 38 ARG A HG2  1 
ATOM 600  H HG3  . ARG A 1 38 ? 15.147  -2.075  -3.916  1.00 1.13 ? 38 ARG A HG3  1 
ATOM 601  H HD2  . ARG A 1 38 ? 14.927  -0.247  -5.601  1.00 1.77 ? 38 ARG A HD2  1 
ATOM 602  H HD3  . ARG A 1 38 ? 16.020  0.740   -4.631  1.00 1.67 ? 38 ARG A HD3  1 
ATOM 603  H HE   . ARG A 1 38 ? 17.480  -1.552  -5.018  1.00 2.08 ? 38 ARG A HE   1 
ATOM 604  H HH11 . ARG A 1 38 ? 18.362  0.873   -6.407  1.00 2.84 ? 38 ARG A HH11 1 
ATOM 605  H HH12 . ARG A 1 38 ? 18.194  0.461   -8.080  1.00 2.97 ? 38 ARG A HH12 1 
ATOM 606  H HH21 . ARG A 1 38 ? 16.105  -2.240  -7.478  1.00 2.72 ? 38 ARG A HH21 1 
ATOM 607  H HH22 . ARG A 1 38 ? 16.916  -1.302  -8.686  1.00 2.89 ? 38 ARG A HH22 1 
ATOM 608  N N    . VAL A 1 39 ? 12.088  -0.070  -0.524  1.00 0.32 ? 39 VAL A N    1 
ATOM 609  C CA   . VAL A 1 39 ? 10.903  0.644   0.033   1.00 0.28 ? 39 VAL A CA   1 
ATOM 610  C C    . VAL A 1 39 ? 11.362  1.635   1.105   1.00 0.34 ? 39 VAL A C    1 
ATOM 611  O O    . VAL A 1 39 ? 12.257  1.361   1.878   1.00 0.46 ? 39 VAL A O    1 
ATOM 612  C CB   . VAL A 1 39 ? 9.941   -0.373  0.651   1.00 0.35 ? 39 VAL A CB   1 
ATOM 613  C CG1  . VAL A 1 39 ? 10.208  -0.491  2.153   1.00 0.51 ? 39 VAL A CG1  1 
ATOM 614  C CG2  . VAL A 1 39 ? 8.500   0.092   0.427   1.00 0.61 ? 39 VAL A CG2  1 
ATOM 615  H H    . VAL A 1 39 ? 12.112  -1.050  -0.528  1.00 0.36 ? 39 VAL A H    1 
ATOM 616  H HA   . VAL A 1 39 ? 10.398  1.179   -0.759  1.00 0.23 ? 39 VAL A HA   1 
ATOM 617  H HB   . VAL A 1 39 ? 10.086  -1.336  0.184   1.00 0.50 ? 39 VAL A HB   1 
ATOM 618  H HG11 . VAL A 1 39 ? 11.269  -0.595  2.324   1.00 1.24 ? 39 VAL A HG11 1 
ATOM 619  H HG12 . VAL A 1 39 ? 9.848   0.395   2.654   1.00 1.15 ? 39 VAL A HG12 1 
ATOM 620  H HG13 . VAL A 1 39 ? 9.696   -1.358  2.542   1.00 1.11 ? 39 VAL A HG13 1 
ATOM 621  H HG21 . VAL A 1 39 ? 8.497   1.139   0.163   1.00 1.25 ? 39 VAL A HG21 1 
ATOM 622  H HG22 . VAL A 1 39 ? 8.058   -0.483  -0.373  1.00 1.33 ? 39 VAL A HG22 1 
ATOM 623  H HG23 . VAL A 1 39 ? 7.930   -0.053  1.333   1.00 1.01 ? 39 VAL A HG23 1 
ATOM 624  N N    . GLN A 1 40 ? 10.752  2.787   1.157   1.00 0.38 ? 40 GLN A N    1 
ATOM 625  C CA   . GLN A 1 40 ? 11.150  3.799   2.177   1.00 0.49 ? 40 GLN A CA   1 
ATOM 626  C C    . GLN A 1 40 ? 9.896   4.496   2.707   1.00 0.51 ? 40 GLN A C    1 
ATOM 627  O O    . GLN A 1 40 ? 9.714   4.649   3.898   1.00 0.96 ? 40 GLN A O    1 
ATOM 628  C CB   . GLN A 1 40 ? 12.080  4.832   1.538   1.00 0.62 ? 40 GLN A CB   1 
ATOM 629  C CG   . GLN A 1 40 ? 13.292  4.122   0.931   1.00 1.18 ? 40 GLN A CG   1 
ATOM 630  C CD   . GLN A 1 40 ? 14.520  5.028   1.031   1.00 1.48 ? 40 GLN A CD   1 
ATOM 631  O OE1  . GLN A 1 40 ? 14.863  5.491   2.100   1.00 1.74 ? 40 GLN A OE1  1 
ATOM 632  N NE2  . GLN A 1 40 ? 15.202  5.304   -0.048  1.00 2.16 ? 40 GLN A NE2  1 
ATOM 633  H H    . GLN A 1 40 ? 10.032  2.989   0.524   1.00 0.42 ? 40 GLN A H    1 
ATOM 634  H HA   . GLN A 1 40 ? 11.661  3.307   2.992   1.00 0.54 ? 40 GLN A HA   1 
ATOM 635  H HB2  . GLN A 1 40 ? 11.548  5.364   0.762   1.00 1.12 ? 40 GLN A HB2  1 
ATOM 636  H HB3  . GLN A 1 40 ? 12.414  5.530   2.290   1.00 1.15 ? 40 GLN A HB3  1 
ATOM 637  H HG2  . GLN A 1 40 ? 13.478  3.202   1.469   1.00 1.64 ? 40 GLN A HG2  1 
ATOM 638  H HG3  . GLN A 1 40 ? 13.096  3.897   -0.107  1.00 1.64 ? 40 GLN A HG3  1 
ATOM 639  H HE21 . GLN A 1 40 ? 14.925  4.930   -0.911  1.00 2.67 ? 40 GLN A HE21 1 
ATOM 640  H HE22 . GLN A 1 40 ? 15.990  5.884   0.005   1.00 2.41 ? 40 GLN A HE22 1 
ATOM 641  N N    . SER A 1 41 ? 9.031   4.918   1.827   1.00 0.44 ? 41 SER A N    1 
ATOM 642  C CA   . SER A 1 41 ? 7.786   5.603   2.273   1.00 0.38 ? 41 SER A CA   1 
ATOM 643  C C    . SER A 1 41 ? 6.575   4.773   1.844   1.00 0.34 ? 41 SER A C    1 
ATOM 644  O O    . SER A 1 41 ? 6.689   3.598   1.554   1.00 0.35 ? 41 SER A O    1 
ATOM 645  C CB   . SER A 1 41 ? 7.709   6.990   1.631   1.00 0.44 ? 41 SER A CB   1 
ATOM 646  O OG   . SER A 1 41 ? 8.916   7.248   0.924   1.00 1.40 ? 41 SER A OG   1 
ATOM 647  H H    . SER A 1 41 ? 9.199   4.782   0.871   1.00 0.75 ? 41 SER A H    1 
ATOM 648  H HA   . SER A 1 41 ? 7.794   5.703   3.348   1.00 0.38 ? 41 SER A HA   1 
ATOM 649  H HB2  . SER A 1 41 ? 6.881   7.025   0.942   1.00 1.07 ? 41 SER A HB2  1 
ATOM 650  H HB3  . SER A 1 41 ? 7.565   7.735   2.401   1.00 1.17 ? 41 SER A HB3  1 
ATOM 651  H HG   . SER A 1 41 ? 8.739   7.931   0.274   1.00 1.67 ? 41 SER A HG   1 
ATOM 652  N N    . GLY A 1 42 ? 5.415   5.369   1.802   1.00 0.34 ? 42 GLY A N    1 
ATOM 653  C CA   . GLY A 1 42 ? 4.204   4.606   1.390   1.00 0.34 ? 42 GLY A CA   1 
ATOM 654  C C    . GLY A 1 42 ? 4.149   4.522   -0.136  1.00 0.29 ? 42 GLY A C    1 
ATOM 655  O O    . GLY A 1 42 ? 3.858   3.487   -0.701  1.00 0.29 ? 42 GLY A O    1 
ATOM 656  H H    . GLY A 1 42 ? 5.342   6.317   2.039   1.00 0.38 ? 42 GLY A H    1 
ATOM 657  H HA2  . GLY A 1 42 ? 4.247   3.610   1.806   1.00 0.35 ? 42 GLY A HA2  1 
ATOM 658  H HA3  . GLY A 1 42 ? 3.321   5.110   1.751   1.00 0.39 ? 42 GLY A HA3  1 
ATOM 659  N N    . LEU A 1 43 ? 4.426   5.606   -0.808  1.00 0.26 ? 43 LEU A N    1 
ATOM 660  C CA   . LEU A 1 43 ? 4.390   5.593   -2.298  1.00 0.24 ? 43 LEU A CA   1 
ATOM 661  C C    . LEU A 1 43 ? 5.463   4.645   -2.848  1.00 0.21 ? 43 LEU A C    1 
ATOM 662  O O    . LEU A 1 43 ? 5.408   4.241   -3.992  1.00 0.21 ? 43 LEU A O    1 
ATOM 663  C CB   . LEU A 1 43 ? 4.641   7.007   -2.824  1.00 0.25 ? 43 LEU A CB   1 
ATOM 664  C CG   . LEU A 1 43 ? 3.315   7.632   -3.264  1.00 0.29 ? 43 LEU A CG   1 
ATOM 665  C CD1  . LEU A 1 43 ? 2.739   6.836   -4.436  1.00 0.35 ? 43 LEU A CD1  1 
ATOM 666  C CD2  . LEU A 1 43 ? 2.326   7.603   -2.094  1.00 0.38 ? 43 LEU A CD2  1 
ATOM 667  H H    . LEU A 1 43 ? 4.658   6.431   -0.332  1.00 0.28 ? 43 LEU A H    1 
ATOM 668  H HA   . LEU A 1 43 ? 3.417   5.257   -2.628  1.00 0.25 ? 43 LEU A HA   1 
ATOM 669  H HB2  . LEU A 1 43 ? 5.082   7.609   -2.042  1.00 0.34 ? 43 LEU A HB2  1 
ATOM 670  H HB3  . LEU A 1 43 ? 5.313   6.964   -3.668  1.00 0.28 ? 43 LEU A HB3  1 
ATOM 671  H HG   . LEU A 1 43 ? 3.484   8.654   -3.571  1.00 0.32 ? 43 LEU A HG   1 
ATOM 672  H HD11 . LEU A 1 43 ? 3.544   6.493   -5.069  1.00 1.08 ? 43 LEU A HD11 1 
ATOM 673  H HD12 . LEU A 1 43 ? 2.189   5.987   -4.059  1.00 1.10 ? 43 LEU A HD12 1 
ATOM 674  H HD13 . LEU A 1 43 ? 2.075   7.469   -5.008  1.00 1.00 ? 43 LEU A HD13 1 
ATOM 675  H HD21 . LEU A 1 43 ? 2.733   8.164   -1.266  1.00 1.03 ? 43 LEU A HD21 1 
ATOM 676  H HD22 . LEU A 1 43 ? 1.391   8.045   -2.404  1.00 1.15 ? 43 LEU A HD22 1 
ATOM 677  H HD23 . LEU A 1 43 ? 2.158   6.581   -1.790  1.00 1.01 ? 43 LEU A HD23 1 
ATOM 678  N N    . ASP A 1 44 ? 6.437   4.281   -2.054  1.00 0.20 ? 44 ASP A N    1 
ATOM 679  C CA   . ASP A 1 44 ? 7.495   3.359   -2.558  1.00 0.19 ? 44 ASP A CA   1 
ATOM 680  C C    . ASP A 1 44 ? 6.902   1.958   -2.732  1.00 0.19 ? 44 ASP A C    1 
ATOM 681  O O    . ASP A 1 44 ? 6.900   1.403   -3.811  1.00 0.20 ? 44 ASP A O    1 
ATOM 682  C CB   . ASP A 1 44 ? 8.649   3.305   -1.554  1.00 0.21 ? 44 ASP A CB   1 
ATOM 683  C CG   . ASP A 1 44 ? 9.437   4.614   -1.610  1.00 0.26 ? 44 ASP A CG   1 
ATOM 684  O OD1  . ASP A 1 44 ? 8.889   5.630   -1.213  1.00 1.01 ? 44 ASP A OD1  1 
ATOM 685  O OD2  . ASP A 1 44 ? 10.575  4.580   -2.048  1.00 1.14 ? 44 ASP A OD2  1 
ATOM 686  H H    . ASP A 1 44 ? 6.475   4.611   -1.133  1.00 0.22 ? 44 ASP A H    1 
ATOM 687  H HA   . ASP A 1 44 ? 7.860   3.715   -3.509  1.00 0.19 ? 44 ASP A HA   1 
ATOM 688  H HB2  . ASP A 1 44 ? 8.254   3.162   -0.559  1.00 0.25 ? 44 ASP A HB2  1 
ATOM 689  H HB3  . ASP A 1 44 ? 9.303   2.482   -1.803  1.00 0.25 ? 44 ASP A HB3  1 
ATOM 690  N N    . LEU A 1 45 ? 6.398   1.385   -1.673  1.00 0.21 ? 45 LEU A N    1 
ATOM 691  C CA   . LEU A 1 45 ? 5.802   0.022   -1.773  1.00 0.22 ? 45 LEU A CA   1 
ATOM 692  C C    . LEU A 1 45 ? 4.648   0.033   -2.781  1.00 0.22 ? 45 LEU A C    1 
ATOM 693  O O    . LEU A 1 45 ? 4.432   -0.921  -3.500  1.00 0.24 ? 45 LEU A O    1 
ATOM 694  C CB   . LEU A 1 45 ? 5.271   -0.404  -0.401  1.00 0.25 ? 45 LEU A CB   1 
ATOM 695  C CG   . LEU A 1 45 ? 4.897   -1.886  -0.434  1.00 0.29 ? 45 LEU A CG   1 
ATOM 696  C CD1  . LEU A 1 45 ? 6.170   -2.735  -0.405  1.00 0.32 ? 45 LEU A CD1  1 
ATOM 697  C CD2  . LEU A 1 45 ? 4.036   -2.220  0.786   1.00 0.33 ? 45 LEU A CD2  1 
ATOM 698  H H    . LEU A 1 45 ? 6.410   1.851   -0.812  1.00 0.24 ? 45 LEU A H    1 
ATOM 699  H HA   . LEU A 1 45 ? 6.557   -0.678  -2.098  1.00 0.23 ? 45 LEU A HA   1 
ATOM 700  H HB2  . LEU A 1 45 ? 6.032   -0.239  0.346   1.00 0.26 ? 45 LEU A HB2  1 
ATOM 701  H HB3  . LEU A 1 45 ? 4.395   0.180   -0.159  1.00 0.30 ? 45 LEU A HB3  1 
ATOM 702  H HG   . LEU A 1 45 ? 4.343   -2.098  -1.337  1.00 0.36 ? 45 LEU A HG   1 
ATOM 703  H HD11 . LEU A 1 45 ? 6.984   -2.150  -0.003  1.00 1.06 ? 45 LEU A HD11 1 
ATOM 704  H HD12 . LEU A 1 45 ? 6.010   -3.603  0.217   1.00 1.08 ? 45 LEU A HD12 1 
ATOM 705  H HD13 . LEU A 1 45 ? 6.414   -3.051  -1.409  1.00 1.06 ? 45 LEU A HD13 1 
ATOM 706  H HD21 . LEU A 1 45 ? 3.384   -1.387  1.006   1.00 1.12 ? 45 LEU A HD21 1 
ATOM 707  H HD22 . LEU A 1 45 ? 3.441   -3.097  0.577   1.00 1.05 ? 45 LEU A HD22 1 
ATOM 708  H HD23 . LEU A 1 45 ? 4.674   -2.412  1.636   1.00 1.03 ? 45 LEU A HD23 1 
ATOM 709  N N    . PHE A 1 46 ? 3.903   1.105   -2.839  1.00 0.24 ? 46 PHE A N    1 
ATOM 710  C CA   . PHE A 1 46 ? 2.765   1.170   -3.801  1.00 0.25 ? 46 PHE A CA   1 
ATOM 711  C C    . PHE A 1 46 ? 3.300   1.260   -5.234  1.00 0.26 ? 46 PHE A C    1 
ATOM 712  O O    . PHE A 1 46 ? 2.660   0.831   -6.173  1.00 0.30 ? 46 PHE A O    1 
ATOM 713  C CB   . PHE A 1 46 ? 1.910   2.408   -3.506  1.00 0.27 ? 46 PHE A CB   1 
ATOM 714  C CG   . PHE A 1 46 ? 1.461   2.402   -2.059  1.00 0.31 ? 46 PHE A CG   1 
ATOM 715  C CD1  . PHE A 1 46 ? 1.291   1.189   -1.375  1.00 1.26 ? 46 PHE A CD1  1 
ATOM 716  C CD2  . PHE A 1 46 ? 1.209   3.613   -1.403  1.00 1.26 ? 46 PHE A CD2  1 
ATOM 717  C CE1  . PHE A 1 46 ? 0.870   1.191   -0.040  1.00 1.29 ? 46 PHE A CE1  1 
ATOM 718  C CE2  . PHE A 1 46 ? 0.790   3.614   -0.068  1.00 1.27 ? 46 PHE A CE2  1 
ATOM 719  C CZ   . PHE A 1 46 ? 0.620   2.402   0.612   1.00 0.46 ? 46 PHE A CZ   1 
ATOM 720  H H    . PHE A 1 46 ? 4.091   1.865   -2.250  1.00 0.28 ? 46 PHE A H    1 
ATOM 721  H HA   . PHE A 1 46 ? 2.159   0.283   -3.705  1.00 0.26 ? 46 PHE A HA   1 
ATOM 722  H HB2  . PHE A 1 46 ? 2.491   3.297   -3.695  1.00 0.26 ? 46 PHE A HB2  1 
ATOM 723  H HB3  . PHE A 1 46 ? 1.043   2.406   -4.149  1.00 0.31 ? 46 PHE A HB3  1 
ATOM 724  H HD1  . PHE A 1 46 ? 1.482   0.253   -1.874  1.00 2.17 ? 46 PHE A HD1  1 
ATOM 725  H HD2  . PHE A 1 46 ? 1.341   4.548   -1.928  1.00 2.17 ? 46 PHE A HD2  1 
ATOM 726  H HE1  . PHE A 1 46 ? 0.739   0.257   0.485   1.00 2.20 ? 46 PHE A HE1  1 
ATOM 727  H HE2  . PHE A 1 46 ? 0.595   4.548   0.437   1.00 2.18 ? 46 PHE A HE2  1 
ATOM 728  H HZ   . PHE A 1 46 ? 0.294   2.401   1.642   1.00 0.53 ? 46 PHE A HZ   1 
ATOM 729  N N    . SER A 1 47 ? 4.467   1.814   -5.410  1.00 0.26 ? 47 SER A N    1 
ATOM 730  C CA   . SER A 1 47 ? 5.039   1.933   -6.782  1.00 0.29 ? 47 SER A CA   1 
ATOM 731  C C    . SER A 1 47 ? 5.556   0.569   -7.247  1.00 0.28 ? 47 SER A C    1 
ATOM 732  O O    . SER A 1 47 ? 5.516   0.245   -8.418  1.00 0.35 ? 47 SER A O    1 
ATOM 733  C CB   . SER A 1 47 ? 6.191   2.937   -6.769  1.00 0.34 ? 47 SER A CB   1 
ATOM 734  O OG   . SER A 1 47 ? 6.647   3.147   -8.099  1.00 0.89 ? 47 SER A OG   1 
ATOM 735  H H    . SER A 1 47 ? 4.968   2.157   -4.641  1.00 0.26 ? 47 SER A H    1 
ATOM 736  H HA   . SER A 1 47 ? 4.272   2.275   -7.462  1.00 0.33 ? 47 SER A HA   1 
ATOM 737  H HB2  . SER A 1 47 ? 5.852   3.872   -6.358  1.00 0.62 ? 47 SER A HB2  1 
ATOM 738  H HB3  . SER A 1 47 ? 6.997   2.549   -6.158  1.00 0.64 ? 47 SER A HB3  1 
ATOM 739  H HG   . SER A 1 47 ? 6.009   3.708   -8.545  1.00 1.22 ? 47 SER A HG   1 
ATOM 740  N N    . MET A 1 48 ? 6.046   -0.233  -6.341  1.00 0.29 ? 48 MET A N    1 
ATOM 741  C CA   . MET A 1 48 ? 6.566   -1.573  -6.736  1.00 0.30 ? 48 MET A CA   1 
ATOM 742  C C    . MET A 1 48 ? 5.398   -2.492  -7.100  1.00 0.28 ? 48 MET A C    1 
ATOM 743  O O    . MET A 1 48 ? 5.376   -3.097  -8.153  1.00 0.34 ? 48 MET A O    1 
ATOM 744  C CB   . MET A 1 48 ? 7.348   -2.178  -5.568  1.00 0.37 ? 48 MET A CB   1 
ATOM 745  C CG   . MET A 1 48 ? 8.654   -1.407  -5.374  1.00 1.05 ? 48 MET A CG   1 
ATOM 746  S SD   . MET A 1 48 ? 9.830   -2.431  -4.456  1.00 1.48 ? 48 MET A SD   1 
ATOM 747  C CE   . MET A 1 48 ? 9.703   -1.561  -2.875  1.00 0.80 ? 48 MET A CE   1 
ATOM 748  H H    . MET A 1 48 ? 6.071   0.046   -5.401  1.00 0.36 ? 48 MET A H    1 
ATOM 749  H HA   . MET A 1 48 ? 7.219   -1.467  -7.590  1.00 0.33 ? 48 MET A HA   1 
ATOM 750  H HB2  . MET A 1 48 ? 6.755   -2.118  -4.668  1.00 0.97 ? 48 MET A HB2  1 
ATOM 751  H HB3  . MET A 1 48 ? 7.572   -3.213  -5.783  1.00 0.92 ? 48 MET A HB3  1 
ATOM 752  H HG2  . MET A 1 48 ? 9.071   -1.156  -6.339  1.00 1.61 ? 48 MET A HG2  1 
ATOM 753  H HG3  . MET A 1 48 ? 8.458   -0.501  -4.820  1.00 1.73 ? 48 MET A HG3  1 
ATOM 754  H HE1  . MET A 1 48 ? 8.818   -0.945  -2.871  1.00 1.32 ? 48 MET A HE1  1 
ATOM 755  H HE2  . MET A 1 48 ? 9.641   -2.282  -2.072  1.00 1.37 ? 48 MET A HE2  1 
ATOM 756  H HE3  . MET A 1 48 ? 10.574  -0.935  -2.739  1.00 1.38 ? 48 MET A HE3  1 
ATOM 757  N N    . LEU A 1 49 ? 4.426   -2.602  -6.236  1.00 0.28 ? 49 LEU A N    1 
ATOM 758  C CA   . LEU A 1 49 ? 3.260   -3.482  -6.533  1.00 0.32 ? 49 LEU A CA   1 
ATOM 759  C C    . LEU A 1 49 ? 2.632   -3.062  -7.863  1.00 0.28 ? 49 LEU A C    1 
ATOM 760  O O    . LEU A 1 49 ? 2.451   -3.865  -8.757  1.00 0.42 ? 49 LEU A O    1 
ATOM 761  C CB   . LEU A 1 49 ? 2.224   -3.349  -5.415  1.00 0.40 ? 49 LEU A CB   1 
ATOM 762  C CG   . LEU A 1 49 ? 2.840   -3.799  -4.089  1.00 0.38 ? 49 LEU A CG   1 
ATOM 763  C CD1  . LEU A 1 49 ? 1.944   -3.356  -2.931  1.00 0.89 ? 49 LEU A CD1  1 
ATOM 764  C CD2  . LEU A 1 49 ? 2.967   -5.324  -4.079  1.00 0.61 ? 49 LEU A CD2  1 
ATOM 765  H H    . LEU A 1 49 ? 4.462   -2.105  -5.394  1.00 0.32 ? 49 LEU A H    1 
ATOM 766  H HA   . LEU A 1 49 ? 3.591   -4.508  -6.598  1.00 0.37 ? 49 LEU A HA   1 
ATOM 767  H HB2  . LEU A 1 49 ? 1.910   -2.318  -5.336  1.00 0.52 ? 49 LEU A HB2  1 
ATOM 768  H HB3  . LEU A 1 49 ? 1.369   -3.970  -5.641  1.00 0.60 ? 49 LEU A HB3  1 
ATOM 769  H HG   . LEU A 1 49 ? 3.817   -3.353  -3.977  1.00 0.73 ? 49 LEU A HG   1 
ATOM 770  H HD11 . LEU A 1 49 ? 0.909   -3.512  -3.196  1.00 1.40 ? 49 LEU A HD11 1 
ATOM 771  H HD12 . LEU A 1 49 ? 2.182   -3.935  -2.051  1.00 1.53 ? 49 LEU A HD12 1 
ATOM 772  H HD13 . LEU A 1 49 ? 2.110   -2.308  -2.728  1.00 1.44 ? 49 LEU A HD13 1 
ATOM 773  H HD21 . LEU A 1 49 ? 2.654   -5.718  -5.034  1.00 1.30 ? 49 LEU A HD21 1 
ATOM 774  H HD22 . LEU A 1 49 ? 3.996   -5.598  -3.896  1.00 1.27 ? 49 LEU A HD22 1 
ATOM 775  H HD23 . LEU A 1 49 ? 2.343   -5.732  -3.298  1.00 1.10 ? 49 LEU A HD23 1 
ATOM 776  N N    . LEU A 1 50 ? 2.297   -1.808  -8.002  1.00 0.29 ? 50 LEU A N    1 
ATOM 777  C CA   . LEU A 1 50 ? 1.681   -1.337  -9.274  1.00 0.33 ? 50 LEU A CA   1 
ATOM 778  C C    . LEU A 1 50 ? 2.597   -1.693  -10.448 1.00 0.36 ? 50 LEU A C    1 
ATOM 779  O O    . LEU A 1 50 ? 2.145   -1.917  -11.554 1.00 0.42 ? 50 LEU A O    1 
ATOM 780  C CB   . LEU A 1 50 ? 1.490   0.180   -9.216  1.00 0.41 ? 50 LEU A CB   1 
ATOM 781  C CG   . LEU A 1 50 ? 1.067   0.696   -10.593 1.00 0.69 ? 50 LEU A CG   1 
ATOM 782  C CD1  . LEU A 1 50 ? -0.173  -0.064  -11.066 1.00 1.25 ? 50 LEU A CD1  1 
ATOM 783  C CD2  . LEU A 1 50 ? 0.745   2.189   -10.497 1.00 0.46 ? 50 LEU A CD2  1 
ATOM 784  H H    . LEU A 1 50 ? 2.451   -1.177  -7.269  1.00 0.39 ? 50 LEU A H    1 
ATOM 785  H HA   . LEU A 1 50 ? 0.721   -1.816  -9.409  1.00 0.34 ? 50 LEU A HA   1 
ATOM 786  H HB2  . LEU A 1 50 ? 0.725   0.418   -8.491  1.00 0.48 ? 50 LEU A HB2  1 
ATOM 787  H HB3  . LEU A 1 50 ? 2.418   0.648   -8.927  1.00 0.41 ? 50 LEU A HB3  1 
ATOM 788  H HG   . LEU A 1 50 ? 1.873   0.544   -11.297 1.00 1.18 ? 50 LEU A HG   1 
ATOM 789  H HD11 . LEU A 1 50 ? -0.948  0.011   -10.318 1.00 1.81 ? 50 LEU A HD11 1 
ATOM 790  H HD12 . LEU A 1 50 ? -0.525  0.364   -11.993 1.00 1.76 ? 50 LEU A HD12 1 
ATOM 791  H HD13 . LEU A 1 50 ? 0.079   -1.103  -11.221 1.00 1.60 ? 50 LEU A HD13 1 
ATOM 792  H HD21 . LEU A 1 50 ? 0.386   2.417   -9.505  1.00 1.04 ? 50 LEU A HD21 1 
ATOM 793  H HD22 . LEU A 1 50 ? 1.636   2.764   -10.699 1.00 1.15 ? 50 LEU A HD22 1 
ATOM 794  H HD23 . LEU A 1 50 ? -0.017  2.439   -11.221 1.00 1.16 ? 50 LEU A HD23 1 
ATOM 795  N N    . GLU A 1 51 ? 3.880   -1.748  -10.217 1.00 0.36 ? 51 GLU A N    1 
ATOM 796  C CA   . GLU A 1 51 ? 4.821   -2.090  -11.319 1.00 0.45 ? 51 GLU A CA   1 
ATOM 797  C C    . GLU A 1 51 ? 4.440   -3.447  -11.914 1.00 0.49 ? 51 GLU A C    1 
ATOM 798  O O    . GLU A 1 51 ? 4.116   -3.556  -13.080 1.00 0.59 ? 51 GLU A O    1 
ATOM 799  C CB   . GLU A 1 51 ? 6.248   -2.156  -10.769 1.00 0.48 ? 51 GLU A CB   1 
ATOM 800  C CG   . GLU A 1 51 ? 7.190   -1.387  -11.697 1.00 0.91 ? 51 GLU A CG   1 
ATOM 801  C CD   . GLU A 1 51 ? 8.641   -1.729  -11.351 1.00 1.28 ? 51 GLU A CD   1 
ATOM 802  O OE1  . GLU A 1 51 ? 8.851   -2.740  -10.702 1.00 1.98 ? 51 GLU A OE1  1 
ATOM 803  O OE2  . GLU A 1 51 ? 9.516   -0.974  -11.741 1.00 1.94 ? 51 GLU A OE2  1 
ATOM 804  H H    . GLU A 1 51 ? 4.223   -1.565  -9.318  1.00 0.34 ? 51 GLU A H    1 
ATOM 805  H HA   . GLU A 1 51 ? 4.767   -1.332  -12.087 1.00 0.51 ? 51 GLU A HA   1 
ATOM 806  H HB2  . GLU A 1 51 ? 6.274   -1.718  -9.782  1.00 0.71 ? 51 GLU A HB2  1 
ATOM 807  H HB3  . GLU A 1 51 ? 6.564   -3.188  -10.713 1.00 0.79 ? 51 GLU A HB3  1 
ATOM 808  H HG2  . GLU A 1 51 ? 6.989   -1.661  -12.721 1.00 1.60 ? 51 GLU A HG2  1 
ATOM 809  H HG3  . GLU A 1 51 ? 7.033   -0.326  -11.570 1.00 1.57 ? 51 GLU A HG3  1 
ATOM 810  N N    . GLN A 1 52 ? 4.474   -4.483  -11.121 1.00 0.48 ? 52 GLN A N    1 
ATOM 811  C CA   . GLN A 1 52 ? 4.113   -5.831  -11.642 1.00 0.57 ? 52 GLN A CA   1 
ATOM 812  C C    . GLN A 1 52 ? 3.939   -6.801  -10.471 1.00 0.57 ? 52 GLN A C    1 
ATOM 813  O O    . GLN A 1 52 ? 4.869   -7.464  -10.057 1.00 0.73 ? 52 GLN A O    1 
ATOM 814  C CB   . GLN A 1 52 ? 5.227   -6.339  -12.561 1.00 0.70 ? 52 GLN A CB   1 
ATOM 815  C CG   . GLN A 1 52 ? 4.631   -7.272  -13.616 1.00 1.19 ? 52 GLN A CG   1 
ATOM 816  C CD   . GLN A 1 52 ? 5.721   -7.684  -14.607 1.00 1.66 ? 52 GLN A CD   1 
ATOM 817  O OE1  . GLN A 1 52 ? 6.056   -6.936  -15.505 1.00 2.22 ? 52 GLN A OE1  1 
ATOM 818  N NE2  . GLN A 1 52 ? 6.292   -8.850  -14.483 1.00 2.21 ? 52 GLN A NE2  1 
ATOM 819  H H    . GLN A 1 52 ? 4.739   -4.374  -10.183 1.00 0.47 ? 52 GLN A H    1 
ATOM 820  H HA   . GLN A 1 52 ? 3.190   -5.767  -12.196 1.00 0.57 ? 52 GLN A HA   1 
ATOM 821  H HB2  . GLN A 1 52 ? 5.701   -5.498  -13.049 1.00 0.92 ? 52 GLN A HB2  1 
ATOM 822  H HB3  . GLN A 1 52 ? 5.958   -6.877  -11.978 1.00 0.97 ? 52 GLN A HB3  1 
ATOM 823  H HG2  . GLN A 1 52 ? 4.232   -8.152  -13.133 1.00 1.62 ? 52 GLN A HG2  1 
ATOM 824  H HG3  . GLN A 1 52 ? 3.841   -6.761  -14.145 1.00 1.53 ? 52 GLN A HG3  1 
ATOM 825  H HE21 . GLN A 1 52 ? 6.022   -9.454  -13.759 1.00 2.56 ? 52 GLN A HE21 1 
ATOM 826  H HE22 . GLN A 1 52 ? 6.991   -9.123  -15.113 1.00 2.64 ? 52 GLN A HE22 1 
ATOM 827  N N    . ASN A 1 53 ? 2.754   -6.889  -9.933  1.00 0.51 ? 53 ASN A N    1 
ATOM 828  C CA   . ASN A 1 53 ? 2.520   -7.816  -8.789  1.00 0.52 ? 53 ASN A CA   1 
ATOM 829  C C    . ASN A 1 53 ? 1.018   -7.938  -8.531  1.00 0.50 ? 53 ASN A C    1 
ATOM 830  O O    . ASN A 1 53 ? 0.413   -8.958  -8.793  1.00 0.58 ? 53 ASN A O    1 
ATOM 831  C CB   . ASN A 1 53 ? 3.209   -7.266  -7.538  1.00 0.48 ? 53 ASN A CB   1 
ATOM 832  C CG   . ASN A 1 53 ? 4.573   -7.940  -7.368  1.00 0.87 ? 53 ASN A CG   1 
ATOM 833  O OD1  . ASN A 1 53 ? 5.593   -7.357  -7.676  1.00 1.54 ? 53 ASN A OD1  1 
ATOM 834  N ND2  . ASN A 1 53 ? 4.633   -9.150  -6.887  1.00 1.35 ? 53 ASN A ND2  1 
ATOM 835  H H    . ASN A 1 53 ? 2.016   -6.346  -10.281 1.00 0.56 ? 53 ASN A H    1 
ATOM 836  H HA   . ASN A 1 53 ? 2.926   -8.789  -9.026  1.00 0.61 ? 53 ASN A HA   1 
ATOM 837  H HB2  . ASN A 1 53 ? 3.343   -6.200  -7.640  1.00 0.50 ? 53 ASN A HB2  1 
ATOM 838  H HB3  . ASN A 1 53 ? 2.599   -7.472  -6.672  1.00 0.62 ? 53 ASN A HB3  1 
ATOM 839  H HD21 . ASN A 1 53 ? 3.810   -9.621  -6.638  1.00 1.90 ? 53 ASN A HD21 1 
ATOM 840  H HD22 . ASN A 1 53 ? 5.501   -9.591  -6.774  1.00 1.56 ? 53 ASN A HD22 1 
ATOM 841  N N    . ASP A 1 54 ? 0.410   -6.903  -8.017  1.00 0.42 ? 54 ASP A N    1 
ATOM 842  C CA   . ASP A 1 54 ? -1.053  -6.959  -7.741  1.00 0.42 ? 54 ASP A CA   1 
ATOM 843  C C    . ASP A 1 54 ? -1.543  -5.575  -7.308  1.00 0.39 ? 54 ASP A C    1 
ATOM 844  O O    . ASP A 1 54 ? -1.885  -5.358  -6.162  1.00 0.44 ? 54 ASP A O    1 
ATOM 845  C CB   . ASP A 1 54 ? -1.324  -7.969  -6.624  1.00 0.46 ? 54 ASP A CB   1 
ATOM 846  C CG   . ASP A 1 54 ? -2.779  -8.434  -6.697  1.00 0.71 ? 54 ASP A CG   1 
ATOM 847  O OD1  . ASP A 1 54 ? -3.534  -7.839  -7.448  1.00 1.38 ? 54 ASP A OD1  1 
ATOM 848  O OD2  . ASP A 1 54 ? -3.114  -9.379  -6.002  1.00 1.37 ? 54 ASP A OD2  1 
ATOM 849  H H    . ASP A 1 54 ? 0.915   -6.090  -7.813  1.00 0.40 ? 54 ASP A H    1 
ATOM 850  H HA   . ASP A 1 54 ? -1.577  -7.262  -8.636  1.00 0.44 ? 54 ASP A HA   1 
ATOM 851  H HB2  . ASP A 1 54 ? -0.666  -8.819  -6.741  1.00 0.62 ? 54 ASP A HB2  1 
ATOM 852  H HB3  . ASP A 1 54 ? -1.145  -7.504  -5.667  1.00 0.55 ? 54 ASP A HB3  1 
ATOM 853  N N    . LEU A 1 55 ? -1.579  -4.637  -8.215  1.00 0.36 ? 55 LEU A N    1 
ATOM 854  C CA   . LEU A 1 55 ? -2.046  -3.268  -7.855  1.00 0.35 ? 55 LEU A CA   1 
ATOM 855  C C    . LEU A 1 55 ? -2.326  -2.475  -9.132  1.00 0.36 ? 55 LEU A C    1 
ATOM 856  O O    . LEU A 1 55 ? -1.438  -2.213  -9.919  1.00 0.46 ? 55 LEU A O    1 
ATOM 857  C CB   . LEU A 1 55 ? -0.962  -2.558  -7.041  1.00 0.33 ? 55 LEU A CB   1 
ATOM 858  C CG   . LEU A 1 55 ? -1.607  -1.776  -5.896  1.00 0.29 ? 55 LEU A CG   1 
ATOM 859  C CD1  . LEU A 1 55 ? -0.727  -1.877  -4.650  1.00 0.42 ? 55 LEU A CD1  1 
ATOM 860  C CD2  . LEU A 1 55 ? -1.750  -0.305  -6.298  1.00 0.39 ? 55 LEU A CD2  1 
ATOM 861  H H    . LEU A 1 55 ? -1.299  -4.833  -9.133  1.00 0.39 ? 55 LEU A H    1 
ATOM 862  H HA   . LEU A 1 55 ? -2.950  -3.339  -7.268  1.00 0.37 ? 55 LEU A HA   1 
ATOM 863  H HB2  . LEU A 1 55 ? -0.278  -3.291  -6.636  1.00 0.42 ? 55 LEU A HB2  1 
ATOM 864  H HB3  . LEU A 1 55 ? -0.421  -1.876  -7.680  1.00 0.42 ? 55 LEU A HB3  1 
ATOM 865  H HG   . LEU A 1 55 ? -2.583  -2.189  -5.681  1.00 0.35 ? 55 LEU A HG   1 
ATOM 866  H HD11 . LEU A 1 55 ? -0.551  -2.917  -4.418  1.00 1.08 ? 55 LEU A HD11 1 
ATOM 867  H HD12 . LEU A 1 55 ? 0.216   -1.385  -4.834  1.00 1.05 ? 55 LEU A HD12 1 
ATOM 868  H HD13 . LEU A 1 55 ? -1.225  -1.402  -3.818  1.00 1.11 ? 55 LEU A HD13 1 
ATOM 869  H HD21 . LEU A 1 55 ? -0.961  -0.044  -6.989  1.00 1.09 ? 55 LEU A HD21 1 
ATOM 870  H HD22 . LEU A 1 55 ? -2.708  -0.153  -6.772  1.00 1.01 ? 55 LEU A HD22 1 
ATOM 871  H HD23 . LEU A 1 55 ? -1.678  0.317   -5.419  1.00 1.09 ? 55 LEU A HD23 1 
ATOM 872  N N    . GLU A 1 56 ? -3.555  -2.089  -9.346  1.00 0.36 ? 56 GLU A N    1 
ATOM 873  C CA   . GLU A 1 56 ? -3.889  -1.313  -10.573 1.00 0.40 ? 56 GLU A CA   1 
ATOM 874  C C    . GLU A 1 56 ? -5.330  -0.802  -10.475 1.00 0.34 ? 56 GLU A C    1 
ATOM 875  O O    . GLU A 1 56 ? -6.120  -1.330  -9.720  1.00 0.45 ? 56 GLU A O    1 
ATOM 876  C CB   . GLU A 1 56 ? -3.750  -2.218  -11.799 1.00 0.62 ? 56 GLU A CB   1 
ATOM 877  C CG   . GLU A 1 56 ? -4.417  -3.565  -11.517 1.00 1.11 ? 56 GLU A CG   1 
ATOM 878  C CD   . GLU A 1 56 ? -4.495  -4.380  -12.809 1.00 1.14 ? 56 GLU A CD   1 
ATOM 879  O OE1  . GLU A 1 56 ? -4.185  -3.830  -13.853 1.00 1.62 ? 56 GLU A OE1  1 
ATOM 880  O OE2  . GLU A 1 56 ? -4.863  -5.540  -12.733 1.00 1.50 ? 56 GLU A OE2  1 
ATOM 881  H H    . GLU A 1 56 ? -4.257  -2.311  -8.700  1.00 0.41 ? 56 GLU A H    1 
ATOM 882  H HA   . GLU A 1 56 ? -3.211  -0.477  -10.663 1.00 0.51 ? 56 GLU A HA   1 
ATOM 883  H HB2  . GLU A 1 56 ? -4.228  -1.752  -12.648 1.00 1.39 ? 56 GLU A HB2  1 
ATOM 884  H HB3  . GLU A 1 56 ? -2.704  -2.376  -12.016 1.00 1.07 ? 56 GLU A HB3  1 
ATOM 885  H HG2  . GLU A 1 56 ? -3.837  -4.107  -10.783 1.00 1.60 ? 56 GLU A HG2  1 
ATOM 886  H HG3  . GLU A 1 56 ? -5.414  -3.401  -11.136 1.00 1.83 ? 56 GLU A HG3  1 
ATOM 887  N N    . PRO A 1 57 ? -5.627  0.214   -11.245 1.00 0.36 ? 57 PRO A N    1 
ATOM 888  C CA   . PRO A 1 57 ? -6.960  0.827   -11.277 1.00 0.50 ? 57 PRO A CA   1 
ATOM 889  C C    . PRO A 1 57 ? -8.033  -0.254  -11.433 1.00 0.67 ? 57 PRO A C    1 
ATOM 890  O O    . PRO A 1 57 ? -8.367  -0.656  -12.530 1.00 1.52 ? 57 PRO A O    1 
ATOM 891  C CB   . PRO A 1 57 ? -6.961  1.754   -12.488 1.00 0.59 ? 57 PRO A CB   1 
ATOM 892  C CG   . PRO A 1 57 ? -5.459  2.082   -12.672 1.00 0.52 ? 57 PRO A CG   1 
ATOM 893  C CD   . PRO A 1 57 ? -4.661  0.856   -12.164 1.00 0.45 ? 57 PRO A CD   1 
ATOM 894  H HA   . PRO A 1 57 ? -7.131  1.399   -10.379 1.00 0.59 ? 57 PRO A HA   1 
ATOM 895  H HB2  . PRO A 1 57 ? -7.357  1.243   -13.358 1.00 0.87 ? 57 PRO A HB2  1 
ATOM 896  H HB3  . PRO A 1 57 ? -7.514  2.655   -12.284 1.00 0.92 ? 57 PRO A HB3  1 
ATOM 897  H HG2  . PRO A 1 57 ? -5.246  2.256   -13.718 1.00 0.81 ? 57 PRO A HG2  1 
ATOM 898  H HG3  . PRO A 1 57 ? -5.197  2.952   -12.091 1.00 0.82 ? 57 PRO A HG3  1 
ATOM 899  H HD2  . PRO A 1 57 ? -4.406  0.198   -12.984 1.00 0.57 ? 57 PRO A HD2  1 
ATOM 900  H HD3  . PRO A 1 57 ? -3.779  1.166   -11.627 1.00 0.53 ? 57 PRO A HD3  1 
ATOM 901  N N    . GLY A 1 58 ? -8.576  -0.726  -10.344 1.00 0.70 ? 58 GLY A N    1 
ATOM 902  C CA   . GLY A 1 58 ? -9.627  -1.780  -10.433 1.00 0.72 ? 58 GLY A CA   1 
ATOM 903  C C    . GLY A 1 58 ? -9.029  -3.135  -10.052 1.00 0.71 ? 58 GLY A C    1 
ATOM 904  O O    . GLY A 1 58 ? -9.367  -4.154  -10.620 1.00 1.24 ? 58 GLY A O    1 
ATOM 905  H H    . GLY A 1 58 ? -8.294  -0.388  -9.469  1.00 1.32 ? 58 GLY A H    1 
ATOM 906  H HA2  . GLY A 1 58 ? -10.436 -1.538  -9.757  1.00 0.83 ? 58 GLY A HA2  1 
ATOM 907  H HA3  . GLY A 1 58 ? -10.005 -1.827  -11.443 1.00 0.75 ? 58 GLY A HA3  1 
ATOM 908  N N    . HIS A 1 59 ? -8.142  -3.155  -9.095  1.00 0.45 ? 59 HIS A N    1 
ATOM 909  C CA   . HIS A 1 59 ? -7.524  -4.445  -8.679  1.00 0.50 ? 59 HIS A CA   1 
ATOM 910  C C    . HIS A 1 59 ? -6.538  -4.195  -7.536  1.00 0.50 ? 59 HIS A C    1 
ATOM 911  O O    . HIS A 1 59 ? -5.400  -4.620  -7.580  1.00 1.11 ? 59 HIS A O    1 
ATOM 912  C CB   . HIS A 1 59 ? -6.784  -5.062  -9.868  1.00 0.70 ? 59 HIS A CB   1 
ATOM 913  C CG   . HIS A 1 59 ? -6.989  -6.552  -9.869  1.00 1.07 ? 59 HIS A CG   1 
ATOM 914  N ND1  . HIS A 1 59 ? -7.290  -7.256  -11.023 1.00 1.70 ? 59 HIS A ND1  1 
ATOM 915  C CD2  . HIS A 1 59 ? -6.940  -7.485  -8.862  1.00 1.69 ? 59 HIS A CD2  1 
ATOM 916  C CE1  . HIS A 1 59 ? -7.410  -8.553  -10.688 1.00 1.86 ? 59 HIS A CE1  1 
ATOM 917  N NE2  . HIS A 1 59 ? -7.206  -8.748  -9.382  1.00 1.86 ? 59 HIS A NE2  1 
ATOM 918  H H    . HIS A 1 59 ? -7.883  -2.321  -8.649  1.00 0.71 ? 59 HIS A H    1 
ATOM 919  H HA   . HIS A 1 59 ? -8.296  -5.123  -8.345  1.00 0.59 ? 59 HIS A HA   1 
ATOM 920  H HB2  . HIS A 1 59 ? -7.168  -4.646  -10.787 1.00 0.68 ? 59 HIS A HB2  1 
ATOM 921  H HB3  . HIS A 1 59 ? -5.729  -4.845  -9.787  1.00 0.88 ? 59 HIS A HB3  1 
ATOM 922  H HD1  . HIS A 1 59 ? -7.397  -6.878  -11.921 1.00 2.33 ? 59 HIS A HD1  1 
ATOM 923  H HD2  . HIS A 1 59 ? -6.727  -7.271  -7.826  1.00 2.38 ? 59 HIS A HD2  1 
ATOM 924  H HE1  . HIS A 1 59 ? -7.643  -9.342  -11.388 1.00 2.41 ? 59 HIS A HE1  1 
ATOM 925  N N    . THR A 1 60 ? -6.965  -3.507  -6.513  1.00 0.44 ? 60 THR A N    1 
ATOM 926  C CA   . THR A 1 60 ? -6.053  -3.230  -5.367  1.00 0.33 ? 60 THR A CA   1 
ATOM 927  C C    . THR A 1 60 ? -6.561  -3.965  -4.125  1.00 0.31 ? 60 THR A C    1 
ATOM 928  O O    . THR A 1 60 ? -6.479  -3.468  -3.020  1.00 0.31 ? 60 THR A O    1 
ATOM 929  C CB   . THR A 1 60 ? -6.024  -1.724  -5.092  1.00 0.32 ? 60 THR A CB   1 
ATOM 930  O OG1  . THR A 1 60 ? -7.346  -1.208  -5.156  1.00 0.55 ? 60 THR A OG1  1 
ATOM 931  C CG2  . THR A 1 60 ? -5.151  -1.029  -6.139  1.00 0.43 ? 60 THR A CG2  1 
ATOM 932  H H    . THR A 1 60 ? -7.886  -3.174  -6.497  1.00 0.94 ? 60 THR A H    1 
ATOM 933  H HA   . THR A 1 60 ? -5.058  -3.573  -5.607  1.00 0.39 ? 60 THR A HA   1 
ATOM 934  H HB   . THR A 1 60 ? -5.613  -1.545  -4.111  1.00 0.46 ? 60 THR A HB   1 
ATOM 935  H HG1  . THR A 1 60 ? -7.888  -1.703  -4.537  1.00 1.04 ? 60 THR A HG1  1 
ATOM 936  H HG21 . THR A 1 60 ? -4.709  -1.770  -6.789  1.00 1.11 ? 60 THR A HG21 1 
ATOM 937  H HG22 . THR A 1 60 ? -5.758  -0.354  -6.724  1.00 1.06 ? 60 THR A HG22 1 
ATOM 938  H HG23 . THR A 1 60 ? -4.368  -0.473  -5.644  1.00 1.08 ? 60 THR A HG23 1 
ATOM 939  N N    . GLU A 1 61 ? -7.088  -5.145  -4.301  1.00 0.35 ? 61 GLU A N    1 
ATOM 940  C CA   . GLU A 1 61 ? -7.604  -5.913  -3.132  1.00 0.38 ? 61 GLU A CA   1 
ATOM 941  C C    . GLU A 1 61 ? -6.434  -6.362  -2.252  1.00 0.34 ? 61 GLU A C    1 
ATOM 942  O O    . GLU A 1 61 ? -6.576  -6.533  -1.058  1.00 0.39 ? 61 GLU A O    1 
ATOM 943  C CB   . GLU A 1 61 ? -8.366  -7.143  -3.629  1.00 0.46 ? 61 GLU A CB   1 
ATOM 944  C CG   . GLU A 1 61 ? -9.805  -6.750  -3.969  1.00 1.16 ? 61 GLU A CG   1 
ATOM 945  C CD   . GLU A 1 61 ? -10.534 -7.950  -4.576  1.00 1.54 ? 61 GLU A CD   1 
ATOM 946  O OE1  . GLU A 1 61 ? -10.729 -8.921  -3.864  1.00 2.18 ? 61 GLU A OE1  1 
ATOM 947  O OE2  . GLU A 1 61 ? -10.883 -7.878  -5.742  1.00 2.01 ? 61 GLU A OE2  1 
ATOM 948  H H    . GLU A 1 61 ? -7.146  -5.526  -5.201  1.00 0.42 ? 61 GLU A H    1 
ATOM 949  H HA   . GLU A 1 61 ? -8.268  -5.287  -2.556  1.00 0.39 ? 61 GLU A HA   1 
ATOM 950  H HB2  . GLU A 1 61 ? -7.881  -7.534  -4.512  1.00 0.97 ? 61 GLU A HB2  1 
ATOM 951  H HB3  . GLU A 1 61 ? -8.375  -7.898  -2.858  1.00 0.95 ? 61 GLU A HB3  1 
ATOM 952  H HG2  . GLU A 1 61 ? -10.315 -6.436  -3.068  1.00 1.76 ? 61 GLU A HG2  1 
ATOM 953  H HG3  . GLU A 1 61 ? -9.799  -5.938  -4.680  1.00 1.79 ? 61 GLU A HG3  1 
ATOM 954  N N    . LEU A 1 62 ? -5.282  -6.556  -2.831  1.00 0.31 ? 62 LEU A N    1 
ATOM 955  C CA   . LEU A 1 62 ? -4.107  -6.996  -2.026  1.00 0.31 ? 62 LEU A CA   1 
ATOM 956  C C    . LEU A 1 62 ? -3.675  -5.871  -1.081  1.00 0.28 ? 62 LEU A C    1 
ATOM 957  O O    . LEU A 1 62 ? -3.616  -6.044  0.121   1.00 0.30 ? 62 LEU A O    1 
ATOM 958  C CB   . LEU A 1 62 ? -2.950  -7.343  -2.966  1.00 0.36 ? 62 LEU A CB   1 
ATOM 959  C CG   . LEU A 1 62 ? -1.817  -7.988  -2.166  1.00 0.46 ? 62 LEU A CG   1 
ATOM 960  C CD1  . LEU A 1 62 ? -1.974  -9.509  -2.194  1.00 0.66 ? 62 LEU A CD1  1 
ATOM 961  C CD2  . LEU A 1 62 ? -0.473  -7.604  -2.790  1.00 0.62 ? 62 LEU A CD2  1 
ATOM 962  H H    . LEU A 1 62 ? -5.188  -6.414  -3.797  1.00 0.34 ? 62 LEU A H    1 
ATOM 963  H HA   . LEU A 1 62 ? -4.374  -7.868  -1.447  1.00 0.32 ? 62 LEU A HA   1 
ATOM 964  H HB2  . LEU A 1 62 ? -3.296  -8.033  -3.722  1.00 0.44 ? 62 LEU A HB2  1 
ATOM 965  H HB3  . LEU A 1 62 ? -2.587  -6.443  -3.438  1.00 0.42 ? 62 LEU A HB3  1 
ATOM 966  H HG   . LEU A 1 62 ? -1.855  -7.641  -1.144  1.00 0.51 ? 62 LEU A HG   1 
ATOM 967  H HD11 . LEU A 1 62 ? -3.017  -9.765  -2.080  1.00 1.33 ? 62 LEU A HD11 1 
ATOM 968  H HD12 . LEU A 1 62 ? -1.610  -9.892  -3.137  1.00 1.05 ? 62 LEU A HD12 1 
ATOM 969  H HD13 . LEU A 1 62 ? -1.405  -9.945  -1.385  1.00 1.28 ? 62 LEU A HD13 1 
ATOM 970  H HD21 . LEU A 1 62 ? -0.567  -6.651  -3.289  1.00 1.26 ? 62 LEU A HD21 1 
ATOM 971  H HD22 . LEU A 1 62 ? 0.276   -7.532  -2.015  1.00 1.33 ? 62 LEU A HD22 1 
ATOM 972  H HD23 . LEU A 1 62 ? -0.179  -8.358  -3.505  1.00 0.96 ? 62 LEU A HD23 1 
ATOM 973  N N    . LEU A 1 63 ? -3.369  -4.720  -1.615  1.00 0.28 ? 63 LEU A N    1 
ATOM 974  C CA   . LEU A 1 63 ? -2.937  -3.587  -0.749  1.00 0.28 ? 63 LEU A CA   1 
ATOM 975  C C    . LEU A 1 63 ? -4.008  -3.295  0.305   1.00 0.26 ? 63 LEU A C    1 
ATOM 976  O O    . LEU A 1 63 ? -3.736  -3.275  1.489   1.00 0.27 ? 63 LEU A O    1 
ATOM 977  C CB   . LEU A 1 63 ? -2.722  -2.342  -1.613  1.00 0.32 ? 63 LEU A CB   1 
ATOM 978  C CG   . LEU A 1 63 ? -2.054  -1.251  -0.776  1.00 0.32 ? 63 LEU A CG   1 
ATOM 979  C CD1  . LEU A 1 63 ? -0.577  -1.595  -0.574  1.00 0.37 ? 63 LEU A CD1  1 
ATOM 980  C CD2  . LEU A 1 63 ? -2.169  0.091   -1.503  1.00 0.38 ? 63 LEU A CD2  1 
ATOM 981  H H    . LEU A 1 63 ? -3.421  -4.602  -2.586  1.00 0.31 ? 63 LEU A H    1 
ATOM 982  H HA   . LEU A 1 63 ? -2.011  -3.845  -0.257  1.00 0.30 ? 63 LEU A HA   1 
ATOM 983  H HB2  . LEU A 1 63 ? -2.091  -2.592  -2.453  1.00 0.39 ? 63 LEU A HB2  1 
ATOM 984  H HB3  . LEU A 1 63 ? -3.675  -1.984  -1.971  1.00 0.36 ? 63 LEU A HB3  1 
ATOM 985  H HG   . LEU A 1 63 ? -2.542  -1.185  0.186   1.00 0.33 ? 63 LEU A HG   1 
ATOM 986  H HD11 . LEU A 1 63 ? -0.409  -2.628  -0.838  1.00 1.01 ? 63 LEU A HD11 1 
ATOM 987  H HD12 . LEU A 1 63 ? 0.030   -0.960  -1.202  1.00 1.08 ? 63 LEU A HD12 1 
ATOM 988  H HD13 . LEU A 1 63 ? -0.309  -1.441  0.460   1.00 1.01 ? 63 LEU A HD13 1 
ATOM 989  H HD21 . LEU A 1 63 ? -1.968  -0.051  -2.555  1.00 1.14 ? 63 LEU A HD21 1 
ATOM 990  H HD22 . LEU A 1 63 ? -3.167  0.483   -1.377  1.00 0.94 ? 63 LEU A HD22 1 
ATOM 991  H HD23 . LEU A 1 63 ? -1.454  0.787   -1.091  1.00 1.03 ? 63 LEU A HD23 1 
ATOM 992  N N    . ARG A 1 64 ? -5.222  -3.064  -0.113  1.00 0.25 ? 64 ARG A N    1 
ATOM 993  C CA   . ARG A 1 64 ? -6.305  -2.769  0.868   1.00 0.27 ? 64 ARG A CA   1 
ATOM 994  C C    . ARG A 1 64 ? -6.383  -3.884  1.913   1.00 0.26 ? 64 ARG A C    1 
ATOM 995  O O    . ARG A 1 64 ? -6.803  -3.667  3.032   1.00 0.28 ? 64 ARG A O    1 
ATOM 996  C CB   . ARG A 1 64 ? -7.644  -2.653  0.132   1.00 0.30 ? 64 ARG A CB   1 
ATOM 997  C CG   . ARG A 1 64 ? -8.477  -3.917  0.359   1.00 0.68 ? 64 ARG A CG   1 
ATOM 998  C CD   . ARG A 1 64 ? -9.698  -3.895  -0.564  1.00 0.97 ? 64 ARG A CD   1 
ATOM 999  N NE   . ARG A 1 64 ? -10.940 -3.980  0.254   1.00 0.91 ? 64 ARG A NE   1 
ATOM 1000 C CZ   . ARG A 1 64 ? -11.733 -5.008  0.131   1.00 1.24 ? 64 ARG A CZ   1 
ATOM 1001 N NH1  . ARG A 1 64 ? -12.451 -5.154  -0.949  1.00 1.99 ? 64 ARG A NH1  1 
ATOM 1002 N NH2  . ARG A 1 64 ? -11.809 -5.893  1.089   1.00 1.78 ? 64 ARG A NH2  1 
ATOM 1003 H H    . ARG A 1 64 ? -5.421  -3.081  -1.073  1.00 0.26 ? 64 ARG A H    1 
ATOM 1004 H HA   . ARG A 1 64 ? -6.088  -1.833  1.363   1.00 0.30 ? 64 ARG A HA   1 
ATOM 1005 H HB2  . ARG A 1 64 ? -8.184  -1.795  0.503   1.00 0.49 ? 64 ARG A HB2  1 
ATOM 1006 H HB3  . ARG A 1 64 ? -7.461  -2.531  -0.926  1.00 0.64 ? 64 ARG A HB3  1 
ATOM 1007 H HG2  . ARG A 1 64 ? -7.878  -4.789  0.142   1.00 1.08 ? 64 ARG A HG2  1 
ATOM 1008 H HG3  . ARG A 1 64 ? -8.808  -3.952  1.386   1.00 1.14 ? 64 ARG A HG3  1 
ATOM 1009 H HD2  . ARG A 1 64 ? -9.702  -2.977  -1.132  1.00 1.65 ? 64 ARG A HD2  1 
ATOM 1010 H HD3  . ARG A 1 64 ? -9.653  -4.737  -1.239  1.00 1.52 ? 64 ARG A HD3  1 
ATOM 1011 H HE   . ARG A 1 64 ? -11.161 -3.263  0.885   1.00 1.53 ? 64 ARG A HE   1 
ATOM 1012 H HH11 . ARG A 1 64 ? -12.392 -4.478  -1.683  1.00 2.37 ? 64 ARG A HH11 1 
ATOM 1013 H HH12 . ARG A 1 64 ? -13.058 -5.944  -1.043  1.00 2.53 ? 64 ARG A HH12 1 
ATOM 1014 H HH21 . ARG A 1 64 ? -11.259 -5.781  1.917   1.00 2.17 ? 64 ARG A HH21 1 
ATOM 1015 H HH22 . ARG A 1 64 ? -12.416 -6.681  0.994   1.00 2.24 ? 64 ARG A HH22 1 
ATOM 1016 N N    . GLU A 1 65 ? -5.984  -5.076  1.565   1.00 0.26 ? 65 GLU A N    1 
ATOM 1017 C CA   . GLU A 1 65 ? -6.043  -6.196  2.549   1.00 0.28 ? 65 GLU A CA   1 
ATOM 1018 C C    . GLU A 1 65 ? -5.038  -5.937  3.674   1.00 0.29 ? 65 GLU A C    1 
ATOM 1019 O O    . GLU A 1 65 ? -5.362  -6.026  4.842   1.00 0.30 ? 65 GLU A O    1 
ATOM 1020 C CB   . GLU A 1 65 ? -5.698  -7.512  1.850   1.00 0.31 ? 65 GLU A CB   1 
ATOM 1021 C CG   . GLU A 1 65 ? -6.147  -8.686  2.722   1.00 0.88 ? 65 GLU A CG   1 
ATOM 1022 C CD   . GLU A 1 65 ? -6.169  -9.966  1.885   1.00 1.19 ? 65 GLU A CD   1 
ATOM 1023 O OE1  . GLU A 1 65 ? -6.084  -9.860  0.673   1.00 1.90 ? 65 GLU A OE1  1 
ATOM 1024 O OE2  . GLU A 1 65 ? -6.272  -11.031 2.471   1.00 1.78 ? 65 GLU A OE2  1 
ATOM 1025 H H    . GLU A 1 65 ? -5.648  -5.238  0.658   1.00 0.28 ? 65 GLU A H    1 
ATOM 1026 H HA   . GLU A 1 65 ? -7.039  -6.258  2.963   1.00 0.30 ? 65 GLU A HA   1 
ATOM 1027 H HB2  . GLU A 1 65 ? -6.203  -7.557  0.896   1.00 0.78 ? 65 GLU A HB2  1 
ATOM 1028 H HB3  . GLU A 1 65 ? -4.631  -7.569  1.695   1.00 0.75 ? 65 GLU A HB3  1 
ATOM 1029 H HG2  . GLU A 1 65 ? -5.458  -8.805  3.546   1.00 1.67 ? 65 GLU A HG2  1 
ATOM 1030 H HG3  . GLU A 1 65 ? -7.138  -8.492  3.105   1.00 1.54 ? 65 GLU A HG3  1 
ATOM 1031 N N    . LEU A 1 66 ? -3.821  -5.618  3.331   1.00 0.32 ? 66 LEU A N    1 
ATOM 1032 C CA   . LEU A 1 66 ? -2.795  -5.354  4.378   1.00 0.36 ? 66 LEU A CA   1 
ATOM 1033 C C    . LEU A 1 66 ? -3.276  -4.222  5.292   1.00 0.32 ? 66 LEU A C    1 
ATOM 1034 O O    . LEU A 1 66 ? -3.151  -4.288  6.502   1.00 0.35 ? 66 LEU A O    1 
ATOM 1035 C CB   . LEU A 1 66 ? -1.482  -4.951  3.709   1.00 0.41 ? 66 LEU A CB   1 
ATOM 1036 C CG   . LEU A 1 66 ? -0.966  -6.112  2.858   1.00 0.58 ? 66 LEU A CG   1 
ATOM 1037 C CD1  . LEU A 1 66 ? -0.415  -5.572  1.537   1.00 1.14 ? 66 LEU A CD1  1 
ATOM 1038 C CD2  . LEU A 1 66 ? 0.148   -6.841  3.613   1.00 1.23 ? 66 LEU A CD2  1 
ATOM 1039 H H    . LEU A 1 66 ? -3.581  -5.552  2.382   1.00 0.35 ? 66 LEU A H    1 
ATOM 1040 H HA   . LEU A 1 66 ? -2.640  -6.248  4.965   1.00 0.39 ? 66 LEU A HA   1 
ATOM 1041 H HB2  . LEU A 1 66 ? -1.649  -4.089  3.079   1.00 0.54 ? 66 LEU A HB2  1 
ATOM 1042 H HB3  . LEU A 1 66 ? -0.752  -4.710  4.464   1.00 0.60 ? 66 LEU A HB3  1 
ATOM 1043 H HG   . LEU A 1 66 ? -1.776  -6.798  2.655   1.00 1.24 ? 66 LEU A HG   1 
ATOM 1044 H HD11 . LEU A 1 66 ? -0.905  -4.640  1.297   1.00 1.56 ? 66 LEU A HD11 1 
ATOM 1045 H HD12 . LEU A 1 66 ? 0.648   -5.404  1.633   1.00 1.71 ? 66 LEU A HD12 1 
ATOM 1046 H HD13 . LEU A 1 66 ? -0.597  -6.288  0.750   1.00 1.80 ? 66 LEU A HD13 1 
ATOM 1047 H HD21 . LEU A 1 66 ? 0.810   -6.116  4.066   1.00 1.75 ? 66 LEU A HD21 1 
ATOM 1048 H HD22 . LEU A 1 66 ? -0.285  -7.461  4.383   1.00 1.81 ? 66 LEU A HD22 1 
ATOM 1049 H HD23 . LEU A 1 66 ? 0.706   -7.457  2.925   1.00 1.71 ? 66 LEU A HD23 1 
ATOM 1050 N N    . LEU A 1 67 ? -3.827  -3.183  4.727   1.00 0.29 ? 67 LEU A N    1 
ATOM 1051 C CA   . LEU A 1 67 ? -4.315  -2.057  5.571   1.00 0.28 ? 67 LEU A CA   1 
ATOM 1052 C C    . LEU A 1 67 ? -5.412  -2.579  6.496   1.00 0.29 ? 67 LEU A C    1 
ATOM 1053 O O    . LEU A 1 67 ? -5.558  -2.136  7.618   1.00 0.29 ? 67 LEU A O    1 
ATOM 1054 C CB   . LEU A 1 67 ? -4.878  -0.948  4.678   1.00 0.27 ? 67 LEU A CB   1 
ATOM 1055 C CG   . LEU A 1 67 ? -3.877  -0.631  3.564   1.00 0.29 ? 67 LEU A CG   1 
ATOM 1056 C CD1  . LEU A 1 67 ? -4.152  0.770   3.015   1.00 0.32 ? 67 LEU A CD1  1 
ATOM 1057 C CD2  . LEU A 1 67 ? -2.454  -0.685  4.124   1.00 0.39 ? 67 LEU A CD2  1 
ATOM 1058 H H    . LEU A 1 67 ? -3.922  -3.144  3.753   1.00 0.29 ? 67 LEU A H    1 
ATOM 1059 H HA   . LEU A 1 67 ? -3.499  -1.668  6.162   1.00 0.30 ? 67 LEU A HA   1 
ATOM 1060 H HB2  . LEU A 1 67 ? -5.811  -1.275  4.244   1.00 0.26 ? 67 LEU A HB2  1 
ATOM 1061 H HB3  . LEU A 1 67 ? -5.047  -0.062  5.270   1.00 0.28 ? 67 LEU A HB3  1 
ATOM 1062 H HG   . LEU A 1 67 ? -3.983  -1.357  2.771   1.00 0.33 ? 67 LEU A HG   1 
ATOM 1063 H HD11 . LEU A 1 67 ? -4.327  1.450   3.835   1.00 1.06 ? 67 LEU A HD11 1 
ATOM 1064 H HD12 . LEU A 1 67 ? -3.299  1.106   2.443   1.00 1.08 ? 67 LEU A HD12 1 
ATOM 1065 H HD13 . LEU A 1 67 ? -5.024  0.742   2.378   1.00 1.07 ? 67 LEU A HD13 1 
ATOM 1066 H HD21 . LEU A 1 67 ? -2.449  -0.300  5.133   1.00 0.95 ? 67 LEU A HD21 1 
ATOM 1067 H HD22 . LEU A 1 67 ? -2.107  -1.707  4.127   1.00 1.11 ? 67 LEU A HD22 1 
ATOM 1068 H HD23 . LEU A 1 67 ? -1.802  -0.085  3.506   1.00 1.08 ? 67 LEU A HD23 1 
ATOM 1069 N N    . ALA A 1 68 ? -6.182  -3.526  6.034   1.00 0.31 ? 68 ALA A N    1 
ATOM 1070 C CA   . ALA A 1 68 ? -7.265  -4.088  6.886   1.00 0.34 ? 68 ALA A CA   1 
ATOM 1071 C C    . ALA A 1 68 ? -6.630  -4.786  8.089   1.00 0.32 ? 68 ALA A C    1 
ATOM 1072 O O    . ALA A 1 68 ? -7.177  -4.804  9.173   1.00 0.32 ? 68 ALA A O    1 
ATOM 1073 C CB   . ALA A 1 68 ? -8.082  -5.098  6.079   1.00 0.42 ? 68 ALA A CB   1 
ATOM 1074 H H    . ALA A 1 68 ? -6.042  -3.872  5.128   1.00 0.34 ? 68 ALA A H    1 
ATOM 1075 H HA   . ALA A 1 68 ? -7.908  -3.289  7.227   1.00 0.36 ? 68 ALA A HA   1 
ATOM 1076 H HB1  . ALA A 1 68 ? -7.925  -4.928  5.025   1.00 1.10 ? 68 ALA A HB1  1 
ATOM 1077 H HB2  . ALA A 1 68 ? -7.767  -6.101  6.333   1.00 1.17 ? 68 ALA A HB2  1 
ATOM 1078 H HB3  . ALA A 1 68 ? -9.130  -4.981  6.310   1.00 0.95 ? 68 ALA A HB3  1 
ATOM 1079 N N    . SER A 1 69 ? -5.470  -5.358  7.901   1.00 0.34 ? 69 SER A N    1 
ATOM 1080 C CA   . SER A 1 69 ? -4.787  -6.054  9.027   1.00 0.37 ? 69 SER A CA   1 
ATOM 1081 C C    . SER A 1 69 ? -4.390  -5.025  10.086  1.00 0.37 ? 69 SER A C    1 
ATOM 1082 O O    . SER A 1 69 ? -4.524  -5.258  11.271  1.00 0.45 ? 69 SER A O    1 
ATOM 1083 C CB   . SER A 1 69 ? -3.536  -6.762  8.507   1.00 0.40 ? 69 SER A CB   1 
ATOM 1084 O OG   . SER A 1 69 ? -3.405  -8.020  9.157   1.00 1.17 ? 69 SER A OG   1 
ATOM 1085 H H    . SER A 1 69 ? -5.049  -5.329  7.018   1.00 0.36 ? 69 SER A H    1 
ATOM 1086 H HA   . SER A 1 69 ? -5.459  -6.780  9.463   1.00 0.40 ? 69 SER A HA   1 
ATOM 1087 H HB2  . SER A 1 69 ? -3.623  -6.919  7.445   1.00 0.95 ? 69 SER A HB2  1 
ATOM 1088 H HB3  . SER A 1 69 ? -2.667  -6.148  8.709   1.00 0.93 ? 69 SER A HB3  1 
ATOM 1089 H HG   . SER A 1 69 ? -3.008  -8.635  8.535   1.00 1.56 ? 69 SER A HG   1 
ATOM 1090 N N    . LEU A 1 70 ? -3.905  -3.883  9.671   1.00 0.36 ? 70 LEU A N    1 
ATOM 1091 C CA   . LEU A 1 70 ? -3.508  -2.842  10.666  1.00 0.43 ? 70 LEU A CA   1 
ATOM 1092 C C    . LEU A 1 70 ? -4.756  -2.337  11.409  1.00 0.40 ? 70 LEU A C    1 
ATOM 1093 O O    . LEU A 1 70 ? -4.651  -1.690  12.432  1.00 0.46 ? 70 LEU A O    1 
ATOM 1094 C CB   . LEU A 1 70 ? -2.847  -1.658  9.941   1.00 0.49 ? 70 LEU A CB   1 
ATOM 1095 C CG   . LEU A 1 70 ? -1.521  -1.251  10.615  1.00 0.85 ? 70 LEU A CG   1 
ATOM 1096 C CD1  . LEU A 1 70 ? -1.162  0.171   10.187  1.00 1.59 ? 70 LEU A CD1  1 
ATOM 1097 C CD2  . LEU A 1 70 ? -1.651  -1.277  12.143  1.00 1.73 ? 70 LEU A CD2  1 
ATOM 1098 H H    . LEU A 1 70 ? -3.808  -3.709  8.709   1.00 0.34 ? 70 LEU A H    1 
ATOM 1099 H HA   . LEU A 1 70 ? -2.816  -3.275  11.369  1.00 0.52 ? 70 LEU A HA   1 
ATOM 1100 H HB2  . LEU A 1 70 ? -2.650  -1.937  8.917   1.00 0.53 ? 70 LEU A HB2  1 
ATOM 1101 H HB3  . LEU A 1 70 ? -3.523  -0.816  9.953   1.00 0.71 ? 70 LEU A HB3  1 
ATOM 1102 H HG   . LEU A 1 70 ? -0.736  -1.926  10.302  1.00 0.58 ? 70 LEU A HG   1 
ATOM 1103 H HD11 . LEU A 1 70 ? -1.211  0.245   9.112   1.00 1.98 ? 70 LEU A HD11 1 
ATOM 1104 H HD12 . LEU A 1 70 ? -1.863  0.866   10.627  1.00 2.16 ? 70 LEU A HD12 1 
ATOM 1105 H HD13 . LEU A 1 70 ? -0.164  0.407   10.522  1.00 2.06 ? 70 LEU A HD13 1 
ATOM 1106 H HD21 . LEU A 1 70 ? -2.608  -0.871  12.431  1.00 2.25 ? 70 LEU A HD21 1 
ATOM 1107 H HD22 . LEU A 1 70 ? -1.565  -2.292  12.498  1.00 2.11 ? 70 LEU A HD22 1 
ATOM 1108 H HD23 . LEU A 1 70 ? -0.864  -0.678  12.578  1.00 2.22 ? 70 LEU A HD23 1 
ATOM 1109 N N    . ARG A 1 71 ? -5.934  -2.618  10.898  1.00 0.34 ? 71 ARG A N    1 
ATOM 1110 C CA   . ARG A 1 71 ? -7.186  -2.152  11.564  1.00 0.36 ? 71 ARG A CA   1 
ATOM 1111 C C    . ARG A 1 71 ? -7.334  -0.643  11.355  1.00 0.31 ? 71 ARG A C    1 
ATOM 1112 O O    . ARG A 1 71 ? -7.920  0.052   12.161  1.00 0.37 ? 71 ARG A O    1 
ATOM 1113 C CB   . ARG A 1 71 ? -7.142  -2.468  13.063  1.00 0.47 ? 71 ARG A CB   1 
ATOM 1114 C CG   . ARG A 1 71 ? -8.546  -2.826  13.551  1.00 0.94 ? 71 ARG A CG   1 
ATOM 1115 C CD   . ARG A 1 71 ? -8.444  -3.667  14.825  1.00 1.18 ? 71 ARG A CD   1 
ATOM 1116 N NE   . ARG A 1 71 ? -9.658  -4.521  14.956  1.00 1.56 ? 71 ARG A NE   1 
ATOM 1117 C CZ   . ARG A 1 71 ? -9.586  -5.667  15.576  1.00 2.10 ? 71 ARG A CZ   1 
ATOM 1118 N NH1  . ARG A 1 71 ? -9.148  -6.723  14.947  1.00 2.82 ? 71 ARG A NH1  1 
ATOM 1119 N NH2  . ARG A 1 71 ? -9.952  -5.757  16.825  1.00 2.61 ? 71 ARG A NH2  1 
ATOM 1120 H H    . ARG A 1 71 ? -5.997  -3.132  10.070  1.00 0.31 ? 71 ARG A H    1 
ATOM 1121 H HA   . ARG A 1 71 ? -8.032  -2.655  11.118  1.00 0.36 ? 71 ARG A HA   1 
ATOM 1122 H HB2  . ARG A 1 71 ? -6.476  -3.301  13.235  1.00 0.70 ? 71 ARG A HB2  1 
ATOM 1123 H HB3  . ARG A 1 71 ? -6.785  -1.604  13.602  1.00 0.69 ? 71 ARG A HB3  1 
ATOM 1124 H HG2  . ARG A 1 71 ? -9.097  -1.921  13.759  1.00 1.48 ? 71 ARG A HG2  1 
ATOM 1125 H HG3  . ARG A 1 71 ? -9.059  -3.394  12.789  1.00 1.47 ? 71 ARG A HG3  1 
ATOM 1126 H HD2  . ARG A 1 71 ? -7.566  -4.295  14.773  1.00 1.70 ? 71 ARG A HD2  1 
ATOM 1127 H HD3  . ARG A 1 71 ? -8.369  -3.014  15.682  1.00 1.83 ? 71 ARG A HD3  1 
ATOM 1128 H HE   . ARG A 1 71 ? -10.510 -4.222  14.576  1.00 2.05 ? 71 ARG A HE   1 
ATOM 1129 H HH11 . ARG A 1 71 ? -8.868  -6.654  13.990  1.00 3.09 ? 71 ARG A HH11 1 
ATOM 1130 H HH12 . ARG A 1 71 ? -9.094  -7.601  15.423  1.00 3.40 ? 71 ARG A HH12 1 
ATOM 1131 H HH21 . ARG A 1 71 ? -10.288 -4.948  17.307  1.00 2.80 ? 71 ARG A HH21 1 
ATOM 1132 H HH22 . ARG A 1 71 ? -9.897  -6.636  17.300  1.00 3.18 ? 71 ARG A HH22 1 
ATOM 1133 N N    . ARG A 1 72 ? -6.810  -0.132  10.272  1.00 0.26 ? 72 ARG A N    1 
ATOM 1134 C CA   . ARG A 1 72 ? -6.923  1.330   10.003  1.00 0.25 ? 72 ARG A CA   1 
ATOM 1135 C C    . ARG A 1 72 ? -8.058  1.569   9.006   1.00 0.22 ? 72 ARG A C    1 
ATOM 1136 O O    . ARG A 1 72 ? -7.872  1.489   7.807   1.00 0.24 ? 72 ARG A O    1 
ATOM 1137 C CB   . ARG A 1 72 ? -5.608  1.844   9.414   1.00 0.27 ? 72 ARG A CB   1 
ATOM 1138 C CG   . ARG A 1 72 ? -4.744  2.437   10.529  1.00 0.61 ? 72 ARG A CG   1 
ATOM 1139 C CD   . ARG A 1 72 ? -5.368  3.747   11.014  1.00 0.89 ? 72 ARG A CD   1 
ATOM 1140 N NE   . ARG A 1 72 ? -4.289  4.681   11.444  1.00 1.09 ? 72 ARG A NE   1 
ATOM 1141 C CZ   . ARG A 1 72 ? -4.309  5.196   12.642  1.00 1.27 ? 72 ARG A CZ   1 
ATOM 1142 N NH1  . ARG A 1 72 ? -5.399  5.752   13.094  1.00 2.12 ? 72 ARG A NH1  1 
ATOM 1143 N NH2  . ARG A 1 72 ? -3.240  5.152   13.389  1.00 1.68 ? 72 ARG A NH2  1 
ATOM 1144 H H    . ARG A 1 72 ? -6.343  -0.712  9.632   1.00 0.27 ? 72 ARG A H    1 
ATOM 1145 H HA   . ARG A 1 72 ? -7.135  1.851   10.925  1.00 0.27 ? 72 ARG A HA   1 
ATOM 1146 H HB2  . ARG A 1 72 ? -5.079  1.027   8.944   1.00 0.49 ? 72 ARG A HB2  1 
ATOM 1147 H HB3  . ARG A 1 72 ? -5.817  2.607   8.679   1.00 0.42 ? 72 ARG A HB3  1 
ATOM 1148 H HG2  . ARG A 1 72 ? -4.689  1.738   11.351  1.00 1.28 ? 72 ARG A HG2  1 
ATOM 1149 H HG3  . ARG A 1 72 ? -3.752  2.631   10.152  1.00 1.41 ? 72 ARG A HG3  1 
ATOM 1150 H HD2  . ARG A 1 72 ? -5.934  4.196   10.212  1.00 1.63 ? 72 ARG A HD2  1 
ATOM 1151 H HD3  . ARG A 1 72 ? -6.023  3.547   11.849  1.00 1.58 ? 72 ARG A HD3  1 
ATOM 1152 H HE   . ARG A 1 72 ? -3.564  4.908   10.824  1.00 1.77 ? 72 ARG A HE   1 
ATOM 1153 H HH11 . ARG A 1 72 ? -6.219  5.785   12.522  1.00 2.63 ? 72 ARG A HH11 1 
ATOM 1154 H HH12 . ARG A 1 72 ? -5.415  6.147   14.013  1.00 2.59 ? 72 ARG A HH12 1 
ATOM 1155 H HH21 . ARG A 1 72 ? -2.405  4.726   13.043  1.00 2.07 ? 72 ARG A HH21 1 
ATOM 1156 H HH22 . ARG A 1 72 ? -3.256  5.547   14.308  1.00 2.15 ? 72 ARG A HH22 1 
ATOM 1157 N N    . HIS A 1 73 ? -9.233  1.857   9.490   1.00 0.26 ? 73 HIS A N    1 
ATOM 1158 C CA   . HIS A 1 73 ? -10.382 2.096   8.571   1.00 0.28 ? 73 HIS A CA   1 
ATOM 1159 C C    . HIS A 1 73 ? -10.338 3.526   8.017   1.00 0.27 ? 73 HIS A C    1 
ATOM 1160 O O    . HIS A 1 73 ? -10.968 3.828   7.025   1.00 0.29 ? 73 HIS A O    1 
ATOM 1161 C CB   . HIS A 1 73 ? -11.692 1.891   9.336   1.00 0.37 ? 73 HIS A CB   1 
ATOM 1162 C CG   . HIS A 1 73 ? -12.133 0.458   9.203   1.00 0.99 ? 73 HIS A CG   1 
ATOM 1163 N ND1  . HIS A 1 73 ? -13.139 0.072   8.330   1.00 1.72 ? 73 HIS A ND1  1 
ATOM 1164 C CD2  . HIS A 1 73 ? -11.718 -0.692  9.826   1.00 1.91 ? 73 HIS A CD2  1 
ATOM 1165 C CE1  . HIS A 1 73 ? -13.293 -1.259  8.451   1.00 2.21 ? 73 HIS A CE1  1 
ATOM 1166 N NE2  . HIS A 1 73 ? -12.452 -1.775  9.350   1.00 2.37 ? 73 HIS A NE2  1 
ATOM 1167 H H    . HIS A 1 73 ? -9.362  1.913   10.460  1.00 0.33 ? 73 HIS A H    1 
ATOM 1168 H HA   . HIS A 1 73 ? -10.336 1.394   7.751   1.00 0.27 ? 73 HIS A HA   1 
ATOM 1169 H HB2  . HIS A 1 73 ? -11.540 2.125   10.379  1.00 0.74 ? 73 HIS A HB2  1 
ATOM 1170 H HB3  . HIS A 1 73 ? -12.453 2.540   8.929   1.00 0.76 ? 73 HIS A HB3  1 
ATOM 1171 H HD1  . HIS A 1 73 ? -13.645 0.662   7.732   1.00 2.28 ? 73 HIS A HD1  1 
ATOM 1172 H HD2  . HIS A 1 73 ? -10.939 -0.748  10.573  1.00 2.58 ? 73 HIS A HD2  1 
ATOM 1173 H HE1  . HIS A 1 73 ? -14.011 -1.839  7.890   1.00 2.86 ? 73 HIS A HE1  1 
ATOM 1174 N N    . ASP A 1 74 ? -9.612  4.414   8.642   1.00 0.29 ? 74 ASP A N    1 
ATOM 1175 C CA   . ASP A 1 74 ? -9.553  5.815   8.131   1.00 0.34 ? 74 ASP A CA   1 
ATOM 1176 C C    . ASP A 1 74 ? -8.772  5.862   6.815   1.00 0.32 ? 74 ASP A C    1 
ATOM 1177 O O    . ASP A 1 74 ? -9.116  6.593   5.907   1.00 0.42 ? 74 ASP A O    1 
ATOM 1178 C CB   . ASP A 1 74 ? -8.864  6.707   9.166   1.00 0.39 ? 74 ASP A CB   1 
ATOM 1179 C CG   . ASP A 1 74 ? -9.907  7.257   10.142  1.00 1.07 ? 74 ASP A CG   1 
ATOM 1180 O OD1  . ASP A 1 74 ? -10.958 7.672   9.683   1.00 1.82 ? 74 ASP A OD1  1 
ATOM 1181 O OD2  . ASP A 1 74 ? -9.636  7.253   11.332  1.00 1.70 ? 74 ASP A OD2  1 
ATOM 1182 H H    . ASP A 1 74 ? -9.109  4.165   9.445   1.00 0.29 ? 74 ASP A H    1 
ATOM 1183 H HA   . ASP A 1 74 ? -10.557 6.172   7.960   1.00 0.41 ? 74 ASP A HA   1 
ATOM 1184 H HB2  . ASP A 1 74 ? -8.132  6.127   9.709   1.00 0.83 ? 74 ASP A HB2  1 
ATOM 1185 H HB3  . ASP A 1 74 ? -8.374  7.528   8.665   1.00 0.75 ? 74 ASP A HB3  1 
ATOM 1186 N N    . LEU A 1 75 ? -7.729  5.089   6.701   1.00 0.28 ? 75 LEU A N    1 
ATOM 1187 C CA   . LEU A 1 75 ? -6.938  5.095   5.434   1.00 0.31 ? 75 LEU A CA   1 
ATOM 1188 C C    . LEU A 1 75 ? -7.504  4.027   4.508   1.00 0.30 ? 75 LEU A C    1 
ATOM 1189 O O    . LEU A 1 75 ? -7.815  4.277   3.359   1.00 0.33 ? 75 LEU A O    1 
ATOM 1190 C CB   . LEU A 1 75 ? -5.459  4.775   5.703   1.00 0.39 ? 75 LEU A CB   1 
ATOM 1191 C CG   . LEU A 1 75 ? -5.085  5.113   7.146   1.00 0.37 ? 75 LEU A CG   1 
ATOM 1192 C CD1  . LEU A 1 75 ? -3.582  4.908   7.340   1.00 0.71 ? 75 LEU A CD1  1 
ATOM 1193 C CD2  . LEU A 1 75 ? -5.440  6.574   7.440   1.00 0.61 ? 75 LEU A CD2  1 
ATOM 1194 H H    . LEU A 1 75 ? -7.475  4.504   7.441   1.00 0.31 ? 75 LEU A H    1 
ATOM 1195 H HA   . LEU A 1 75 ? -7.019  6.063   4.962   1.00 0.37 ? 75 LEU A HA   1 
ATOM 1196 H HB2  . LEU A 1 75 ? -5.287  3.723   5.529   1.00 0.60 ? 75 LEU A HB2  1 
ATOM 1197 H HB3  . LEU A 1 75 ? -4.842  5.353   5.030   1.00 0.55 ? 75 LEU A HB3  1 
ATOM 1198 H HG   . LEU A 1 75 ? -5.623  4.460   7.816   1.00 0.32 ? 75 LEU A HG   1 
ATOM 1199 H HD11 . LEU A 1 75 ? -3.245  4.095   6.713   1.00 1.28 ? 75 LEU A HD11 1 
ATOM 1200 H HD12 . LEU A 1 75 ? -3.057  5.812   7.069   1.00 1.36 ? 75 LEU A HD12 1 
ATOM 1201 H HD13 . LEU A 1 75 ? -3.380  4.671   8.374   1.00 1.17 ? 75 LEU A HD13 1 
ATOM 1202 H HD21 . LEU A 1 75 ? -5.444  7.136   6.519   1.00 1.32 ? 75 LEU A HD21 1 
ATOM 1203 H HD22 . LEU A 1 75 ? -6.417  6.624   7.897   1.00 1.18 ? 75 LEU A HD22 1 
ATOM 1204 H HD23 . LEU A 1 75 ? -4.706  6.994   8.114   1.00 1.12 ? 75 LEU A HD23 1 
ATOM 1205 N N    . LEU A 1 76 ? -7.634  2.834   5.010   1.00 0.28 ? 76 LEU A N    1 
ATOM 1206 C CA   . LEU A 1 76 ? -8.176  1.723   4.180   1.00 0.32 ? 76 LEU A CA   1 
ATOM 1207 C C    . LEU A 1 76 ? -9.522  2.145   3.576   1.00 0.33 ? 76 LEU A C    1 
ATOM 1208 O O    . LEU A 1 76 ? -9.910  1.680   2.522   1.00 0.37 ? 76 LEU A O    1 
ATOM 1209 C CB   . LEU A 1 76 ? -8.358  0.481   5.071   1.00 0.37 ? 76 LEU A CB   1 
ATOM 1210 C CG   . LEU A 1 76 ? -8.824  -0.738  4.253   1.00 0.53 ? 76 LEU A CG   1 
ATOM 1211 C CD1  . LEU A 1 76 ? -10.339 -0.677  4.046   1.00 1.40 ? 76 LEU A CD1  1 
ATOM 1212 C CD2  . LEU A 1 76 ? -8.126  -0.770  2.891   1.00 0.39 ? 76 LEU A CD2  1 
ATOM 1213 H H    . LEU A 1 76 ? -7.369  2.670   5.943   1.00 0.27 ? 76 LEU A H    1 
ATOM 1214 H HA   . LEU A 1 76 ? -7.478  1.507   3.389   1.00 0.34 ? 76 LEU A HA   1 
ATOM 1215 H HB2  . LEU A 1 76 ? -7.417  0.247   5.545   1.00 0.80 ? 76 LEU A HB2  1 
ATOM 1216 H HB3  . LEU A 1 76 ? -9.092  0.697   5.832   1.00 0.75 ? 76 LEU A HB3  1 
ATOM 1217 H HG   . LEU A 1 76 ? -8.582  -1.639  4.799   1.00 1.14 ? 76 LEU A HG   1 
ATOM 1218 H HD11 . LEU A 1 76 ? -10.740 0.178   4.570   1.00 1.90 ? 76 LEU A HD11 1 
ATOM 1219 H HD12 . LEU A 1 76 ? -10.554 -0.585  2.991   1.00 2.01 ? 76 LEU A HD12 1 
ATOM 1220 H HD13 . LEU A 1 76 ? -10.791 -1.579  4.429   1.00 1.84 ? 76 LEU A HD13 1 
ATOM 1221 H HD21 . LEU A 1 76 ? -7.111  -0.416  2.998   1.00 1.06 ? 76 LEU A HD21 1 
ATOM 1222 H HD22 . LEU A 1 76 ? -8.115  -1.784  2.516   1.00 1.21 ? 76 LEU A HD22 1 
ATOM 1223 H HD23 . LEU A 1 76 ? -8.656  -0.135  2.197   1.00 1.08 ? 76 LEU A HD23 1 
ATOM 1224 N N    . ARG A 1 77 ? -10.242 3.020   4.230   1.00 0.35 ? 77 ARG A N    1 
ATOM 1225 C CA   . ARG A 1 77 ? -11.556 3.455   3.676   1.00 0.41 ? 77 ARG A CA   1 
ATOM 1226 C C    . ARG A 1 77 ? -11.334 4.240   2.381   1.00 0.38 ? 77 ARG A C    1 
ATOM 1227 O O    . ARG A 1 77 ? -12.033 4.055   1.409   1.00 0.38 ? 77 ARG A O    1 
ATOM 1228 C CB   . ARG A 1 77 ? -12.280 4.344   4.690   1.00 0.49 ? 77 ARG A CB   1 
ATOM 1229 C CG   . ARG A 1 77 ? -13.477 5.017   4.016   1.00 1.03 ? 77 ARG A CG   1 
ATOM 1230 C CD   . ARG A 1 77 ? -14.339 5.706   5.075   1.00 1.44 ? 77 ARG A CD   1 
ATOM 1231 N NE   . ARG A 1 77 ? -15.451 4.800   5.478   1.00 1.71 ? 77 ARG A NE   1 
ATOM 1232 C CZ   . ARG A 1 77 ? -16.612 5.297   5.809   1.00 2.18 ? 77 ARG A CZ   1 
ATOM 1233 N NH1  . ARG A 1 77 ? -16.678 6.450   6.418   1.00 2.58 ? 77 ARG A NH1  1 
ATOM 1234 N NH2  . ARG A 1 77 ? -17.706 4.641   5.534   1.00 2.85 ? 77 ARG A NH2  1 
ATOM 1235 H H    . ARG A 1 77 ? -9.919  3.390   5.081   1.00 0.36 ? 77 ARG A H    1 
ATOM 1236 H HA   . ARG A 1 77 ? -12.162 2.584   3.465   1.00 0.46 ? 77 ARG A HA   1 
ATOM 1237 H HB2  . ARG A 1 77 ? -12.623 3.738   5.516   1.00 0.88 ? 77 ARG A HB2  1 
ATOM 1238 H HB3  . ARG A 1 77 ? -11.602 5.100   5.055   1.00 0.89 ? 77 ARG A HB3  1 
ATOM 1239 H HG2  . ARG A 1 77 ? -13.124 5.749   3.304   1.00 1.69 ? 77 ARG A HG2  1 
ATOM 1240 H HG3  . ARG A 1 77 ? -14.067 4.272   3.504   1.00 1.61 ? 77 ARG A HG3  1 
ATOM 1241 H HD2  . ARG A 1 77 ? -13.733 5.937   5.938   1.00 1.88 ? 77 ARG A HD2  1 
ATOM 1242 H HD3  . ARG A 1 77 ? -14.748 6.619   4.668   1.00 2.08 ? 77 ARG A HD3  1 
ATOM 1243 H HE   . ARG A 1 77 ? -15.312 3.829   5.493   1.00 2.05 ? 77 ARG A HE   1 
ATOM 1244 H HH11 . ARG A 1 77 ? -15.841 6.953   6.630   1.00 2.74 ? 77 ARG A HH11 1 
ATOM 1245 H HH12 . ARG A 1 77 ? -17.568 6.830   6.672   1.00 3.07 ? 77 ARG A HH12 1 
ATOM 1246 H HH21 . ARG A 1 77 ? -17.655 3.758   5.069   1.00 3.13 ? 77 ARG A HH21 1 
ATOM 1247 H HH22 . ARG A 1 77 ? -18.594 5.022   5.789   1.00 3.37 ? 77 ARG A HH22 1 
ATOM 1248 N N    . ARG A 1 78 ? -10.367 5.117   2.364   1.00 0.39 ? 78 ARG A N    1 
ATOM 1249 C CA   . ARG A 1 78 ? -10.106 5.913   1.131   1.00 0.40 ? 78 ARG A CA   1 
ATOM 1250 C C    . ARG A 1 78 ? -9.616  4.992   0.010   1.00 0.33 ? 78 ARG A C    1 
ATOM 1251 O O    . ARG A 1 78 ? -9.959  5.166   -1.142  1.00 0.32 ? 78 ARG A O    1 
ATOM 1252 C CB   . ARG A 1 78 ? -9.034  6.965   1.425   1.00 0.48 ? 78 ARG A CB   1 
ATOM 1253 C CG   . ARG A 1 78 ? -9.540  8.345   1.000   1.00 0.88 ? 78 ARG A CG   1 
ATOM 1254 C CD   . ARG A 1 78 ? -8.836  9.423   1.825   1.00 1.19 ? 78 ARG A CD   1 
ATOM 1255 N NE   . ARG A 1 78 ? -9.846  10.192  2.604   1.00 1.51 ? 78 ARG A NE   1 
ATOM 1256 C CZ   . ARG A 1 78 ? -9.913  11.489  2.486   1.00 1.83 ? 78 ARG A CZ   1 
ATOM 1257 N NH1  . ARG A 1 78 ? -10.061 12.030  1.308   1.00 2.57 ? 78 ARG A NH1  1 
ATOM 1258 N NH2  . ARG A 1 78 ? -9.831  12.245  3.546   1.00 2.20 ? 78 ARG A NH2  1 
ATOM 1259 H H    . ARG A 1 78 ? -9.816  5.253   3.161   1.00 0.41 ? 78 ARG A H    1 
ATOM 1260 H HA   . ARG A 1 78 ? -11.015 6.406   0.820   1.00 0.44 ? 78 ARG A HA   1 
ATOM 1261 H HB2  . ARG A 1 78 ? -8.815  6.971   2.483   1.00 0.84 ? 78 ARG A HB2  1 
ATOM 1262 H HB3  . ARG A 1 78 ? -8.137  6.729   0.872   1.00 0.57 ? 78 ARG A HB3  1 
ATOM 1263 H HG2  . ARG A 1 78 ? -9.331  8.498   -0.048  1.00 1.51 ? 78 ARG A HG2  1 
ATOM 1264 H HG3  . ARG A 1 78 ? -10.605 8.405   1.167   1.00 1.53 ? 78 ARG A HG3  1 
ATOM 1265 H HD2  . ARG A 1 78 ? -8.136  8.958   2.503   1.00 1.89 ? 78 ARG A HD2  1 
ATOM 1266 H HD3  . ARG A 1 78 ? -8.306  10.094  1.164   1.00 1.78 ? 78 ARG A HD3  1 
ATOM 1267 H HE   . ARG A 1 78 ? -10.463 9.722   3.205   1.00 2.10 ? 78 ARG A HE   1 
ATOM 1268 H HH11 . ARG A 1 78 ? -10.124 11.449  0.495   1.00 2.97 ? 78 ARG A HH11 1 
ATOM 1269 H HH12 . ARG A 1 78 ? -10.112 13.025  1.217   1.00 3.06 ? 78 ARG A HH12 1 
ATOM 1270 H HH21 . ARG A 1 78 ? -9.717  11.830  4.449   1.00 2.44 ? 78 ARG A HH21 1 
ATOM 1271 H HH22 . ARG A 1 78 ? -9.881  13.240  3.455   1.00 2.71 ? 78 ARG A HH22 1 
ATOM 1272 N N    . VAL A 1 79 ? -8.815  4.015   0.337   1.00 0.32 ? 79 VAL A N    1 
ATOM 1273 C CA   . VAL A 1 79 ? -8.303  3.087   -0.713  1.00 0.30 ? 79 VAL A CA   1 
ATOM 1274 C C    . VAL A 1 79 ? -9.476  2.428   -1.440  1.00 0.28 ? 79 VAL A C    1 
ATOM 1275 O O    . VAL A 1 79 ? -9.673  2.617   -2.624  1.00 0.30 ? 79 VAL A O    1 
ATOM 1276 C CB   . VAL A 1 79 ? -7.439  2.007   -0.058  1.00 0.36 ? 79 VAL A CB   1 
ATOM 1277 C CG1  . VAL A 1 79 ? -6.795  1.141   -1.142  1.00 0.42 ? 79 VAL A CG1  1 
ATOM 1278 C CG2  . VAL A 1 79 ? -6.345  2.670   0.781   1.00 0.40 ? 79 VAL A CG2  1 
ATOM 1279 H H    . VAL A 1 79 ? -8.547  3.891   1.272   1.00 0.36 ? 79 VAL A H    1 
ATOM 1280 H HA   . VAL A 1 79 ? -7.706  3.642   -1.422  1.00 0.33 ? 79 VAL A HA   1 
ATOM 1281 H HB   . VAL A 1 79 ? -8.057  1.388   0.575   1.00 0.40 ? 79 VAL A HB   1 
ATOM 1282 H HG11 . VAL A 1 79 ? -6.420  1.774   -1.933  1.00 1.09 ? 79 VAL A HG11 1 
ATOM 1283 H HG12 . VAL A 1 79 ? -5.977  0.578   -0.715  1.00 1.05 ? 79 VAL A HG12 1 
ATOM 1284 H HG13 . VAL A 1 79 ? -7.530  0.460   -1.544  1.00 1.17 ? 79 VAL A HG13 1 
ATOM 1285 H HG21 . VAL A 1 79 ? -6.318  3.728   0.568   1.00 1.01 ? 79 VAL A HG21 1 
ATOM 1286 H HG22 . VAL A 1 79 ? -6.555  2.519   1.830   1.00 1.11 ? 79 VAL A HG22 1 
ATOM 1287 H HG23 . VAL A 1 79 ? -5.389  2.230   0.539   1.00 1.14 ? 79 VAL A HG23 1 
ATOM 1288 N N    . ASP A 1 80 ? -10.255 1.651   -0.740  1.00 0.32 ? 80 ASP A N    1 
ATOM 1289 C CA   . ASP A 1 80 ? -11.417 0.974   -1.389  1.00 0.36 ? 80 ASP A CA   1 
ATOM 1290 C C    . ASP A 1 80 ? -12.507 1.996   -1.746  1.00 0.38 ? 80 ASP A C    1 
ATOM 1291 O O    . ASP A 1 80 ? -13.445 1.684   -2.454  1.00 0.44 ? 80 ASP A O    1 
ATOM 1292 C CB   . ASP A 1 80 ? -11.996 -0.066  -0.426  1.00 0.43 ? 80 ASP A CB   1 
ATOM 1293 C CG   . ASP A 1 80 ? -12.900 -1.028  -1.199  1.00 0.61 ? 80 ASP A CG   1 
ATOM 1294 O OD1  . ASP A 1 80 ? -14.037 -0.665  -1.455  1.00 1.43 ? 80 ASP A OD1  1 
ATOM 1295 O OD2  . ASP A 1 80 ? -12.442 -2.112  -1.521  1.00 1.17 ? 80 ASP A OD2  1 
ATOM 1296 H H    . ASP A 1 80 ? -10.077 1.512   0.214   1.00 0.36 ? 80 ASP A H    1 
ATOM 1297 H HA   . ASP A 1 80 ? -11.083 0.479   -2.289  1.00 0.38 ? 80 ASP A HA   1 
ATOM 1298 H HB2  . ASP A 1 80 ? -11.190 -0.619  0.034   1.00 0.56 ? 80 ASP A HB2  1 
ATOM 1299 H HB3  . ASP A 1 80 ? -12.574 0.433   0.337   1.00 0.59 ? 80 ASP A HB3  1 
ATOM 1300 N N    . ASP A 1 81 ? -12.403 3.209   -1.269  1.00 0.39 ? 81 ASP A N    1 
ATOM 1301 C CA   . ASP A 1 81 ? -13.446 4.222   -1.594  1.00 0.45 ? 81 ASP A CA   1 
ATOM 1302 C C    . ASP A 1 81 ? -13.215 4.767   -3.005  1.00 0.42 ? 81 ASP A C    1 
ATOM 1303 O O    . ASP A 1 81 ? -14.143 5.156   -3.684  1.00 0.46 ? 81 ASP A O    1 
ATOM 1304 C CB   . ASP A 1 81 ? -13.374 5.372   -0.588  1.00 0.53 ? 81 ASP A CB   1 
ATOM 1305 C CG   . ASP A 1 81 ? -14.217 6.544   -1.091  1.00 1.29 ? 81 ASP A CG   1 
ATOM 1306 O OD1  . ASP A 1 81 ? -15.413 6.365   -1.244  1.00 1.99 ? 81 ASP A OD1  1 
ATOM 1307 O OD2  . ASP A 1 81 ? -13.652 7.602   -1.313  1.00 1.96 ? 81 ASP A OD2  1 
ATOM 1308 H H    . ASP A 1 81 ? -11.648 3.454   -0.699  1.00 0.40 ? 81 ASP A H    1 
ATOM 1309 H HA   . ASP A 1 81 ? -14.421 3.761   -1.544  1.00 0.49 ? 81 ASP A HA   1 
ATOM 1310 H HB2  . ASP A 1 81 ? -13.753 5.038   0.367   1.00 0.91 ? 81 ASP A HB2  1 
ATOM 1311 H HB3  . ASP A 1 81 ? -12.348 5.690   -0.478  1.00 1.01 ? 81 ASP A HB3  1 
ATOM 1312 N N    . PHE A 1 82 ? -11.989 4.802   -3.450  1.00 0.39 ? 82 PHE A N    1 
ATOM 1313 C CA   . PHE A 1 82 ? -11.706 5.327   -4.817  1.00 0.41 ? 82 PHE A CA   1 
ATOM 1314 C C    . PHE A 1 82 ? -12.569 4.593   -5.850  1.00 0.40 ? 82 PHE A C    1 
ATOM 1315 O O    . PHE A 1 82 ? -12.857 5.113   -6.909  1.00 0.46 ? 82 PHE A O    1 
ATOM 1316 C CB   . PHE A 1 82 ? -10.230 5.114   -5.155  1.00 0.46 ? 82 PHE A CB   1 
ATOM 1317 C CG   . PHE A 1 82 ? -10.092 4.837   -6.633  1.00 0.56 ? 82 PHE A CG   1 
ATOM 1318 C CD1  . PHE A 1 82 ? -10.187 5.888   -7.553  1.00 1.24 ? 82 PHE A CD1  1 
ATOM 1319 C CD2  . PHE A 1 82 ? -9.870  3.530   -7.084  1.00 1.45 ? 82 PHE A CD2  1 
ATOM 1320 C CE1  . PHE A 1 82 ? -10.061 5.632   -8.924  1.00 1.34 ? 82 PHE A CE1  1 
ATOM 1321 C CE2  . PHE A 1 82 ? -9.745  3.274   -8.455  1.00 1.62 ? 82 PHE A CE2  1 
ATOM 1322 C CZ   . PHE A 1 82 ? -9.840  4.325   -9.375  1.00 1.03 ? 82 PHE A CZ   1 
ATOM 1323 H H    . PHE A 1 82 ? -11.252 4.486   -2.885  1.00 0.39 ? 82 PHE A H    1 
ATOM 1324 H HA   . PHE A 1 82 ? -11.929 6.383   -4.848  1.00 0.49 ? 82 PHE A HA   1 
ATOM 1325 H HB2  . PHE A 1 82 ? -9.670  6.002   -4.901  1.00 0.59 ? 82 PHE A HB2  1 
ATOM 1326 H HB3  . PHE A 1 82 ? -9.848  4.273   -4.594  1.00 0.46 ? 82 PHE A HB3  1 
ATOM 1327 H HD1  . PHE A 1 82 ? -10.357 6.896   -7.205  1.00 2.07 ? 82 PHE A HD1  1 
ATOM 1328 H HD2  . PHE A 1 82 ? -9.796  2.719   -6.375  1.00 2.27 ? 82 PHE A HD2  1 
ATOM 1329 H HE1  . PHE A 1 82 ? -10.135 6.443   -9.633  1.00 2.14 ? 82 PHE A HE1  1 
ATOM 1330 H HE2  . PHE A 1 82 ? -9.574  2.267   -8.803  1.00 2.49 ? 82 PHE A HE2  1 
ATOM 1331 H HZ   . PHE A 1 82 ? -9.744  4.128   -10.432 1.00 1.24 ? 82 PHE A HZ   1 
ATOM 1332 N N    . GLU A 1 83 ? -12.980 3.390   -5.556  1.00 0.41 ? 83 GLU A N    1 
ATOM 1333 C CA   . GLU A 1 83 ? -13.817 2.632   -6.530  1.00 0.49 ? 83 GLU A CA   1 
ATOM 1334 C C    . GLU A 1 83 ? -15.239 2.454   -5.983  1.00 0.54 ? 83 GLU A C    1 
ATOM 1335 O O    . GLU A 1 83 ? -16.168 2.211   -6.727  1.00 0.66 ? 83 GLU A O    1 
ATOM 1336 C CB   . GLU A 1 83 ? -13.190 1.257   -6.770  1.00 0.59 ? 83 GLU A CB   1 
ATOM 1337 C CG   . GLU A 1 83 ? -13.634 0.721   -8.134  1.00 1.27 ? 83 GLU A CG   1 
ATOM 1338 C CD   . GLU A 1 83 ? -13.306 -0.769  -8.228  1.00 1.58 ? 83 GLU A CD   1 
ATOM 1339 O OE1  . GLU A 1 83 ? -12.749 -1.295  -7.278  1.00 1.94 ? 83 GLU A OE1  1 
ATOM 1340 O OE2  . GLU A 1 83 ? -13.615 -1.361  -9.250  1.00 2.28 ? 83 GLU A OE2  1 
ATOM 1341 H H    . GLU A 1 83 ? -12.735 2.982   -4.699  1.00 0.41 ? 83 GLU A H    1 
ATOM 1342 H HA   . GLU A 1 83 ? -13.857 3.174   -7.462  1.00 0.54 ? 83 GLU A HA   1 
ATOM 1343 H HB2  . GLU A 1 83 ? -12.113 1.344   -6.751  1.00 1.01 ? 83 GLU A HB2  1 
ATOM 1344 H HB3  . GLU A 1 83 ? -13.510 0.574   -5.997  1.00 1.03 ? 83 GLU A HB3  1 
ATOM 1345 H HG2  . GLU A 1 83 ? -14.700 0.865   -8.247  1.00 1.96 ? 83 GLU A HG2  1 
ATOM 1346 H HG3  . GLU A 1 83 ? -13.114 1.253   -8.916  1.00 1.77 ? 83 GLU A HG3  1 
# 
